data_7E13
#
_entry.id   7E13
#
_cell.length_a   121.868
_cell.length_b   121.868
_cell.length_c   306.401
_cell.angle_alpha   90.000
_cell.angle_beta   90.000
_cell.angle_gamma   90.000
#
_symmetry.space_group_name_H-M   'P 41 21 2'
#
loop_
_entity.id
_entity.type
_entity.pdbx_description
1 polymer 'serine hydroxymethyltransferase'
2 non-polymer "PYRIDOXAL-5'-PHOSPHATE"
#
_entity_poly.entity_id   1
_entity_poly.type   'polypeptide(L)'
_entity_poly.pdbx_seq_one_letter_code
;MAMALALRRLSSSHRLSNRSSLKYLSSLPNPVARDIEDSRVKWTKQLNAPLEEIDPEIADIIELEKARQWKGFELIPSEN
FTSLSVMQAVGSVMTNKYSEGYPGARYYGGNEYIDMAERLCQKRALEAFNLDPSKWGVNVQSLSGSPANFQVYTALLKPH
ERIMALDLPHGGHLSHGYQTDTKKISAVSIFFETMPYRLDESTGYIDYEQMEKSAVLFRPKLIVAGASAYARVYDYARMR
KVCDKQKAILLADMAHISGLVAAGVVPSPFEYADVVTTTTHKSLRGPRGAMIFFRKGLKEINKKGEEVMYDFEDKINQAV
FPGLQGGPHNHTIAGLAVALKQATTPEYKAYQEQVLANCKRFSQSLIERGYSLVSGGTDNHLVLVNLRDKGIDGSRVEKV
MELAHIAANKNTVPGDVSAMVPGGIRMGTPALTSRGFLEEDFVKVAELFDASVKLALKIKAASSGTKLKDFVATMNGDEK
FQSEIKKIRGEVEEYAKQFPTIGFEKETMKYKN
;
_entity_poly.pdbx_strand_id   A,B,C,D
#
loop_
_chem_comp.id
_chem_comp.type
_chem_comp.name
_chem_comp.formula
PLP non-polymer PYRIDOXAL-5'-PHOSPHATE 'C8 H10 N O6 P'
#
# COMPACT_ATOMS: atom_id res chain seq x y z
N SER A 39 -51.79 23.25 -6.93
CA SER A 39 -50.91 22.73 -5.84
C SER A 39 -49.49 23.31 -5.95
N ARG A 40 -49.27 24.27 -6.85
CA ARG A 40 -48.02 25.06 -6.95
C ARG A 40 -48.05 26.16 -5.89
N VAL A 41 -49.22 26.53 -5.36
CA VAL A 41 -49.33 27.47 -4.21
C VAL A 41 -48.92 26.70 -2.94
N LYS A 42 -49.46 25.49 -2.78
CA LYS A 42 -48.86 24.44 -1.91
C LYS A 42 -47.44 24.20 -2.43
N TRP A 43 -46.54 23.71 -1.59
CA TRP A 43 -45.12 23.47 -1.95
C TRP A 43 -44.41 24.82 -1.93
N THR A 44 -44.93 25.88 -2.56
CA THR A 44 -44.34 27.24 -2.39
C THR A 44 -44.49 27.63 -0.92
N LYS A 45 -45.70 27.49 -0.37
CA LYS A 45 -45.97 27.88 1.03
C LYS A 45 -45.17 26.95 1.96
N GLN A 46 -45.08 25.66 1.61
CA GLN A 46 -44.32 24.67 2.42
C GLN A 46 -42.86 25.12 2.50
N LEU A 47 -42.33 25.75 1.45
CA LEU A 47 -40.92 26.21 1.43
C LEU A 47 -40.77 27.45 2.30
N ASN A 48 -41.78 28.30 2.43
CA ASN A 48 -41.61 29.60 3.15
C ASN A 48 -42.19 29.53 4.56
N ALA A 49 -42.85 28.42 4.92
CA ALA A 49 -43.43 28.26 6.27
C ALA A 49 -42.31 28.19 7.31
N PRO A 50 -42.47 28.82 8.49
CA PRO A 50 -41.47 28.72 9.55
C PRO A 50 -41.43 27.32 10.19
N LEU A 51 -40.43 27.09 11.04
CA LEU A 51 -40.10 25.74 11.58
C LEU A 51 -41.18 25.29 12.54
N GLU A 52 -41.66 26.20 13.39
CA GLU A 52 -42.69 25.89 14.42
C GLU A 52 -43.95 25.35 13.73
N GLU A 53 -44.19 25.75 12.47
CA GLU A 53 -45.38 25.33 11.69
C GLU A 53 -45.11 24.01 10.96
N ILE A 54 -44.00 23.91 10.22
CA ILE A 54 -43.73 22.74 9.35
C ILE A 54 -43.42 21.52 10.21
N ASP A 55 -42.54 21.69 11.21
CA ASP A 55 -42.00 20.54 11.98
C ASP A 55 -42.05 20.84 13.48
N PRO A 56 -43.24 20.73 14.12
CA PRO A 56 -43.36 20.99 15.55
C PRO A 56 -42.44 20.12 16.41
N GLU A 57 -42.19 18.89 15.99
CA GLU A 57 -41.36 17.92 16.74
C GLU A 57 -39.89 18.41 16.81
N ILE A 58 -39.33 18.85 15.69
CA ILE A 58 -37.92 19.34 15.66
C ILE A 58 -37.85 20.68 16.40
N ALA A 59 -38.83 21.56 16.19
CA ALA A 59 -38.91 22.86 16.88
C ALA A 59 -38.89 22.61 18.39
N ASP A 60 -39.60 21.57 18.83
CA ASP A 60 -39.73 21.21 20.26
C ASP A 60 -38.38 20.68 20.77
N ILE A 61 -37.72 19.83 19.99
CA ILE A 61 -36.41 19.24 20.39
C ILE A 61 -35.40 20.39 20.56
N ILE A 62 -35.44 21.36 19.66
CA ILE A 62 -34.50 22.53 19.73
C ILE A 62 -34.81 23.34 21.00
N GLU A 63 -36.09 23.55 21.32
CA GLU A 63 -36.49 24.33 22.52
C GLU A 63 -36.03 23.57 23.77
N LEU A 64 -36.15 22.24 23.78
CA LEU A 64 -35.63 21.40 24.90
C LEU A 64 -34.13 21.65 25.05
N GLU A 65 -33.37 21.61 23.95
CA GLU A 65 -31.89 21.75 23.99
C GLU A 65 -31.56 23.18 24.44
N LYS A 66 -32.34 24.19 24.06
CA LYS A 66 -32.15 25.58 24.53
C LYS A 66 -32.24 25.58 26.07
N ALA A 67 -33.27 24.94 26.61
CA ALA A 67 -33.48 24.86 28.08
C ALA A 67 -32.25 24.19 28.70
N ARG A 68 -31.75 23.12 28.08
CA ARG A 68 -30.60 22.35 28.61
C ARG A 68 -29.33 23.22 28.61
N GLN A 69 -29.12 24.01 27.57
CA GLN A 69 -27.96 24.95 27.46
C GLN A 69 -28.08 26.06 28.51
N TRP A 70 -29.29 26.35 28.95
CA TRP A 70 -29.55 27.45 29.91
C TRP A 70 -29.33 26.95 31.33
N LYS A 71 -29.82 25.74 31.66
CA LYS A 71 -29.96 25.27 33.06
C LYS A 71 -28.65 24.71 33.64
N GLY A 72 -27.61 24.46 32.84
CA GLY A 72 -26.52 23.55 33.24
C GLY A 72 -25.15 24.20 33.30
N PHE A 73 -24.24 23.54 34.02
CA PHE A 73 -22.78 23.80 33.95
C PHE A 73 -22.17 23.02 32.77
N GLU A 74 -21.76 23.71 31.72
CA GLU A 74 -21.04 23.10 30.57
C GLU A 74 -19.52 23.22 30.82
N LEU A 75 -18.90 22.10 31.16
CA LEU A 75 -17.45 22.06 31.46
C LEU A 75 -16.67 21.28 30.41
N ILE A 76 -17.31 20.63 29.45
CA ILE A 76 -16.62 19.87 28.36
C ILE A 76 -15.81 20.86 27.54
N PRO A 77 -14.46 20.81 27.58
CA PRO A 77 -13.65 21.92 27.08
C PRO A 77 -13.65 22.10 25.56
N SER A 78 -14.16 21.12 24.82
CA SER A 78 -14.31 21.22 23.34
C SER A 78 -15.60 21.96 22.98
N GLU A 79 -16.44 22.25 23.98
CA GLU A 79 -17.77 22.87 23.75
C GLU A 79 -17.70 24.38 24.00
N ASN A 80 -18.65 25.06 23.40
CA ASN A 80 -18.75 26.53 23.45
C ASN A 80 -20.16 26.91 23.01
N PHE A 81 -20.49 28.18 23.12
CA PHE A 81 -21.78 28.74 22.66
C PHE A 81 -21.45 29.67 21.52
N THR A 82 -22.01 29.38 20.35
CA THR A 82 -21.79 30.19 19.14
C THR A 82 -22.69 31.43 19.19
N SER A 83 -22.18 32.51 18.62
CA SER A 83 -22.92 33.79 18.50
C SER A 83 -24.12 33.64 17.56
N LEU A 84 -25.12 34.48 17.77
CA LEU A 84 -26.33 34.58 16.92
C LEU A 84 -25.92 35.07 15.52
N SER A 85 -24.95 35.96 15.42
CA SER A 85 -24.38 36.46 14.13
C SER A 85 -23.98 35.26 13.25
N VAL A 86 -23.13 34.37 13.77
CA VAL A 86 -22.65 33.27 12.90
C VAL A 86 -23.83 32.32 12.65
N MET A 87 -24.75 32.10 13.59
CA MET A 87 -25.89 31.17 13.36
C MET A 87 -26.76 31.72 12.22
N GLN A 88 -26.95 33.04 12.17
CA GLN A 88 -27.80 33.68 11.13
C GLN A 88 -27.11 33.55 9.78
N ALA A 89 -25.79 33.67 9.72
CA ALA A 89 -25.04 33.46 8.46
C ALA A 89 -25.10 31.97 8.07
N VAL A 90 -24.98 31.06 9.02
CA VAL A 90 -24.99 29.59 8.71
C VAL A 90 -26.40 29.21 8.24
N GLY A 91 -27.44 29.83 8.81
CA GLY A 91 -28.84 29.59 8.42
C GLY A 91 -29.31 30.45 7.25
N SER A 92 -28.39 30.95 6.42
CA SER A 92 -28.71 31.83 5.27
C SER A 92 -28.87 31.03 3.97
N VAL A 93 -29.22 31.75 2.89
CA VAL A 93 -29.45 31.13 1.54
C VAL A 93 -28.10 30.92 0.87
N MET A 94 -26.99 31.24 1.51
CA MET A 94 -25.65 30.93 0.94
C MET A 94 -25.54 29.41 0.76
N THR A 95 -26.30 28.62 1.53
CA THR A 95 -26.32 27.14 1.42
C THR A 95 -26.76 26.69 0.02
N ASN A 96 -27.38 27.57 -0.78
CA ASN A 96 -28.05 27.16 -2.04
C ASN A 96 -27.05 27.12 -3.18
N LYS A 97 -25.97 27.90 -3.10
CA LYS A 97 -25.03 28.06 -4.24
C LYS A 97 -24.01 26.92 -4.28
N TYR A 98 -23.89 26.27 -5.43
CA TYR A 98 -22.78 25.33 -5.73
C TYR A 98 -21.61 26.14 -6.29
N SER A 99 -20.41 25.91 -5.77
CA SER A 99 -19.21 26.69 -6.14
C SER A 99 -17.95 25.83 -5.99
N GLU A 100 -17.97 24.62 -6.53
CA GLU A 100 -16.75 23.79 -6.66
C GLU A 100 -15.63 24.61 -7.31
N GLY A 101 -14.42 24.47 -6.78
CA GLY A 101 -13.23 25.23 -7.19
C GLY A 101 -12.85 26.26 -6.15
N TYR A 102 -12.18 27.32 -6.58
CA TYR A 102 -11.68 28.39 -5.68
C TYR A 102 -12.06 29.73 -6.27
N PRO A 103 -12.12 30.80 -5.44
CA PRO A 103 -12.41 32.15 -5.92
C PRO A 103 -11.57 32.51 -7.15
N GLY A 104 -12.23 33.01 -8.18
CA GLY A 104 -11.60 33.36 -9.46
C GLY A 104 -11.29 32.14 -10.31
N ALA A 105 -11.53 30.93 -9.83
CA ALA A 105 -11.30 29.68 -10.59
C ALA A 105 -12.34 28.64 -10.19
N ARG A 106 -13.62 28.96 -10.39
CA ARG A 106 -14.78 28.07 -10.12
C ARG A 106 -15.15 27.32 -11.38
N TYR A 107 -15.92 26.24 -11.25
CA TYR A 107 -16.44 25.46 -12.40
C TYR A 107 -17.72 26.12 -12.91
N TYR A 108 -18.60 26.51 -11.98
CA TYR A 108 -19.92 27.10 -12.28
C TYR A 108 -19.82 28.63 -12.23
N GLY A 109 -20.67 29.30 -13.01
CA GLY A 109 -20.81 30.77 -12.99
C GLY A 109 -21.78 31.23 -11.91
N GLY A 110 -21.91 32.55 -11.74
CA GLY A 110 -22.84 33.18 -10.79
C GLY A 110 -22.33 33.11 -9.37
N ASN A 111 -21.00 33.04 -9.19
CA ASN A 111 -20.36 32.90 -7.87
C ASN A 111 -19.71 34.22 -7.43
N GLU A 112 -20.13 35.36 -7.98
CA GLU A 112 -19.44 36.65 -7.72
C GLU A 112 -19.54 36.96 -6.22
N TYR A 113 -20.69 36.75 -5.60
CA TYR A 113 -20.90 37.10 -4.17
C TYR A 113 -20.30 36.00 -3.27
N ILE A 114 -20.42 34.73 -3.66
CA ILE A 114 -19.77 33.60 -2.94
C ILE A 114 -18.25 33.82 -2.97
N ASP A 115 -17.72 34.27 -4.11
CA ASP A 115 -16.27 34.58 -4.24
C ASP A 115 -15.91 35.71 -3.27
N MET A 116 -16.78 36.71 -3.15
CA MET A 116 -16.54 37.82 -2.20
C MET A 116 -16.43 37.23 -0.80
N ALA A 117 -17.37 36.38 -0.41
CA ALA A 117 -17.44 35.82 0.97
C ALA A 117 -16.20 34.96 1.23
N GLU A 118 -15.79 34.12 0.28
CA GLU A 118 -14.64 33.20 0.51
C GLU A 118 -13.35 34.03 0.58
N ARG A 119 -13.20 35.04 -0.27
CA ARG A 119 -11.98 35.89 -0.26
C ARG A 119 -11.93 36.65 1.07
N LEU A 120 -13.07 37.14 1.54
CA LEU A 120 -13.15 37.89 2.81
C LEU A 120 -12.79 36.93 3.94
N CYS A 121 -13.25 35.69 3.87
CA CYS A 121 -13.00 34.67 4.91
C CYS A 121 -11.49 34.39 4.99
N GLN A 122 -10.84 34.19 3.84
CA GLN A 122 -9.38 33.95 3.75
C GLN A 122 -8.64 35.15 4.36
N LYS A 123 -9.01 36.36 3.93
CA LYS A 123 -8.33 37.60 4.38
C LYS A 123 -8.44 37.68 5.90
N ARG A 124 -9.65 37.50 6.44
CA ARG A 124 -9.90 37.67 7.89
C ARG A 124 -9.22 36.54 8.68
N ALA A 125 -9.14 35.33 8.12
CA ALA A 125 -8.44 34.20 8.77
C ALA A 125 -6.97 34.56 8.97
N LEU A 126 -6.28 34.94 7.89
CA LEU A 126 -4.86 35.33 7.97
C LEU A 126 -4.72 36.51 8.93
N GLU A 127 -5.68 37.44 8.95
CA GLU A 127 -5.58 38.65 9.81
C GLU A 127 -5.74 38.26 11.30
N ALA A 128 -6.68 37.38 11.61
CA ALA A 128 -7.02 37.00 13.01
C ALA A 128 -5.87 36.23 13.64
N PHE A 129 -4.96 35.66 12.86
CA PHE A 129 -3.75 34.99 13.41
C PHE A 129 -2.48 35.78 13.08
N ASN A 130 -2.61 37.06 12.72
CA ASN A 130 -1.45 37.97 12.49
C ASN A 130 -0.45 37.34 11.53
N LEU A 131 -0.88 36.93 10.35
CA LEU A 131 -0.05 36.17 9.39
C LEU A 131 0.22 37.02 8.16
N ASP A 132 1.47 37.07 7.74
CA ASP A 132 1.90 37.74 6.49
C ASP A 132 1.29 36.98 5.32
N PRO A 133 0.36 37.57 4.53
CA PRO A 133 -0.27 36.85 3.42
C PRO A 133 0.71 36.36 2.34
N SER A 134 1.95 36.85 2.32
CA SER A 134 2.95 36.40 1.33
C SER A 134 3.77 35.23 1.89
N LYS A 135 3.61 34.90 3.18
CA LYS A 135 4.31 33.76 3.82
C LYS A 135 3.33 32.67 4.26
N TRP A 136 2.06 32.99 4.44
CA TRP A 136 1.01 32.03 4.85
C TRP A 136 -0.19 32.12 3.91
N GLY A 137 -0.77 30.97 3.57
CA GLY A 137 -2.06 30.87 2.88
C GLY A 137 -3.02 30.05 3.70
N VAL A 138 -4.31 30.13 3.40
CA VAL A 138 -5.36 29.43 4.19
C VAL A 138 -6.40 28.82 3.24
N ASN A 139 -6.81 27.59 3.55
CA ASN A 139 -7.95 26.91 2.92
C ASN A 139 -9.08 26.87 3.95
N VAL A 140 -10.21 27.48 3.63
CA VAL A 140 -11.37 27.59 4.57
C VAL A 140 -12.53 26.71 4.08
N GLN A 141 -12.30 25.79 3.14
CA GLN A 141 -13.40 24.95 2.60
C GLN A 141 -13.53 23.62 3.36
N SER A 142 -12.57 23.28 4.21
N SER A 142 -12.56 23.29 4.22
CA SER A 142 -12.51 21.98 4.91
CA SER A 142 -12.52 22.00 4.94
C SER A 142 -13.74 21.86 5.83
C SER A 142 -13.76 21.89 5.83
N LEU A 143 -14.48 20.77 5.72
CA LEU A 143 -15.82 20.62 6.35
C LEU A 143 -15.72 20.46 7.87
N SER A 144 -14.66 19.82 8.39
CA SER A 144 -14.46 19.64 9.86
C SER A 144 -13.03 19.25 10.16
N GLY A 145 -12.69 19.15 11.44
CA GLY A 145 -11.30 18.94 11.91
C GLY A 145 -10.70 17.64 11.38
N SER A 146 -11.41 16.52 11.56
CA SER A 146 -10.88 15.18 11.20
C SER A 146 -10.59 15.15 9.70
N PRO A 147 -11.54 15.51 8.82
CA PRO A 147 -11.23 15.57 7.39
C PRO A 147 -10.12 16.58 7.04
N ALA A 148 -9.97 17.66 7.78
CA ALA A 148 -8.93 18.69 7.52
C ALA A 148 -7.55 18.04 7.66
N ASN A 149 -7.34 17.31 8.75
CA ASN A 149 -6.06 16.59 8.96
C ASN A 149 -5.87 15.57 7.84
N PHE A 150 -6.92 14.82 7.51
CA PHE A 150 -6.81 13.75 6.49
C PHE A 150 -6.41 14.38 5.15
N GLN A 151 -6.94 15.55 4.87
CA GLN A 151 -6.61 16.29 3.61
C GLN A 151 -5.15 16.74 3.66
N VAL A 152 -4.64 17.19 4.80
CA VAL A 152 -3.20 17.55 4.89
C VAL A 152 -2.35 16.30 4.62
N TYR A 153 -2.67 15.17 5.24
CA TYR A 153 -1.89 13.92 5.04
C TYR A 153 -1.95 13.53 3.56
N THR A 154 -3.15 13.54 2.97
CA THR A 154 -3.37 13.13 1.56
C THR A 154 -2.59 14.06 0.63
N ALA A 155 -2.51 15.35 0.95
CA ALA A 155 -1.79 16.34 0.12
C ALA A 155 -0.29 16.08 0.21
N LEU A 156 0.26 15.86 1.40
CA LEU A 156 1.72 16.00 1.62
C LEU A 156 2.41 14.65 1.75
N LEU A 157 1.67 13.55 1.94
CA LEU A 157 2.29 12.21 2.07
C LEU A 157 1.70 11.28 1.03
N LYS A 158 2.51 10.35 0.51
CA LYS A 158 2.03 9.18 -0.25
C LYS A 158 1.33 8.25 0.73
N PRO A 159 0.37 7.44 0.25
CA PRO A 159 -0.25 6.42 1.12
C PRO A 159 0.83 5.57 1.82
N HIS A 160 0.60 5.25 3.09
CA HIS A 160 1.48 4.37 3.92
C HIS A 160 2.73 5.10 4.43
N GLU A 161 2.88 6.40 4.16
CA GLU A 161 4.02 7.17 4.73
C GLU A 161 3.71 7.46 6.20
N ARG A 162 4.70 7.96 6.93
CA ARG A 162 4.73 7.78 8.40
C ARG A 162 4.37 9.09 9.09
N ILE A 163 3.53 8.96 10.12
CA ILE A 163 3.06 10.09 10.95
C ILE A 163 3.34 9.76 12.42
N MET A 164 3.85 10.75 13.15
CA MET A 164 3.91 10.65 14.62
C MET A 164 2.94 11.68 15.21
N ALA A 165 2.32 11.32 16.33
CA ALA A 165 1.30 12.16 16.98
C ALA A 165 1.21 11.79 18.46
N LEU A 166 0.65 12.68 19.28
CA LEU A 166 0.50 12.44 20.74
C LEU A 166 -0.50 11.29 20.91
N ASP A 167 -0.12 10.28 21.70
CA ASP A 167 -0.94 9.06 21.93
C ASP A 167 -2.32 9.48 22.43
N LEU A 168 -3.37 8.79 21.98
CA LEU A 168 -4.77 9.18 22.27
C LEU A 168 -5.05 9.14 23.77
N PRO A 169 -4.76 8.05 24.52
CA PRO A 169 -4.96 8.08 25.98
C PRO A 169 -4.04 9.05 26.73
N HIS A 170 -3.12 9.74 26.07
CA HIS A 170 -2.25 10.77 26.70
C HIS A 170 -2.68 12.18 26.30
N GLY A 171 -3.73 12.30 25.49
CA GLY A 171 -4.32 13.61 25.15
C GLY A 171 -4.36 13.90 23.66
N GLY A 172 -4.03 12.93 22.81
CA GLY A 172 -4.09 13.08 21.35
C GLY A 172 -5.51 12.99 20.81
N HIS A 173 -5.66 13.08 19.51
CA HIS A 173 -6.98 13.00 18.82
C HIS A 173 -6.99 11.80 17.86
N LEU A 174 -8.15 11.21 17.61
CA LEU A 174 -8.29 10.07 16.67
C LEU A 174 -7.79 10.46 15.27
N SER A 175 -7.98 11.70 14.83
CA SER A 175 -7.63 12.12 13.44
C SER A 175 -6.11 12.17 13.27
N HIS A 176 -5.33 11.90 14.32
CA HIS A 176 -3.85 11.80 14.23
C HIS A 176 -3.42 10.33 14.12
N GLY A 177 -4.36 9.41 14.17
CA GLY A 177 -4.12 7.96 14.11
C GLY A 177 -4.40 7.32 15.45
N TYR A 178 -4.91 6.08 15.44
CA TYR A 178 -5.12 5.26 16.65
C TYR A 178 -5.44 3.82 16.23
N GLN A 179 -4.67 2.88 16.78
CA GLN A 179 -4.92 1.42 16.67
C GLN A 179 -4.69 0.78 18.03
N THR A 180 -5.51 -0.21 18.38
CA THR A 180 -5.38 -1.02 19.61
C THR A 180 -4.65 -2.31 19.26
N ASP A 181 -4.51 -3.20 20.24
CA ASP A 181 -3.84 -4.53 20.09
C ASP A 181 -4.48 -5.32 18.95
N THR A 182 -5.79 -5.15 18.78
CA THR A 182 -6.62 -6.02 17.90
C THR A 182 -6.95 -5.33 16.56
N LYS A 183 -7.25 -4.02 16.59
CA LYS A 183 -8.00 -3.32 15.52
C LYS A 183 -7.35 -1.98 15.19
N LYS A 184 -7.57 -1.49 13.96
CA LYS A 184 -7.24 -0.11 13.55
C LYS A 184 -8.48 0.75 13.78
N ILE A 185 -8.39 1.78 14.60
CA ILE A 185 -9.60 2.58 14.99
C ILE A 185 -9.82 3.69 13.96
N SER A 186 -8.87 4.59 13.85
CA SER A 186 -8.92 5.72 12.89
C SER A 186 -8.48 5.22 11.53
N ALA A 187 -9.14 5.68 10.48
CA ALA A 187 -8.76 5.40 9.08
C ALA A 187 -7.42 6.06 8.76
N VAL A 188 -6.97 7.07 9.52
CA VAL A 188 -5.60 7.61 9.34
C VAL A 188 -4.59 6.46 9.50
N SER A 189 -4.82 5.56 10.44
CA SER A 189 -3.95 4.39 10.70
C SER A 189 -4.13 3.33 9.61
N ILE A 190 -5.24 3.35 8.89
CA ILE A 190 -5.47 2.43 7.73
C ILE A 190 -4.66 2.90 6.52
N PHE A 191 -4.71 4.18 6.18
CA PHE A 191 -4.15 4.72 4.91
C PHE A 191 -2.73 5.23 5.12
N PHE A 192 -2.33 5.49 6.35
CA PHE A 192 -0.95 5.92 6.69
C PHE A 192 -0.42 5.08 7.85
N GLU A 193 0.90 5.10 8.02
CA GLU A 193 1.57 4.36 9.12
C GLU A 193 1.78 5.34 10.27
N THR A 194 1.16 5.06 11.41
CA THR A 194 1.13 5.97 12.58
C THR A 194 1.85 5.34 13.77
N MET A 195 2.65 6.12 14.47
CA MET A 195 3.24 5.72 15.76
C MET A 195 3.06 6.88 16.73
N PRO A 196 2.64 6.60 17.98
CA PRO A 196 2.48 7.64 18.99
C PRO A 196 3.76 8.05 19.73
N TYR A 197 3.76 9.26 20.25
CA TYR A 197 4.68 9.71 21.33
C TYR A 197 3.86 9.95 22.60
N ARG A 198 4.47 9.73 23.77
CA ARG A 198 3.74 9.70 25.06
C ARG A 198 4.17 10.85 25.96
N LEU A 199 3.34 11.17 26.95
CA LEU A 199 3.70 12.00 28.12
C LEU A 199 4.72 11.26 28.98
N ASP A 200 5.50 11.99 29.77
CA ASP A 200 6.20 11.48 30.96
C ASP A 200 5.14 11.21 32.04
N GLU A 201 4.96 9.95 32.42
CA GLU A 201 3.82 9.53 33.28
C GLU A 201 3.91 10.17 34.66
N SER A 202 5.04 10.69 35.10
CA SER A 202 5.17 11.33 36.44
C SER A 202 4.93 12.84 36.32
N THR A 203 5.45 13.48 35.28
CA THR A 203 5.44 14.96 35.15
C THR A 203 4.18 15.46 34.48
N GLY A 204 3.59 14.69 33.55
CA GLY A 204 2.37 15.09 32.83
C GLY A 204 2.65 16.05 31.68
N TYR A 205 3.92 16.30 31.37
CA TYR A 205 4.34 17.01 30.13
C TYR A 205 4.70 15.99 29.07
N ILE A 206 4.68 16.41 27.82
CA ILE A 206 5.14 15.58 26.68
C ILE A 206 6.61 15.25 26.90
N ASP A 207 6.96 13.98 26.73
CA ASP A 207 8.37 13.51 26.80
C ASP A 207 9.02 13.77 25.44
N TYR A 208 9.66 14.92 25.30
CA TYR A 208 10.25 15.39 24.02
C TYR A 208 11.52 14.59 23.71
N GLU A 209 12.30 14.21 24.73
CA GLU A 209 13.47 13.30 24.58
C GLU A 209 13.03 12.00 23.89
N GLN A 210 12.01 11.37 24.43
CA GLN A 210 11.55 10.03 23.96
C GLN A 210 10.97 10.19 22.56
N MET A 211 10.37 11.34 22.26
CA MET A 211 9.82 11.64 20.92
C MET A 211 10.99 11.73 19.93
N GLU A 212 12.07 12.42 20.28
CA GLU A 212 13.24 12.60 19.40
C GLU A 212 13.88 11.23 19.11
N LYS A 213 14.02 10.39 20.14
CA LYS A 213 14.60 9.04 20.04
C LYS A 213 13.72 8.20 19.09
N SER A 214 12.43 8.09 19.41
CA SER A 214 11.42 7.40 18.58
C SER A 214 11.49 7.89 17.13
N ALA A 215 11.69 9.19 16.92
CA ALA A 215 11.69 9.80 15.56
C ALA A 215 12.91 9.31 14.80
N VAL A 216 14.06 9.18 15.46
CA VAL A 216 15.29 8.70 14.76
C VAL A 216 15.00 7.31 14.22
N LEU A 217 14.32 6.48 15.01
CA LEU A 217 14.13 5.05 14.65
C LEU A 217 13.02 4.95 13.60
N PHE A 218 11.93 5.69 13.75
CA PHE A 218 10.67 5.49 12.99
C PHE A 218 10.67 6.33 11.70
N ARG A 219 11.47 7.38 11.62
CA ARG A 219 11.70 8.15 10.37
C ARG A 219 10.38 8.73 9.87
N PRO A 220 9.64 9.52 10.68
CA PRO A 220 8.35 10.04 10.26
C PRO A 220 8.50 11.11 9.17
N LYS A 221 7.54 11.19 8.26
CA LYS A 221 7.49 12.23 7.21
C LYS A 221 6.78 13.46 7.77
N LEU A 222 5.91 13.29 8.76
CA LEU A 222 5.12 14.37 9.38
C LEU A 222 4.99 14.09 10.88
N ILE A 223 5.06 15.13 11.69
CA ILE A 223 4.85 15.07 13.16
C ILE A 223 3.76 16.06 13.54
N VAL A 224 2.83 15.61 14.37
CA VAL A 224 1.66 16.43 14.78
C VAL A 224 1.92 16.98 16.18
N ALA A 225 1.96 18.31 16.30
CA ALA A 225 1.95 19.04 17.59
C ALA A 225 0.52 19.51 17.83
N GLY A 226 -0.25 18.75 18.59
CA GLY A 226 -1.67 19.01 18.75
C GLY A 226 -2.35 18.00 19.63
N ALA A 227 -3.27 18.45 20.47
CA ALA A 227 -3.82 17.70 21.62
C ALA A 227 -5.24 18.12 21.90
N SER A 228 -6.01 17.23 22.53
N SER A 228 -6.04 17.21 22.44
CA SER A 228 -7.43 17.41 22.94
CA SER A 228 -7.37 17.51 23.01
C SER A 228 -7.63 17.36 24.46
C SER A 228 -7.21 17.69 24.53
N ALA A 229 -6.84 16.63 25.24
CA ALA A 229 -6.88 16.60 26.72
C ALA A 229 -5.46 16.76 27.31
N TYR A 230 -4.81 17.85 26.95
CA TYR A 230 -3.43 18.21 27.39
C TYR A 230 -3.49 19.64 27.92
N ALA A 231 -3.05 19.81 29.16
CA ALA A 231 -3.28 21.05 29.93
C ALA A 231 -2.13 22.03 29.68
N ARG A 232 -1.10 21.68 28.90
CA ARG A 232 0.07 22.59 28.72
C ARG A 232 0.18 23.05 27.28
N VAL A 233 0.96 24.09 27.06
CA VAL A 233 1.29 24.56 25.70
C VAL A 233 2.43 23.69 25.19
N TYR A 234 2.43 23.43 23.90
CA TYR A 234 3.49 22.67 23.20
C TYR A 234 4.76 23.51 23.19
N ASP A 235 5.90 22.81 23.24
CA ASP A 235 7.25 23.35 23.01
C ASP A 235 7.49 23.29 21.50
N TYR A 236 6.82 24.18 20.78
CA TYR A 236 6.82 24.21 19.28
C TYR A 236 8.27 24.34 18.80
N ALA A 237 9.12 25.06 19.54
CA ALA A 237 10.52 25.31 19.14
C ALA A 237 11.28 23.99 19.14
N ARG A 238 11.08 23.17 20.17
CA ARG A 238 11.72 21.84 20.31
C ARG A 238 11.25 20.93 19.17
N MET A 239 9.97 21.00 18.82
CA MET A 239 9.44 20.13 17.75
C MET A 239 9.91 20.62 16.40
N ARG A 240 10.11 21.92 16.23
CA ARG A 240 10.78 22.48 15.03
C ARG A 240 12.16 21.85 14.91
N LYS A 241 12.90 21.81 16.01
CA LYS A 241 14.28 21.27 16.02
C LYS A 241 14.23 19.80 15.59
N VAL A 242 13.33 19.02 16.19
CA VAL A 242 13.20 17.57 15.87
C VAL A 242 12.85 17.41 14.38
N CYS A 243 11.90 18.19 13.88
CA CYS A 243 11.40 18.05 12.49
C CYS A 243 12.49 18.46 11.51
N ASP A 244 13.23 19.52 11.79
CA ASP A 244 14.37 19.95 10.94
C ASP A 244 15.43 18.84 10.89
N LYS A 245 15.66 18.15 12.02
CA LYS A 245 16.65 17.05 12.11
C LYS A 245 16.17 15.86 11.26
N GLN A 246 14.89 15.49 11.37
CA GLN A 246 14.31 14.30 10.70
C GLN A 246 13.83 14.65 9.29
N LYS A 247 14.05 15.87 8.80
CA LYS A 247 13.51 16.33 7.49
C LYS A 247 12.01 16.04 7.43
N ALA A 248 11.28 16.45 8.48
CA ALA A 248 9.84 16.12 8.67
C ALA A 248 9.00 17.39 8.64
N ILE A 249 7.72 17.24 8.31
CA ILE A 249 6.73 18.35 8.27
C ILE A 249 6.17 18.55 9.68
N LEU A 250 6.16 19.80 10.14
CA LEU A 250 5.55 20.15 11.45
C LEU A 250 4.11 20.60 11.17
N LEU A 251 3.16 19.74 11.54
CA LEU A 251 1.75 20.13 11.53
C LEU A 251 1.34 20.45 12.98
N ALA A 252 0.90 21.68 13.22
CA ALA A 252 0.21 22.05 14.47
C ALA A 252 -1.28 21.77 14.30
N ASP A 253 -1.92 21.13 15.26
CA ASP A 253 -3.39 21.00 15.30
C ASP A 253 -3.86 21.80 16.50
N MET A 254 -4.23 23.06 16.28
CA MET A 254 -4.56 24.01 17.36
C MET A 254 -6.08 24.04 17.59
N ALA A 255 -6.78 22.95 17.31
CA ALA A 255 -8.26 22.89 17.43
C ALA A 255 -8.69 23.45 18.79
N HIS A 256 -8.03 23.03 19.85
CA HIS A 256 -8.46 23.33 21.24
C HIS A 256 -8.06 24.74 21.67
N ILE A 257 -7.14 25.40 20.98
CA ILE A 257 -6.49 26.62 21.53
C ILE A 257 -6.52 27.74 20.49
N SER A 258 -7.22 27.55 19.36
CA SER A 258 -7.18 28.50 18.22
C SER A 258 -7.64 29.87 18.69
N GLY A 259 -8.76 29.94 19.43
CA GLY A 259 -9.22 31.18 20.08
C GLY A 259 -8.10 31.83 20.89
N LEU A 260 -7.47 31.06 21.76
CA LEU A 260 -6.39 31.57 22.65
C LEU A 260 -5.27 32.12 21.74
N VAL A 261 -5.01 31.46 20.62
CA VAL A 261 -3.89 31.91 19.73
C VAL A 261 -4.32 33.19 19.02
N ALA A 262 -5.59 33.28 18.64
CA ALA A 262 -6.15 34.44 17.91
C ALA A 262 -6.08 35.70 18.79
N ALA A 263 -6.40 35.57 20.07
CA ALA A 263 -6.32 36.70 21.03
C ALA A 263 -4.85 36.94 21.46
N GLY A 264 -3.91 36.09 21.04
CA GLY A 264 -2.48 36.26 21.34
C GLY A 264 -2.12 36.05 22.81
N VAL A 265 -2.93 35.31 23.57
CA VAL A 265 -2.74 35.12 25.04
C VAL A 265 -1.96 33.82 25.31
N VAL A 266 -1.57 33.09 24.26
CA VAL A 266 -0.65 31.93 24.36
C VAL A 266 0.27 31.96 23.15
N PRO A 267 1.48 31.38 23.21
CA PRO A 267 2.37 31.37 22.06
C PRO A 267 1.71 30.73 20.84
N SER A 268 1.93 31.37 19.70
CA SER A 268 1.28 31.05 18.41
C SER A 268 2.06 29.93 17.77
N PRO A 269 1.43 28.78 17.45
CA PRO A 269 2.12 27.71 16.73
C PRO A 269 2.68 28.15 15.39
N PHE A 270 2.16 29.24 14.81
CA PHE A 270 2.58 29.71 13.46
C PHE A 270 4.03 30.17 13.49
N GLU A 271 4.56 30.47 14.68
CA GLU A 271 6.00 30.84 14.85
C GLU A 271 6.89 29.71 14.32
N TYR A 272 6.39 28.47 14.25
CA TYR A 272 7.26 27.29 14.01
C TYR A 272 6.67 26.27 13.02
N ALA A 273 5.34 26.18 12.90
CA ALA A 273 4.70 25.08 12.14
C ALA A 273 4.85 25.32 10.63
N ASP A 274 4.90 24.23 9.86
CA ASP A 274 4.83 24.26 8.38
C ASP A 274 3.37 24.38 7.95
N VAL A 275 2.49 23.70 8.67
CA VAL A 275 1.04 23.65 8.37
C VAL A 275 0.33 23.75 9.72
N VAL A 276 -0.76 24.50 9.79
CA VAL A 276 -1.61 24.52 11.00
C VAL A 276 -3.02 24.13 10.58
N THR A 277 -3.64 23.20 11.29
CA THR A 277 -5.07 22.90 11.10
C THR A 277 -5.81 23.31 12.36
N THR A 278 -7.10 23.52 12.23
CA THR A 278 -7.94 23.82 13.39
C THR A 278 -9.37 23.53 12.98
N THR A 279 -10.18 23.23 13.98
CA THR A 279 -11.64 23.37 13.87
C THR A 279 -11.93 24.87 13.88
N THR A 280 -13.14 25.24 13.51
CA THR A 280 -13.63 26.62 13.64
C THR A 280 -14.54 26.74 14.86
N HIS A 281 -14.80 25.65 15.59
CA HIS A 281 -15.97 25.57 16.49
C HIS A 281 -15.62 25.19 17.91
N LYS A 282 -14.39 25.38 18.37
CA LYS A 282 -14.14 25.08 19.80
C LYS A 282 -13.77 26.36 20.51
N SER A 283 -12.51 26.49 20.89
CA SER A 283 -11.96 27.70 21.52
C SER A 283 -12.23 28.90 20.61
N LEU A 284 -12.31 28.72 19.29
CA LEU A 284 -12.46 29.86 18.34
C LEU A 284 -13.90 30.37 18.34
N ARG A 285 -14.86 29.49 18.61
CA ARG A 285 -16.27 29.87 18.91
C ARG A 285 -17.05 30.17 17.64
N GLY A 286 -16.56 29.77 16.44
CA GLY A 286 -17.26 29.96 15.17
C GLY A 286 -18.19 28.78 14.89
N PRO A 287 -18.54 28.54 13.60
CA PRO A 287 -19.45 27.46 13.26
C PRO A 287 -18.66 26.16 13.17
N ARG A 288 -19.34 25.03 12.98
CA ARG A 288 -18.65 23.73 12.82
C ARG A 288 -18.07 23.66 11.41
N GLY A 289 -16.74 23.69 11.33
CA GLY A 289 -15.93 23.71 10.11
C GLY A 289 -14.47 23.57 10.47
N ALA A 290 -13.57 23.91 9.57
CA ALA A 290 -12.13 23.77 9.80
C ALA A 290 -11.36 24.71 8.88
N MET A 291 -10.13 24.98 9.26
CA MET A 291 -9.21 25.73 8.38
C MET A 291 -7.86 25.01 8.32
N ILE A 292 -7.22 25.10 7.17
CA ILE A 292 -5.84 24.63 6.94
C ILE A 292 -5.01 25.84 6.54
N PHE A 293 -4.06 26.25 7.38
CA PHE A 293 -3.02 27.25 7.05
C PHE A 293 -1.74 26.54 6.63
N PHE A 294 -0.99 27.13 5.72
CA PHE A 294 0.26 26.54 5.20
C PHE A 294 1.23 27.64 4.80
N ARG A 295 2.51 27.32 4.87
CA ARG A 295 3.58 28.22 4.41
C ARG A 295 3.48 28.33 2.90
N LYS A 296 3.80 29.52 2.37
CA LYS A 296 3.91 29.71 0.90
C LYS A 296 5.02 30.73 0.62
N GLY A 297 5.54 30.69 -0.60
CA GLY A 297 6.63 31.59 -1.04
C GLY A 297 7.97 31.00 -0.72
N LEU A 298 8.97 31.84 -0.48
CA LEU A 298 10.39 31.42 -0.34
C LEU A 298 10.56 30.65 0.96
N LYS A 299 11.22 29.49 0.91
CA LYS A 299 11.50 28.65 2.11
C LYS A 299 12.89 28.98 2.65
N GLU A 300 13.87 29.12 1.75
CA GLU A 300 15.29 29.35 2.10
C GLU A 300 16.10 29.38 0.80
N ILE A 301 17.38 29.76 0.88
CA ILE A 301 18.33 29.60 -0.26
C ILE A 301 19.18 28.35 0.00
N ASN A 302 19.20 27.43 -0.96
CA ASN A 302 19.70 26.04 -0.79
C ASN A 302 21.23 26.03 -0.62
N LYS A 303 21.82 27.21 -0.40
CA LYS A 303 23.27 27.44 -0.18
C LYS A 303 24.10 26.97 -1.39
N LYS A 304 23.45 26.57 -2.49
CA LYS A 304 24.08 26.28 -3.80
C LYS A 304 23.78 27.43 -4.76
N GLY A 305 23.05 28.45 -4.31
CA GLY A 305 22.67 29.62 -5.13
C GLY A 305 21.17 29.73 -5.33
N GLU A 306 20.45 28.60 -5.37
CA GLU A 306 19.04 28.55 -5.88
C GLU A 306 18.05 28.98 -4.77
N GLU A 307 16.93 29.55 -5.18
CA GLU A 307 15.75 29.79 -4.31
C GLU A 307 14.91 28.52 -4.29
N VAL A 308 14.64 27.97 -3.11
CA VAL A 308 13.69 26.83 -2.97
C VAL A 308 12.39 27.37 -2.37
N MET A 309 11.28 27.01 -3.00
CA MET A 309 9.94 27.53 -2.66
C MET A 309 9.19 26.50 -1.81
N TYR A 310 8.42 26.96 -0.83
CA TYR A 310 7.46 26.12 -0.09
C TYR A 310 6.50 25.45 -1.08
N ASP A 311 6.06 24.25 -0.75
CA ASP A 311 5.37 23.32 -1.69
C ASP A 311 4.13 22.76 -1.01
N PHE A 312 3.37 23.58 -0.29
CA PHE A 312 2.17 23.10 0.45
C PHE A 312 0.86 23.55 -0.22
N GLU A 313 0.79 24.80 -0.68
CA GLU A 313 -0.47 25.45 -1.12
C GLU A 313 -1.18 24.62 -2.19
N ASP A 314 -0.54 24.36 -3.33
CA ASP A 314 -1.21 23.66 -4.46
C ASP A 314 -1.65 22.28 -4.01
N LYS A 315 -0.80 21.56 -3.27
CA LYS A 315 -1.09 20.17 -2.84
C LYS A 315 -2.32 20.16 -1.93
N ILE A 316 -2.36 21.05 -0.94
CA ILE A 316 -3.45 21.07 0.07
C ILE A 316 -4.73 21.49 -0.63
N ASN A 317 -4.68 22.56 -1.41
CA ASN A 317 -5.88 23.08 -2.12
C ASN A 317 -6.44 21.98 -3.03
N GLN A 318 -5.59 21.18 -3.66
CA GLN A 318 -6.07 20.12 -4.60
C GLN A 318 -6.55 18.91 -3.80
N ALA A 319 -5.94 18.59 -2.66
CA ALA A 319 -6.38 17.46 -1.82
C ALA A 319 -7.77 17.76 -1.30
N VAL A 320 -8.06 19.03 -0.99
CA VAL A 320 -9.40 19.42 -0.46
C VAL A 320 -10.41 19.30 -1.62
N PHE A 321 -10.14 19.95 -2.74
CA PHE A 321 -10.93 19.85 -3.99
C PHE A 321 -9.99 19.94 -5.17
N PRO A 322 -10.06 19.05 -6.19
CA PRO A 322 -11.09 18.01 -6.30
C PRO A 322 -10.85 16.70 -5.55
N GLY A 323 -9.79 16.63 -4.75
CA GLY A 323 -9.31 15.40 -4.09
C GLY A 323 -10.37 14.70 -3.26
N LEU A 324 -10.82 15.29 -2.15
CA LEU A 324 -11.65 14.58 -1.16
C LEU A 324 -13.01 15.25 -0.92
N GLN A 325 -13.19 16.50 -1.32
CA GLN A 325 -14.47 17.21 -1.14
C GLN A 325 -15.03 17.63 -2.49
N GLY A 326 -16.32 17.96 -2.48
CA GLY A 326 -17.01 18.52 -3.64
C GLY A 326 -17.20 20.02 -3.50
N GLY A 327 -18.45 20.45 -3.43
CA GLY A 327 -18.79 21.88 -3.33
C GLY A 327 -18.58 22.37 -1.92
N PRO A 328 -18.05 23.59 -1.74
CA PRO A 328 -17.90 24.14 -0.40
C PRO A 328 -19.26 24.43 0.22
N HIS A 329 -19.31 24.44 1.54
CA HIS A 329 -20.49 24.86 2.33
C HIS A 329 -20.42 26.36 2.58
N ASN A 330 -20.94 27.15 1.63
CA ASN A 330 -20.78 28.63 1.63
C ASN A 330 -21.49 29.23 2.85
N HIS A 331 -22.54 28.59 3.32
CA HIS A 331 -23.23 29.08 4.55
C HIS A 331 -22.27 29.01 5.74
N THR A 332 -21.59 27.88 5.92
CA THR A 332 -20.55 27.72 6.96
C THR A 332 -19.38 28.69 6.71
N ILE A 333 -19.04 28.98 5.46
CA ILE A 333 -17.89 29.90 5.18
C ILE A 333 -18.28 31.32 5.60
N ALA A 334 -19.52 31.74 5.32
CA ALA A 334 -20.07 33.04 5.76
C ALA A 334 -20.00 33.11 7.30
N GLY A 335 -20.52 32.09 7.97
CA GLY A 335 -20.49 32.00 9.44
C GLY A 335 -19.06 32.14 9.95
N LEU A 336 -18.12 31.45 9.32
CA LEU A 336 -16.71 31.48 9.73
C LEU A 336 -16.16 32.90 9.54
N ALA A 337 -16.57 33.60 8.48
CA ALA A 337 -16.11 34.98 8.20
C ALA A 337 -16.55 35.87 9.36
N VAL A 338 -17.77 35.68 9.86
CA VAL A 338 -18.32 36.49 10.98
C VAL A 338 -17.53 36.14 12.25
N ALA A 339 -17.30 34.85 12.50
CA ALA A 339 -16.53 34.38 13.67
C ALA A 339 -15.14 35.02 13.65
N LEU A 340 -14.50 35.08 12.48
CA LEU A 340 -13.11 35.59 12.36
C LEU A 340 -13.09 37.09 12.57
N LYS A 341 -14.13 37.80 12.15
CA LYS A 341 -14.23 39.26 12.42
C LYS A 341 -14.36 39.45 13.93
N GLN A 342 -15.18 38.65 14.61
CA GLN A 342 -15.33 38.76 16.09
C GLN A 342 -13.99 38.50 16.76
N ALA A 343 -13.20 37.56 16.23
CA ALA A 343 -11.92 37.12 16.84
C ALA A 343 -10.87 38.25 16.86
N THR A 344 -11.10 39.34 16.13
CA THR A 344 -10.10 40.45 16.05
C THR A 344 -10.49 41.60 16.98
N THR A 345 -11.61 41.50 17.71
CA THR A 345 -12.12 42.62 18.54
C THR A 345 -11.51 42.52 19.94
N PRO A 346 -11.39 43.68 20.64
CA PRO A 346 -10.90 43.71 22.01
C PRO A 346 -11.72 42.90 23.01
N GLU A 347 -13.03 42.86 22.88
CA GLU A 347 -13.91 42.09 23.79
C GLU A 347 -13.61 40.60 23.57
N TYR A 348 -13.22 40.17 22.37
CA TYR A 348 -12.81 38.77 22.13
C TYR A 348 -11.52 38.46 22.91
N LYS A 349 -10.53 39.36 22.84
CA LYS A 349 -9.25 39.21 23.56
C LYS A 349 -9.53 39.15 25.07
N ALA A 350 -10.41 40.01 25.57
CA ALA A 350 -10.84 40.03 26.98
C ALA A 350 -11.37 38.65 27.33
N TYR A 351 -12.25 38.11 26.51
CA TYR A 351 -12.91 36.81 26.77
C TYR A 351 -11.85 35.71 26.86
N GLN A 352 -10.85 35.70 25.99
CA GLN A 352 -9.85 34.60 25.98
C GLN A 352 -8.92 34.75 27.21
N GLU A 353 -8.53 35.98 27.57
CA GLU A 353 -7.80 36.29 28.82
C GLU A 353 -8.63 35.76 30.01
N GLN A 354 -9.93 35.94 29.92
CA GLN A 354 -10.86 35.46 30.97
C GLN A 354 -10.85 33.94 31.03
N VAL A 355 -10.86 33.28 29.87
CA VAL A 355 -10.85 31.79 29.81
C VAL A 355 -9.60 31.31 30.55
N LEU A 356 -8.46 31.96 30.31
CA LEU A 356 -7.17 31.58 30.94
C LEU A 356 -7.25 31.80 32.45
N ALA A 357 -7.71 32.98 32.89
CA ALA A 357 -7.73 33.36 34.33
C ALA A 357 -8.70 32.45 35.05
N ASN A 358 -9.86 32.20 34.46
CA ASN A 358 -10.90 31.32 35.05
C ASN A 358 -10.28 29.93 35.24
N CYS A 359 -9.49 29.47 34.28
CA CYS A 359 -8.90 28.12 34.37
C CYS A 359 -7.84 28.08 35.46
N LYS A 360 -7.00 29.12 35.58
CA LYS A 360 -5.97 29.21 36.67
C LYS A 360 -6.70 29.11 38.00
N ARG A 361 -7.79 29.86 38.19
CA ARG A 361 -8.50 29.94 39.49
C ARG A 361 -9.20 28.62 39.75
N PHE A 362 -9.75 27.99 38.72
CA PHE A 362 -10.43 26.67 38.81
C PHE A 362 -9.41 25.63 39.28
N SER A 363 -8.20 25.65 38.70
CA SER A 363 -7.13 24.68 39.04
C SER A 363 -6.68 24.94 40.49
N GLN A 364 -6.53 26.20 40.88
CA GLN A 364 -6.13 26.57 42.26
C GLN A 364 -7.19 26.03 43.22
N SER A 365 -8.48 26.24 42.93
CA SER A 365 -9.59 25.78 43.82
C SER A 365 -9.53 24.25 43.94
N LEU A 366 -9.35 23.58 42.80
CA LEU A 366 -9.30 22.08 42.78
C LEU A 366 -8.11 21.62 43.64
N ILE A 367 -6.95 22.28 43.55
CA ILE A 367 -5.74 21.87 44.33
C ILE A 367 -5.94 22.16 45.82
N GLU A 368 -6.58 23.28 46.17
CA GLU A 368 -6.79 23.65 47.59
C GLU A 368 -7.83 22.71 48.22
N ARG A 369 -8.65 22.06 47.39
CA ARG A 369 -9.67 21.08 47.86
C ARG A 369 -9.10 19.66 47.82
N GLY A 370 -7.82 19.49 47.43
CA GLY A 370 -7.08 18.22 47.54
C GLY A 370 -7.15 17.35 46.30
N TYR A 371 -7.48 17.86 45.12
CA TYR A 371 -7.56 17.07 43.88
C TYR A 371 -6.20 17.04 43.22
N SER A 372 -5.96 15.97 42.46
CA SER A 372 -4.67 15.78 41.72
C SER A 372 -4.89 16.19 40.26
N LEU A 373 -4.17 17.20 39.78
CA LEU A 373 -4.27 17.61 38.37
C LEU A 373 -3.07 17.03 37.62
N VAL A 374 -3.32 16.36 36.51
CA VAL A 374 -2.23 15.86 35.62
C VAL A 374 -1.38 17.05 35.17
N SER A 375 -0.11 17.02 35.53
CA SER A 375 0.93 18.07 35.28
C SER A 375 0.95 19.09 36.41
N GLY A 376 0.05 18.99 37.39
CA GLY A 376 0.05 19.89 38.57
C GLY A 376 -0.54 21.25 38.29
N GLY A 377 -1.20 21.46 37.15
CA GLY A 377 -1.86 22.74 36.81
C GLY A 377 -2.23 22.84 35.35
N THR A 378 -2.25 24.05 34.81
CA THR A 378 -2.67 24.31 33.40
C THR A 378 -1.98 25.55 32.85
N ASP A 379 -1.83 25.59 31.53
CA ASP A 379 -1.36 26.74 30.75
C ASP A 379 -2.51 27.28 29.90
N ASN A 380 -3.66 26.59 29.90
CA ASN A 380 -4.71 26.88 28.90
C ASN A 380 -6.10 26.81 29.54
N HIS A 381 -7.05 26.25 28.79
CA HIS A 381 -8.50 26.36 29.01
C HIS A 381 -9.05 25.13 29.75
N LEU A 382 -8.22 24.10 30.00
CA LEU A 382 -8.75 22.89 30.66
C LEU A 382 -7.83 22.43 31.80
N VAL A 383 -8.39 21.53 32.62
CA VAL A 383 -7.65 20.72 33.61
C VAL A 383 -8.07 19.26 33.42
N LEU A 384 -7.15 18.34 33.64
CA LEU A 384 -7.40 16.89 33.69
C LEU A 384 -7.22 16.46 35.15
N VAL A 385 -8.32 16.21 35.85
CA VAL A 385 -8.26 15.83 37.29
C VAL A 385 -8.06 14.32 37.35
N ASN A 386 -7.05 13.88 38.12
CA ASN A 386 -6.71 12.44 38.32
C ASN A 386 -7.47 11.98 39.55
N LEU A 387 -8.66 11.41 39.34
CA LEU A 387 -9.56 11.06 40.45
C LEU A 387 -9.05 9.84 41.21
N ARG A 388 -8.08 9.09 40.70
CA ARG A 388 -7.60 7.86 41.38
C ARG A 388 -7.02 8.21 42.75
N ASP A 389 -6.38 9.38 42.90
CA ASP A 389 -5.82 9.83 44.20
C ASP A 389 -6.92 10.04 45.25
N LYS A 390 -8.18 10.24 44.85
CA LYS A 390 -9.32 10.36 45.79
C LYS A 390 -10.04 9.03 45.95
N GLY A 391 -9.52 7.96 45.36
CA GLY A 391 -10.02 6.58 45.56
C GLY A 391 -11.27 6.27 44.76
N ILE A 392 -11.44 6.92 43.61
CA ILE A 392 -12.58 6.69 42.68
C ILE A 392 -12.06 6.83 41.24
N ASP A 393 -12.92 6.61 40.23
CA ASP A 393 -12.55 6.68 38.80
C ASP A 393 -13.38 7.77 38.11
N GLY A 394 -13.27 7.85 36.79
CA GLY A 394 -13.90 8.91 35.97
C GLY A 394 -15.34 8.59 35.64
N SER A 395 -15.67 7.31 35.47
CA SER A 395 -17.01 6.83 35.07
C SER A 395 -18.04 7.19 36.15
N ARG A 396 -17.74 6.84 37.40
CA ARG A 396 -18.68 7.02 38.54
C ARG A 396 -18.87 8.52 38.76
N VAL A 397 -17.78 9.28 38.73
CA VAL A 397 -17.88 10.75 38.98
C VAL A 397 -18.69 11.38 37.84
N GLU A 398 -18.45 10.95 36.58
CA GLU A 398 -19.13 11.53 35.39
C GLU A 398 -20.63 11.25 35.50
N LYS A 399 -21.03 10.03 35.89
CA LYS A 399 -22.45 9.65 36.01
C LYS A 399 -23.11 10.60 37.00
N VAL A 400 -22.50 10.77 38.19
CA VAL A 400 -23.13 11.57 39.25
C VAL A 400 -23.18 13.02 38.78
N MET A 401 -22.11 13.52 38.16
CA MET A 401 -22.06 14.94 37.69
C MET A 401 -23.18 15.16 36.67
N GLU A 402 -23.38 14.21 35.74
CA GLU A 402 -24.39 14.35 34.67
C GLU A 402 -25.79 14.39 35.29
N LEU A 403 -26.12 13.49 36.21
CA LEU A 403 -27.45 13.52 36.88
C LEU A 403 -27.60 14.84 37.65
N ALA A 404 -26.55 15.62 37.86
CA ALA A 404 -26.67 16.94 38.52
C ALA A 404 -26.54 18.08 37.51
N HIS A 405 -26.55 17.78 36.20
CA HIS A 405 -26.42 18.78 35.10
C HIS A 405 -25.08 19.52 35.22
N ILE A 406 -24.02 18.79 35.53
CA ILE A 406 -22.63 19.28 35.32
C ILE A 406 -22.00 18.42 34.23
N ALA A 407 -21.90 18.94 33.02
CA ALA A 407 -21.30 18.23 31.86
C ALA A 407 -19.78 18.27 32.01
N ALA A 408 -19.18 17.10 32.23
CA ALA A 408 -17.73 16.88 32.08
C ALA A 408 -17.56 15.63 31.21
N ASN A 409 -16.38 15.04 31.16
CA ASN A 409 -16.26 13.72 30.49
C ASN A 409 -15.14 12.93 31.15
N LYS A 410 -15.39 11.65 31.37
CA LYS A 410 -14.35 10.70 31.82
C LYS A 410 -13.17 10.80 30.85
N ASN A 411 -11.98 10.60 31.37
CA ASN A 411 -10.74 10.80 30.58
C ASN A 411 -9.66 9.88 31.14
N THR A 412 -8.92 9.22 30.25
CA THR A 412 -7.72 8.47 30.65
C THR A 412 -6.74 9.45 31.27
N VAL A 413 -6.25 9.15 32.47
CA VAL A 413 -5.05 9.84 33.02
C VAL A 413 -3.87 8.92 32.78
N PRO A 414 -2.66 9.48 32.58
CA PRO A 414 -1.47 8.64 32.46
C PRO A 414 -1.32 7.79 33.73
N GLY A 415 -1.06 6.50 33.55
CA GLY A 415 -0.87 5.54 34.66
C GLY A 415 -2.07 4.62 34.82
N ASP A 416 -3.16 4.88 34.11
CA ASP A 416 -4.37 4.03 34.08
C ASP A 416 -3.97 2.59 33.75
N VAL A 417 -4.58 1.62 34.42
CA VAL A 417 -4.46 0.17 34.09
C VAL A 417 -5.39 -0.10 32.88
N SER A 418 -4.95 0.23 31.67
CA SER A 418 -5.76 0.28 30.42
C SER A 418 -6.79 1.42 30.49
N ALA A 419 -7.55 1.60 29.41
CA ALA A 419 -8.66 2.59 29.35
C ALA A 419 -9.96 1.90 29.79
N MET A 420 -11.02 2.00 28.99
CA MET A 420 -12.36 1.37 29.23
C MET A 420 -12.95 1.84 30.57
N VAL A 421 -12.17 1.71 31.64
CA VAL A 421 -12.46 2.36 32.96
C VAL A 421 -11.37 3.41 33.21
N PRO A 422 -11.64 4.68 32.86
CA PRO A 422 -10.65 5.75 33.00
C PRO A 422 -10.60 6.30 34.42
N GLY A 423 -9.47 6.92 34.75
CA GLY A 423 -9.16 7.40 36.10
C GLY A 423 -9.31 8.89 36.25
N GLY A 424 -9.69 9.63 35.21
CA GLY A 424 -9.73 11.10 35.25
C GLY A 424 -11.04 11.71 34.77
N ILE A 425 -11.20 12.99 35.07
CA ILE A 425 -12.31 13.86 34.59
C ILE A 425 -11.68 15.09 33.94
N ARG A 426 -12.20 15.42 32.76
CA ARG A 426 -11.66 16.56 31.97
C ARG A 426 -12.65 17.72 32.10
N MET A 427 -12.17 18.91 32.40
CA MET A 427 -13.07 20.08 32.58
C MET A 427 -12.41 21.34 32.04
N GLY A 428 -13.24 22.26 31.57
CA GLY A 428 -12.79 23.42 30.80
C GLY A 428 -13.65 24.63 31.04
N THR A 429 -13.13 25.79 30.69
CA THR A 429 -13.77 27.07 31.02
C THR A 429 -14.42 27.76 29.82
N PRO A 430 -14.15 27.50 28.52
CA PRO A 430 -14.67 28.36 27.46
C PRO A 430 -16.21 28.54 27.43
N ALA A 431 -16.98 27.47 27.61
CA ALA A 431 -18.46 27.53 27.48
C ALA A 431 -19.05 28.49 28.51
N LEU A 432 -18.85 28.22 29.80
CA LEU A 432 -19.46 29.03 30.89
C LEU A 432 -18.80 30.41 30.91
N THR A 433 -17.54 30.55 30.53
CA THR A 433 -16.90 31.87 30.40
C THR A 433 -17.63 32.68 29.33
N SER A 434 -18.06 32.05 28.24
CA SER A 434 -18.87 32.73 27.19
C SER A 434 -20.14 33.29 27.82
N ARG A 435 -20.79 32.50 28.67
CA ARG A 435 -22.03 32.96 29.37
C ARG A 435 -21.69 34.03 30.42
N GLY A 436 -20.43 34.21 30.78
CA GLY A 436 -19.97 35.32 31.62
C GLY A 436 -19.44 34.89 32.97
N PHE A 437 -19.25 33.60 33.21
CA PHE A 437 -18.60 33.10 34.46
C PHE A 437 -17.25 33.79 34.64
N LEU A 438 -16.97 34.27 35.85
CA LEU A 438 -15.89 35.27 36.04
C LEU A 438 -14.69 34.72 36.80
N GLU A 439 -14.84 33.86 37.82
CA GLU A 439 -13.65 33.38 38.61
C GLU A 439 -14.10 32.84 39.95
N GLU A 440 -14.67 33.72 40.78
CA GLU A 440 -15.51 33.33 41.95
C GLU A 440 -16.59 32.36 41.48
N ASP A 441 -17.10 32.56 40.27
CA ASP A 441 -18.06 31.64 39.61
C ASP A 441 -17.41 30.27 39.41
N PHE A 442 -16.16 30.21 38.99
CA PHE A 442 -15.48 28.91 38.84
C PHE A 442 -15.08 28.36 40.20
N VAL A 443 -14.98 29.18 41.25
CA VAL A 443 -14.80 28.63 42.62
C VAL A 443 -16.09 27.87 42.99
N LYS A 444 -17.25 28.42 42.66
CA LYS A 444 -18.55 27.73 42.91
C LYS A 444 -18.59 26.44 42.09
N VAL A 445 -18.11 26.48 40.85
CA VAL A 445 -18.07 25.29 39.96
C VAL A 445 -17.24 24.22 40.66
N ALA A 446 -16.04 24.58 41.15
CA ALA A 446 -15.13 23.64 41.85
C ALA A 446 -15.81 23.05 43.08
N GLU A 447 -16.50 23.89 43.86
CA GLU A 447 -17.20 23.43 45.09
C GLU A 447 -18.29 22.42 44.72
N LEU A 448 -19.07 22.67 43.68
CA LEU A 448 -20.22 21.79 43.33
C LEU A 448 -19.68 20.50 42.71
N PHE A 449 -18.56 20.57 41.97
CA PHE A 449 -17.87 19.36 41.44
C PHE A 449 -17.37 18.51 42.63
N ASP A 450 -16.75 19.16 43.62
CA ASP A 450 -16.26 18.50 44.85
C ASP A 450 -17.44 17.78 45.51
N ALA A 451 -18.59 18.44 45.63
CA ALA A 451 -19.81 17.87 46.25
C ALA A 451 -20.23 16.63 45.47
N SER A 452 -20.19 16.71 44.13
CA SER A 452 -20.59 15.61 43.24
C SER A 452 -19.64 14.41 43.48
N VAL A 453 -18.34 14.67 43.55
CA VAL A 453 -17.33 13.58 43.74
C VAL A 453 -17.58 12.93 45.09
N LYS A 454 -17.85 13.71 46.13
CA LYS A 454 -18.05 13.16 47.51
C LYS A 454 -19.33 12.32 47.54
N LEU A 455 -20.40 12.73 46.84
CA LEU A 455 -21.65 11.94 46.75
C LEU A 455 -21.35 10.62 46.01
N ALA A 456 -20.53 10.68 44.96
CA ALA A 456 -20.15 9.49 44.17
C ALA A 456 -19.35 8.54 45.08
N LEU A 457 -18.49 9.09 45.94
CA LEU A 457 -17.71 8.28 46.92
C LEU A 457 -18.68 7.61 47.90
N LYS A 458 -19.69 8.33 48.36
CA LYS A 458 -20.72 7.78 49.29
C LYS A 458 -21.45 6.63 48.59
N ILE A 459 -21.77 6.76 47.30
CA ILE A 459 -22.49 5.69 46.56
C ILE A 459 -21.54 4.49 46.35
N LYS A 460 -20.24 4.74 46.16
CA LYS A 460 -19.26 3.65 46.00
C LYS A 460 -19.10 2.90 47.32
N ALA A 461 -19.16 3.58 48.47
CA ALA A 461 -19.12 2.95 49.81
C ALA A 461 -20.28 1.95 49.93
N ALA A 462 -21.48 2.34 49.50
CA ALA A 462 -22.70 1.50 49.54
C ALA A 462 -22.74 0.49 48.38
N SER A 463 -21.89 0.62 47.36
CA SER A 463 -21.87 -0.31 46.20
C SER A 463 -21.66 -1.72 46.75
N SER A 464 -22.66 -2.57 46.63
CA SER A 464 -22.60 -3.97 47.12
C SER A 464 -21.47 -4.69 46.40
N GLY A 465 -21.39 -4.49 45.09
CA GLY A 465 -20.31 -5.02 44.21
C GLY A 465 -19.35 -3.92 43.80
N THR A 466 -18.39 -4.25 42.93
CA THR A 466 -17.39 -3.29 42.41
C THR A 466 -17.71 -2.89 40.96
N LYS A 467 -18.60 -3.60 40.28
CA LYS A 467 -18.84 -3.36 38.83
C LYS A 467 -19.84 -2.22 38.65
N LEU A 468 -19.71 -1.49 37.54
CA LEU A 468 -20.32 -0.15 37.34
C LEU A 468 -21.85 -0.24 37.42
N LYS A 469 -22.42 -1.38 37.03
CA LYS A 469 -23.89 -1.63 37.08
C LYS A 469 -24.40 -1.51 38.52
N ASP A 470 -23.66 -2.06 39.50
CA ASP A 470 -24.04 -1.98 40.93
C ASP A 470 -23.91 -0.54 41.41
N PHE A 471 -22.93 0.22 40.92
CA PHE A 471 -22.82 1.67 41.24
C PHE A 471 -24.09 2.39 40.79
N VAL A 472 -24.51 2.20 39.54
CA VAL A 472 -25.72 2.89 39.00
C VAL A 472 -26.97 2.42 39.79
N ALA A 473 -27.03 1.13 40.11
CA ALA A 473 -28.18 0.55 40.86
C ALA A 473 -28.30 1.28 42.21
N THR A 474 -27.22 1.32 42.98
CA THR A 474 -27.16 1.99 44.30
C THR A 474 -27.49 3.47 44.15
N MET A 475 -27.00 4.12 43.09
CA MET A 475 -27.16 5.59 42.89
C MET A 475 -28.63 5.93 42.63
N ASN A 476 -29.38 5.08 41.91
CA ASN A 476 -30.77 5.41 41.55
C ASN A 476 -31.68 4.95 42.69
N GLY A 477 -31.52 3.70 43.15
CA GLY A 477 -32.52 3.01 43.98
C GLY A 477 -32.47 3.37 45.47
N ASP A 478 -31.67 4.37 45.86
CA ASP A 478 -31.34 4.62 47.29
C ASP A 478 -31.66 6.08 47.62
N GLU A 479 -32.94 6.39 47.81
CA GLU A 479 -33.52 7.76 47.76
C GLU A 479 -32.72 8.75 48.63
N LYS A 480 -31.90 8.28 49.57
CA LYS A 480 -30.89 9.12 50.28
C LYS A 480 -30.01 9.81 49.22
N PHE A 481 -29.42 9.04 48.33
CA PHE A 481 -28.52 9.56 47.28
C PHE A 481 -29.34 10.31 46.24
N GLN A 482 -30.57 9.87 45.94
CA GLN A 482 -31.41 10.50 44.90
C GLN A 482 -31.76 11.92 45.33
N SER A 483 -32.03 12.11 46.63
CA SER A 483 -32.41 13.43 47.17
C SER A 483 -31.15 14.28 47.39
N GLU A 484 -29.96 13.71 47.61
CA GLU A 484 -28.73 14.52 47.69
C GLU A 484 -28.33 14.94 46.27
N ILE A 485 -28.66 14.13 45.26
CA ILE A 485 -28.31 14.44 43.83
C ILE A 485 -29.00 15.75 43.43
N LYS A 486 -30.25 15.87 43.91
CA LYS A 486 -31.08 17.09 43.84
C LYS A 486 -30.59 18.04 44.96
N LYS A 487 -29.54 17.62 45.69
CA LYS A 487 -28.84 18.44 46.74
C LYS A 487 -28.05 19.50 45.97
N ILE A 488 -27.55 19.10 44.79
CA ILE A 488 -26.92 19.97 43.75
C ILE A 488 -28.01 20.11 42.68
N ARG A 489 -27.67 20.01 41.39
CA ARG A 489 -28.67 20.14 40.30
C ARG A 489 -29.49 21.40 40.55
N GLY A 490 -30.23 21.47 41.66
CA GLY A 490 -30.95 22.68 42.10
C GLY A 490 -30.01 23.85 42.27
N GLU A 491 -28.90 23.64 42.98
CA GLU A 491 -27.88 24.70 43.22
C GLU A 491 -27.25 25.05 41.87
N VAL A 492 -26.89 24.02 41.10
CA VAL A 492 -26.27 24.19 39.75
C VAL A 492 -27.27 24.96 38.88
N GLU A 493 -28.54 24.54 38.85
CA GLU A 493 -29.55 25.10 37.91
C GLU A 493 -29.82 26.57 38.27
N GLU A 494 -29.96 26.88 39.55
CA GLU A 494 -30.23 28.29 39.98
C GLU A 494 -29.03 29.15 39.57
N TYR A 495 -27.80 28.65 39.78
CA TYR A 495 -26.57 29.41 39.51
C TYR A 495 -26.43 29.63 38.00
N ALA A 496 -26.75 28.61 37.20
CA ALA A 496 -26.66 28.71 35.73
C ALA A 496 -27.73 29.70 35.24
N LYS A 497 -28.97 29.59 35.74
CA LYS A 497 -30.12 30.42 35.29
C LYS A 497 -29.85 31.91 35.52
N GLN A 498 -29.04 32.28 36.51
CA GLN A 498 -28.73 33.70 36.80
C GLN A 498 -27.94 34.30 35.62
N PHE A 499 -27.45 33.53 34.64
CA PHE A 499 -26.49 33.99 33.60
C PHE A 499 -27.20 34.17 32.25
N PRO A 500 -26.66 35.01 31.35
CA PRO A 500 -27.24 35.25 30.04
C PRO A 500 -27.29 33.98 29.18
N THR A 501 -28.37 33.83 28.40
CA THR A 501 -28.46 32.80 27.34
C THR A 501 -27.69 33.30 26.11
N ILE A 502 -26.87 32.43 25.52
CA ILE A 502 -26.07 32.82 24.34
C ILE A 502 -26.73 32.27 23.07
N GLY A 503 -27.11 33.18 22.18
CA GLY A 503 -27.63 32.85 20.84
C GLY A 503 -29.14 32.93 20.77
N PHE A 504 -29.84 33.04 21.91
CA PHE A 504 -31.31 33.13 21.94
C PHE A 504 -31.77 33.93 23.15
N GLU A 505 -33.06 34.25 23.19
CA GLU A 505 -33.65 35.16 24.20
C GLU A 505 -34.31 34.32 25.29
N LYS A 506 -34.06 34.69 26.54
CA LYS A 506 -34.72 34.07 27.73
C LYS A 506 -36.25 34.17 27.56
N GLU A 507 -36.74 35.26 26.96
CA GLU A 507 -38.19 35.61 26.94
C GLU A 507 -38.89 34.66 25.97
N THR A 508 -38.39 34.55 24.74
CA THR A 508 -39.06 33.81 23.65
C THR A 508 -38.90 32.30 23.87
N MET A 509 -38.17 31.85 24.89
CA MET A 509 -37.97 30.40 25.18
C MET A 509 -39.31 29.73 25.43
N LYS A 510 -39.41 28.44 25.13
CA LYS A 510 -40.63 27.67 25.41
C LYS A 510 -40.56 27.08 26.83
N TYR A 511 -39.45 26.48 27.24
CA TYR A 511 -39.38 25.71 28.52
C TYR A 511 -38.73 26.55 29.64
N LYS A 512 -39.46 27.59 30.05
CA LYS A 512 -38.96 28.65 30.96
C LYS A 512 -39.25 28.28 32.41
N ASN A 513 -39.93 27.17 32.73
CA ASN A 513 -40.17 26.78 34.15
C ASN A 513 -39.51 25.41 34.44
N SER B 39 -24.39 40.68 32.97
CA SER B 39 -24.04 39.91 34.22
C SER B 39 -22.56 39.51 34.19
N ARG B 40 -21.71 40.32 34.84
CA ARG B 40 -20.24 40.06 35.01
C ARG B 40 -19.57 39.77 33.64
N VAL B 41 -19.39 40.77 32.79
CA VAL B 41 -18.97 40.53 31.38
C VAL B 41 -18.43 41.78 30.67
N LYS B 42 -17.51 41.59 29.73
CA LYS B 42 -17.05 42.61 28.75
C LYS B 42 -17.43 42.21 27.31
N TRP B 43 -17.96 40.99 27.11
CA TRP B 43 -18.44 40.44 25.81
C TRP B 43 -19.94 40.09 25.96
N THR B 44 -20.42 38.95 25.44
CA THR B 44 -21.86 38.54 25.53
C THR B 44 -22.65 39.57 24.72
N LYS B 45 -22.37 40.86 24.97
CA LYS B 45 -22.81 41.95 24.07
C LYS B 45 -22.73 41.49 22.60
N GLN B 46 -21.56 41.01 22.17
CA GLN B 46 -21.35 40.68 20.74
C GLN B 46 -21.91 39.29 20.46
N LEU B 47 -22.14 38.44 21.45
CA LEU B 47 -22.61 37.05 21.18
C LEU B 47 -24.10 37.08 20.85
N ASN B 48 -24.88 37.99 21.43
CA ASN B 48 -26.35 38.01 21.23
C ASN B 48 -26.75 39.07 20.21
N ALA B 49 -25.82 39.94 19.79
CA ALA B 49 -26.07 40.95 18.73
C ALA B 49 -26.37 40.23 17.42
N PRO B 50 -27.35 40.73 16.62
CA PRO B 50 -27.65 40.12 15.32
C PRO B 50 -26.51 40.33 14.31
N LEU B 51 -26.64 39.71 13.14
CA LEU B 51 -25.62 39.88 12.06
C LEU B 51 -25.43 41.37 11.78
N GLU B 52 -26.28 42.21 12.40
CA GLU B 52 -26.43 43.69 12.45
C GLU B 52 -25.15 44.43 12.06
N GLU B 53 -24.39 44.90 13.06
CA GLU B 53 -23.09 45.56 12.81
C GLU B 53 -21.98 44.58 13.18
N ILE B 54 -22.36 43.42 13.74
CA ILE B 54 -21.37 42.37 14.08
C ILE B 54 -20.61 42.15 12.77
N ASP B 55 -21.34 42.05 11.67
CA ASP B 55 -20.65 41.93 10.36
C ASP B 55 -21.53 42.53 9.26
N PRO B 56 -21.43 43.85 9.02
CA PRO B 56 -22.21 44.48 7.95
C PRO B 56 -21.85 43.94 6.56
N GLU B 57 -20.57 43.62 6.33
CA GLU B 57 -20.08 43.18 5.00
C GLU B 57 -20.68 41.81 4.65
N ILE B 58 -20.72 40.85 5.59
CA ILE B 58 -21.31 39.53 5.31
C ILE B 58 -22.83 39.66 5.19
N ALA B 59 -23.47 40.46 6.03
CA ALA B 59 -24.94 40.73 5.93
C ALA B 59 -25.24 41.24 4.53
N ASP B 60 -24.36 42.09 4.02
CA ASP B 60 -24.47 42.74 2.70
C ASP B 60 -24.31 41.69 1.59
N ILE B 61 -23.32 40.83 1.73
CA ILE B 61 -23.02 39.77 0.72
C ILE B 61 -24.22 38.82 0.65
N ILE B 62 -24.83 38.49 1.80
CA ILE B 62 -26.02 37.62 1.85
C ILE B 62 -27.17 38.32 1.11
N GLU B 63 -27.36 39.63 1.35
CA GLU B 63 -28.46 40.40 0.71
C GLU B 63 -28.25 40.40 -0.81
N LEU B 64 -26.99 40.57 -1.25
CA LEU B 64 -26.64 40.52 -2.69
C LEU B 64 -27.05 39.16 -3.25
N GLU B 65 -26.70 38.08 -2.57
CA GLU B 65 -26.96 36.71 -3.05
C GLU B 65 -28.47 36.47 -3.09
N LYS B 66 -29.20 37.01 -2.11
CA LYS B 66 -30.69 36.91 -2.10
C LYS B 66 -31.23 37.55 -3.37
N ALA B 67 -30.75 38.75 -3.71
CA ALA B 67 -31.18 39.47 -4.93
C ALA B 67 -30.86 38.59 -6.15
N ARG B 68 -29.69 37.95 -6.17
CA ARG B 68 -29.23 37.13 -7.31
C ARG B 68 -30.14 35.90 -7.47
N GLN B 69 -30.58 35.31 -6.37
CA GLN B 69 -31.48 34.12 -6.39
C GLN B 69 -32.89 34.54 -6.82
N TRP B 70 -33.25 35.80 -6.61
CA TRP B 70 -34.60 36.31 -6.95
C TRP B 70 -34.65 36.67 -8.44
N LYS B 71 -33.61 37.32 -8.97
CA LYS B 71 -33.65 37.98 -10.30
C LYS B 71 -33.39 37.00 -11.45
N GLY B 72 -32.85 35.82 -11.16
CA GLY B 72 -32.12 35.02 -12.16
C GLY B 72 -32.81 33.72 -12.51
N PHE B 73 -32.48 33.18 -13.67
CA PHE B 73 -32.79 31.79 -14.07
C PHE B 73 -31.70 30.87 -13.49
N GLU B 74 -32.03 30.07 -12.47
CA GLU B 74 -31.10 29.05 -11.92
C GLU B 74 -31.34 27.71 -12.63
N LEU B 75 -30.47 27.36 -13.57
CA LEU B 75 -30.66 26.18 -14.43
C LEU B 75 -29.59 25.13 -14.15
N ILE B 76 -28.60 25.40 -13.28
CA ILE B 76 -27.58 24.38 -12.86
C ILE B 76 -28.32 23.25 -12.16
N PRO B 77 -28.35 22.03 -12.73
CA PRO B 77 -29.26 20.99 -12.28
C PRO B 77 -29.01 20.43 -10.87
N SER B 78 -27.83 20.68 -10.31
CA SER B 78 -27.47 20.23 -8.93
C SER B 78 -27.86 21.30 -7.92
N GLU B 79 -28.43 22.42 -8.36
CA GLU B 79 -28.85 23.53 -7.45
C GLU B 79 -30.33 23.45 -7.12
N ASN B 80 -30.70 24.07 -6.01
CA ASN B 80 -32.07 24.10 -5.50
C ASN B 80 -32.17 25.21 -4.46
N PHE B 81 -33.40 25.49 -4.03
CA PHE B 81 -33.67 26.50 -2.98
C PHE B 81 -34.20 25.72 -1.77
N THR B 82 -33.51 25.84 -0.66
CA THR B 82 -33.87 25.16 0.61
C THR B 82 -35.03 25.90 1.28
N SER B 83 -35.89 25.15 1.96
CA SER B 83 -37.01 25.69 2.77
C SER B 83 -36.48 26.55 3.93
N LEU B 84 -37.31 27.47 4.40
CA LEU B 84 -37.00 28.33 5.56
C LEU B 84 -36.93 27.46 6.82
N SER B 85 -37.80 26.46 6.94
CA SER B 85 -37.82 25.60 8.16
C SER B 85 -36.48 24.87 8.26
N VAL B 86 -35.97 24.30 7.15
CA VAL B 86 -34.64 23.62 7.15
C VAL B 86 -33.56 24.64 7.59
N MET B 87 -33.58 25.84 7.02
CA MET B 87 -32.52 26.85 7.28
C MET B 87 -32.59 27.27 8.75
N GLN B 88 -33.79 27.37 9.33
CA GLN B 88 -33.96 27.76 10.77
C GLN B 88 -33.38 26.66 11.66
N ALA B 89 -33.57 25.39 11.31
CA ALA B 89 -33.02 24.26 12.11
C ALA B 89 -31.50 24.25 11.92
N VAL B 90 -31.00 24.51 10.71
CA VAL B 90 -29.54 24.52 10.45
C VAL B 90 -28.92 25.68 11.23
N GLY B 91 -29.62 26.80 11.36
CA GLY B 91 -29.14 28.00 12.08
C GLY B 91 -29.42 27.99 13.58
N SER B 92 -29.74 26.84 14.16
CA SER B 92 -30.11 26.70 15.60
C SER B 92 -28.88 26.42 16.48
N VAL B 93 -29.12 26.36 17.79
CA VAL B 93 -28.05 26.12 18.81
C VAL B 93 -27.69 24.64 18.85
N MET B 94 -28.28 23.81 17.99
CA MET B 94 -27.89 22.38 17.94
C MET B 94 -26.41 22.27 17.56
N THR B 95 -25.87 23.28 16.88
CA THR B 95 -24.45 23.36 16.48
C THR B 95 -23.54 23.35 17.70
N ASN B 96 -24.04 23.61 18.91
CA ASN B 96 -23.16 23.83 20.09
C ASN B 96 -22.78 22.51 20.73
N LYS B 97 -23.60 21.46 20.56
CA LYS B 97 -23.40 20.18 21.28
C LYS B 97 -22.37 19.31 20.57
N TYR B 98 -21.36 18.85 21.30
CA TYR B 98 -20.45 17.76 20.83
C TYR B 98 -21.09 16.43 21.18
N SER B 99 -21.20 15.53 20.20
CA SER B 99 -21.95 14.26 20.39
C SER B 99 -21.32 13.17 19.53
N GLU B 100 -20.00 13.00 19.61
CA GLU B 100 -19.29 11.83 19.03
C GLU B 100 -20.01 10.54 19.44
N GLY B 101 -20.15 9.64 18.48
CA GLY B 101 -20.80 8.33 18.69
C GLY B 101 -22.17 8.30 18.03
N TYR B 102 -23.05 7.46 18.57
CA TYR B 102 -24.40 7.21 18.01
C TYR B 102 -25.43 7.29 19.12
N PRO B 103 -26.71 7.49 18.75
CA PRO B 103 -27.79 7.58 19.75
C PRO B 103 -27.74 6.43 20.75
N GLY B 104 -27.75 6.75 22.04
CA GLY B 104 -27.66 5.76 23.12
C GLY B 104 -26.29 5.10 23.23
N ALA B 105 -25.29 5.55 22.46
CA ALA B 105 -23.91 5.00 22.51
C ALA B 105 -22.91 6.12 22.23
N ARG B 106 -23.03 7.22 22.96
CA ARG B 106 -22.24 8.47 22.79
C ARG B 106 -21.08 8.51 23.78
N TYR B 107 -20.13 9.40 23.55
CA TYR B 107 -18.95 9.59 24.44
C TYR B 107 -19.36 10.53 25.60
N TYR B 108 -20.02 11.63 25.26
CA TYR B 108 -20.35 12.71 26.23
C TYR B 108 -21.77 12.56 26.74
N GLY B 109 -22.03 13.03 27.95
CA GLY B 109 -23.39 13.18 28.51
C GLY B 109 -24.08 14.42 27.96
N GLY B 110 -25.40 14.49 28.13
CA GLY B 110 -26.22 15.66 27.77
C GLY B 110 -26.66 15.61 26.33
N ASN B 111 -26.79 14.42 25.75
CA ASN B 111 -27.19 14.24 24.33
C ASN B 111 -28.59 13.64 24.25
N GLU B 112 -29.43 13.81 25.28
CA GLU B 112 -30.78 13.17 25.25
C GLU B 112 -31.57 13.79 24.09
N TYR B 113 -31.49 15.10 23.90
CA TYR B 113 -32.29 15.81 22.86
C TYR B 113 -31.63 15.63 21.48
N ILE B 114 -30.31 15.68 21.42
CA ILE B 114 -29.54 15.40 20.17
C ILE B 114 -29.87 13.97 19.73
N ASP B 115 -29.94 13.03 20.67
CA ASP B 115 -30.30 11.62 20.38
C ASP B 115 -31.72 11.59 19.81
N MET B 116 -32.63 12.37 20.38
CA MET B 116 -34.03 12.43 19.87
C MET B 116 -33.98 12.86 18.40
N ALA B 117 -33.25 13.94 18.09
CA ALA B 117 -33.20 14.51 16.73
C ALA B 117 -32.58 13.50 15.75
N GLU B 118 -31.48 12.85 16.12
CA GLU B 118 -30.78 11.91 15.21
C GLU B 118 -31.67 10.67 15.00
N ARG B 119 -32.33 10.18 16.04
CA ARG B 119 -33.21 8.99 15.92
C ARG B 119 -34.38 9.36 15.00
N LEU B 120 -34.92 10.57 15.15
CA LEU B 120 -36.05 11.04 14.32
C LEU B 120 -35.58 11.15 12.87
N CYS B 121 -34.36 11.63 12.67
CA CYS B 121 -33.76 11.81 11.33
C CYS B 121 -33.65 10.43 10.65
N GLN B 122 -33.13 9.44 11.36
CA GLN B 122 -32.99 8.06 10.82
C GLN B 122 -34.36 7.50 10.49
N LYS B 123 -35.31 7.63 11.40
CA LYS B 123 -36.68 7.09 11.22
C LYS B 123 -37.28 7.71 9.94
N ARG B 124 -37.19 9.03 9.81
CA ARG B 124 -37.81 9.78 8.67
C ARG B 124 -37.04 9.47 7.38
N ALA B 125 -35.73 9.24 7.44
CA ALA B 125 -34.91 8.86 6.26
C ALA B 125 -35.42 7.53 5.73
N LEU B 126 -35.50 6.51 6.59
CA LEU B 126 -35.98 5.17 6.17
C LEU B 126 -37.43 5.32 5.65
N GLU B 127 -38.25 6.20 6.25
CA GLU B 127 -39.67 6.35 5.84
C GLU B 127 -39.77 7.03 4.46
N ALA B 128 -38.94 8.03 4.19
CA ALA B 128 -39.00 8.84 2.95
C ALA B 128 -38.65 8.00 1.73
N PHE B 129 -38.01 6.84 1.89
CA PHE B 129 -37.68 5.93 0.76
C PHE B 129 -38.44 4.61 0.90
N ASN B 130 -39.39 4.53 1.82
CA ASN B 130 -40.29 3.34 2.00
C ASN B 130 -39.44 2.11 2.27
N LEU B 131 -38.66 2.13 3.35
CA LEU B 131 -37.67 1.09 3.66
C LEU B 131 -38.02 0.46 5.00
N ASP B 132 -38.11 -0.87 5.01
CA ASP B 132 -38.25 -1.70 6.22
C ASP B 132 -37.02 -1.49 7.09
N PRO B 133 -37.15 -0.92 8.31
CA PRO B 133 -36.01 -0.76 9.21
C PRO B 133 -35.26 -2.05 9.57
N SER B 134 -35.84 -3.22 9.32
CA SER B 134 -35.22 -4.53 9.63
C SER B 134 -34.47 -5.04 8.41
N LYS B 135 -34.56 -4.36 7.27
CA LYS B 135 -33.80 -4.75 6.04
C LYS B 135 -32.82 -3.63 5.64
N TRP B 136 -33.07 -2.39 6.05
CA TRP B 136 -32.19 -1.23 5.73
C TRP B 136 -31.88 -0.45 7.01
N GLY B 137 -30.66 0.06 7.10
CA GLY B 137 -30.25 1.05 8.10
C GLY B 137 -29.69 2.28 7.43
N VAL B 138 -29.55 3.37 8.19
CA VAL B 138 -29.09 4.66 7.62
C VAL B 138 -28.10 5.33 8.57
N ASN B 139 -27.06 5.93 7.99
CA ASN B 139 -26.13 6.84 8.70
C ASN B 139 -26.36 8.24 8.16
N VAL B 140 -26.74 9.17 9.03
CA VAL B 140 -27.05 10.57 8.65
C VAL B 140 -25.96 11.53 9.14
N GLN B 141 -24.79 11.02 9.53
CA GLN B 141 -23.71 11.88 10.09
C GLN B 141 -22.73 12.31 9.01
N SER B 142 -22.78 11.72 7.83
N SER B 142 -22.70 11.62 7.74
CA SER B 142 -21.79 12.01 6.76
CA SER B 142 -21.70 12.00 6.76
C SER B 142 -21.94 13.46 6.32
C SER B 142 -21.88 13.45 6.34
N LEU B 143 -20.83 14.19 6.23
CA LEU B 143 -20.84 15.67 6.11
C LEU B 143 -21.23 16.09 4.69
N SER B 144 -20.89 15.32 3.65
CA SER B 144 -21.25 15.66 2.24
C SER B 144 -21.10 14.43 1.35
N GLY B 145 -21.46 14.57 0.06
CA GLY B 145 -21.51 13.45 -0.89
C GLY B 145 -20.17 12.73 -1.03
N SER B 146 -19.13 13.49 -1.32
CA SER B 146 -17.79 12.93 -1.65
C SER B 146 -17.27 12.17 -0.44
N PRO B 147 -17.24 12.76 0.77
CA PRO B 147 -16.83 11.99 1.95
C PRO B 147 -17.72 10.76 2.22
N ALA B 148 -19.01 10.83 1.89
CA ALA B 148 -19.96 9.71 2.12
C ALA B 148 -19.49 8.49 1.31
N ASN B 149 -19.20 8.69 0.04
CA ASN B 149 -18.70 7.60 -0.84
C ASN B 149 -17.35 7.11 -0.28
N PHE B 150 -16.46 8.02 0.12
CA PHE B 150 -15.11 7.61 0.60
C PHE B 150 -15.26 6.77 1.86
N GLN B 151 -16.24 7.09 2.69
CA GLN B 151 -16.51 6.32 3.93
C GLN B 151 -17.05 4.94 3.56
N VAL B 152 -17.89 4.83 2.54
CA VAL B 152 -18.37 3.49 2.08
C VAL B 152 -17.15 2.67 1.63
N TYR B 153 -16.26 3.25 0.82
CA TYR B 153 -15.07 2.52 0.31
C TYR B 153 -14.21 2.08 1.50
N THR B 154 -13.96 3.00 2.43
CA THR B 154 -13.10 2.72 3.61
C THR B 154 -13.72 1.63 4.47
N ALA B 155 -15.05 1.59 4.58
CA ALA B 155 -15.76 0.58 5.40
C ALA B 155 -15.67 -0.79 4.71
N LEU B 156 -15.88 -0.85 3.39
CA LEU B 156 -16.13 -2.16 2.75
C LEU B 156 -14.89 -2.69 2.03
N LEU B 157 -13.92 -1.86 1.70
CA LEU B 157 -12.74 -2.29 0.91
C LEU B 157 -11.45 -2.03 1.69
N LYS B 158 -10.48 -2.93 1.53
CA LYS B 158 -9.10 -2.72 1.97
C LYS B 158 -8.48 -1.69 1.04
N PRO B 159 -7.49 -0.90 1.50
CA PRO B 159 -6.79 0.02 0.61
C PRO B 159 -6.31 -0.68 -0.66
N HIS B 160 -6.45 -0.01 -1.81
CA HIS B 160 -5.98 -0.46 -3.14
C HIS B 160 -6.91 -1.51 -3.77
N GLU B 161 -8.02 -1.91 -3.13
CA GLU B 161 -9.04 -2.78 -3.76
C GLU B 161 -9.78 -2.00 -4.87
N ARG B 162 -10.53 -2.71 -5.70
CA ARG B 162 -10.87 -2.20 -7.05
C ARG B 162 -12.32 -1.71 -7.09
N ILE B 163 -12.49 -0.55 -7.72
CA ILE B 163 -13.80 0.12 -7.89
C ILE B 163 -14.01 0.40 -9.37
N MET B 164 -15.23 0.16 -9.85
CA MET B 164 -15.65 0.65 -11.18
C MET B 164 -16.75 1.70 -11.00
N ALA B 165 -16.75 2.71 -11.87
CA ALA B 165 -17.71 3.84 -11.81
C ALA B 165 -17.84 4.51 -13.18
N LEU B 166 -18.89 5.31 -13.38
CA LEU B 166 -19.14 5.99 -14.67
C LEU B 166 -18.06 7.06 -14.83
N ASP B 167 -17.40 7.04 -15.99
CA ASP B 167 -16.28 7.96 -16.32
C ASP B 167 -16.74 9.41 -16.16
N LEU B 168 -15.90 10.25 -15.57
CA LEU B 168 -16.28 11.64 -15.19
C LEU B 168 -16.65 12.47 -16.42
N PRO B 169 -15.85 12.53 -17.51
CA PRO B 169 -16.30 13.28 -18.70
C PRO B 169 -17.51 12.65 -19.42
N HIS B 170 -17.99 11.47 -18.99
CA HIS B 170 -19.17 10.80 -19.56
C HIS B 170 -20.37 10.93 -18.62
N GLY B 171 -20.23 11.65 -17.51
CA GLY B 171 -21.36 11.96 -16.61
C GLY B 171 -21.18 11.49 -15.19
N GLY B 172 -20.00 10.96 -14.83
CA GLY B 172 -19.70 10.49 -13.46
C GLY B 172 -19.40 11.65 -12.52
N HIS B 173 -19.00 11.31 -11.30
CA HIS B 173 -18.57 12.31 -10.28
C HIS B 173 -17.12 12.04 -9.88
N LEU B 174 -16.42 13.07 -9.40
CA LEU B 174 -15.02 12.92 -8.93
C LEU B 174 -14.94 11.94 -7.75
N SER B 175 -15.94 11.88 -6.89
CA SER B 175 -15.92 11.01 -5.68
C SER B 175 -16.03 9.53 -6.08
N HIS B 176 -16.14 9.22 -7.38
CA HIS B 176 -16.15 7.83 -7.89
C HIS B 176 -14.76 7.44 -8.38
N GLY B 177 -13.83 8.40 -8.44
CA GLY B 177 -12.50 8.18 -9.03
C GLY B 177 -12.34 9.00 -10.29
N TYR B 178 -11.18 9.61 -10.48
CA TYR B 178 -10.79 10.31 -11.73
C TYR B 178 -9.27 10.48 -11.75
N GLN B 179 -8.68 10.00 -12.84
CA GLN B 179 -7.23 10.12 -13.16
C GLN B 179 -7.12 10.50 -14.64
N THR B 180 -6.17 11.37 -14.97
CA THR B 180 -5.89 11.76 -16.37
C THR B 180 -4.73 10.88 -16.86
N ASP B 181 -4.21 11.20 -18.04
CA ASP B 181 -3.05 10.47 -18.62
C ASP B 181 -1.81 10.74 -17.76
N THR B 182 -1.82 11.76 -16.89
CA THR B 182 -0.59 12.22 -16.19
C THR B 182 -0.73 12.26 -14.67
N LYS B 183 -1.93 12.35 -14.09
CA LYS B 183 -2.09 12.72 -12.66
C LYS B 183 -3.34 12.07 -12.08
N LYS B 184 -3.29 11.68 -10.81
CA LYS B 184 -4.47 11.27 -9.99
C LYS B 184 -5.19 12.52 -9.46
N ILE B 185 -6.46 12.68 -9.81
CA ILE B 185 -7.21 13.92 -9.51
C ILE B 185 -7.97 13.69 -8.20
N SER B 186 -8.87 12.71 -8.19
CA SER B 186 -9.66 12.36 -6.99
C SER B 186 -8.83 11.46 -6.10
N ALA B 187 -8.94 11.68 -4.79
CA ALA B 187 -8.23 10.90 -3.76
C ALA B 187 -8.75 9.47 -3.75
N VAL B 188 -9.96 9.21 -4.22
CA VAL B 188 -10.47 7.81 -4.30
C VAL B 188 -9.50 7.01 -5.17
N SER B 189 -8.98 7.62 -6.24
CA SER B 189 -8.00 7.00 -7.17
C SER B 189 -6.64 6.84 -6.49
N ILE B 190 -6.35 7.60 -5.44
CA ILE B 190 -5.05 7.48 -4.70
C ILE B 190 -5.10 6.25 -3.79
N PHE B 191 -6.15 6.07 -3.00
CA PHE B 191 -6.20 5.06 -1.91
C PHE B 191 -6.91 3.80 -2.41
N PHE B 192 -7.61 3.86 -3.54
CA PHE B 192 -8.21 2.65 -4.17
C PHE B 192 -7.86 2.63 -5.65
N GLU B 193 -7.98 1.46 -6.26
CA GLU B 193 -7.72 1.27 -7.71
C GLU B 193 -9.05 1.39 -8.45
N THR B 194 -9.15 2.42 -9.30
CA THR B 194 -10.40 2.78 -9.99
C THR B 194 -10.23 2.61 -11.50
N MET B 195 -11.22 2.02 -12.14
CA MET B 195 -11.33 1.95 -13.61
C MET B 195 -12.73 2.40 -14.01
N PRO B 196 -12.84 3.28 -15.02
CA PRO B 196 -14.14 3.74 -15.48
C PRO B 196 -14.86 2.82 -16.46
N TYR B 197 -16.19 2.96 -16.54
CA TYR B 197 -17.02 2.48 -17.66
C TYR B 197 -17.58 3.69 -18.41
N ARG B 198 -17.80 3.55 -19.71
CA ARG B 198 -18.12 4.68 -20.61
C ARG B 198 -19.55 4.59 -21.15
N LEU B 199 -20.02 5.69 -21.75
CA LEU B 199 -21.29 5.72 -22.52
C LEU B 199 -21.03 5.04 -23.87
N ASP B 200 -22.09 4.58 -24.53
CA ASP B 200 -22.10 4.33 -25.99
C ASP B 200 -22.18 5.71 -26.66
N GLU B 201 -21.10 6.17 -27.29
CA GLU B 201 -21.06 7.53 -27.87
C GLU B 201 -22.06 7.64 -29.04
N SER B 202 -22.64 6.55 -29.55
CA SER B 202 -23.66 6.62 -30.63
C SER B 202 -25.07 6.82 -30.07
N THR B 203 -25.44 6.20 -28.95
CA THR B 203 -26.81 6.30 -28.38
C THR B 203 -26.86 7.43 -27.35
N GLY B 204 -25.83 7.56 -26.52
CA GLY B 204 -25.79 8.48 -25.37
C GLY B 204 -26.22 7.81 -24.07
N TYR B 205 -26.54 6.51 -24.09
CA TYR B 205 -26.85 5.73 -22.87
C TYR B 205 -25.57 5.05 -22.38
N ILE B 206 -25.57 4.64 -21.10
CA ILE B 206 -24.45 3.86 -20.51
C ILE B 206 -24.31 2.57 -21.34
N ASP B 207 -23.07 2.25 -21.75
CA ASP B 207 -22.76 1.00 -22.48
C ASP B 207 -22.56 -0.08 -21.42
N TYR B 208 -23.61 -0.86 -21.17
CA TYR B 208 -23.63 -1.94 -20.17
C TYR B 208 -22.85 -3.17 -20.68
N GLU B 209 -22.78 -3.35 -22.01
CA GLU B 209 -22.07 -4.52 -22.59
C GLU B 209 -20.57 -4.44 -22.27
N GLN B 210 -19.96 -3.29 -22.61
CA GLN B 210 -18.52 -3.03 -22.39
C GLN B 210 -18.26 -2.95 -20.89
N MET B 211 -19.24 -2.51 -20.10
CA MET B 211 -19.12 -2.50 -18.62
C MET B 211 -18.97 -3.94 -18.10
N GLU B 212 -19.83 -4.85 -18.54
CA GLU B 212 -19.82 -6.27 -18.07
C GLU B 212 -18.49 -6.91 -18.51
N LYS B 213 -18.08 -6.68 -19.75
CA LYS B 213 -16.84 -7.26 -20.33
C LYS B 213 -15.64 -6.77 -19.50
N SER B 214 -15.48 -5.45 -19.39
CA SER B 214 -14.31 -4.85 -18.72
C SER B 214 -14.36 -5.26 -17.24
N ALA B 215 -15.54 -5.50 -16.66
CA ALA B 215 -15.64 -5.96 -15.25
C ALA B 215 -15.10 -7.38 -15.13
N VAL B 216 -15.35 -8.23 -16.11
CA VAL B 216 -14.85 -9.63 -16.11
C VAL B 216 -13.32 -9.56 -16.03
N LEU B 217 -12.70 -8.65 -16.79
CA LEU B 217 -11.23 -8.52 -16.81
C LEU B 217 -10.70 -7.89 -15.51
N PHE B 218 -11.36 -6.83 -15.03
CA PHE B 218 -10.83 -5.91 -13.98
C PHE B 218 -11.14 -6.41 -12.56
N ARG B 219 -12.17 -7.25 -12.41
CA ARG B 219 -12.51 -7.95 -11.15
C ARG B 219 -12.75 -6.94 -10.03
N PRO B 220 -13.69 -6.00 -10.18
CA PRO B 220 -13.91 -4.99 -9.16
C PRO B 220 -14.57 -5.60 -7.91
N LYS B 221 -14.27 -5.05 -6.74
CA LYS B 221 -14.93 -5.43 -5.46
C LYS B 221 -16.22 -4.63 -5.31
N LEU B 222 -16.30 -3.45 -5.94
CA LEU B 222 -17.48 -2.55 -5.81
C LEU B 222 -17.73 -1.89 -7.18
N ILE B 223 -18.99 -1.76 -7.55
CA ILE B 223 -19.40 -0.99 -8.76
C ILE B 223 -20.38 0.10 -8.34
N VAL B 224 -20.13 1.30 -8.87
CA VAL B 224 -20.92 2.51 -8.55
C VAL B 224 -21.91 2.74 -9.69
N ALA B 225 -23.20 2.76 -9.34
CA ALA B 225 -24.30 3.19 -10.22
C ALA B 225 -24.69 4.59 -9.81
N GLY B 226 -24.18 5.61 -10.47
CA GLY B 226 -24.45 7.00 -10.07
C GLY B 226 -23.81 7.98 -11.00
N ALA B 227 -24.56 9.01 -11.41
CA ALA B 227 -24.10 10.02 -12.39
C ALA B 227 -24.52 11.43 -11.95
N SER B 228 -23.92 12.42 -12.60
N SER B 228 -23.92 12.43 -12.58
CA SER B 228 -24.24 13.87 -12.46
CA SER B 228 -24.33 13.85 -12.50
C SER B 228 -24.80 14.42 -13.78
C SER B 228 -24.89 14.27 -13.87
N ALA B 229 -24.02 14.34 -14.87
CA ALA B 229 -24.42 14.88 -16.19
C ALA B 229 -24.96 13.74 -17.07
N TYR B 230 -26.02 13.09 -16.60
CA TYR B 230 -26.65 11.94 -17.31
C TYR B 230 -28.15 12.17 -17.32
N ALA B 231 -28.76 12.20 -18.51
CA ALA B 231 -30.18 12.59 -18.68
C ALA B 231 -31.11 11.38 -18.50
N ARG B 232 -30.60 10.16 -18.38
CA ARG B 232 -31.46 8.94 -18.44
C ARG B 232 -31.42 8.19 -17.10
N VAL B 233 -32.31 7.20 -16.94
CA VAL B 233 -32.38 6.42 -15.68
C VAL B 233 -31.48 5.18 -15.79
N TYR B 234 -30.84 4.83 -14.68
CA TYR B 234 -29.98 3.63 -14.52
C TYR B 234 -30.83 2.38 -14.72
N ASP B 235 -30.18 1.35 -15.28
CA ASP B 235 -30.71 -0.03 -15.37
C ASP B 235 -30.17 -0.81 -14.16
N TYR B 236 -30.70 -0.51 -12.97
CA TYR B 236 -30.26 -1.11 -11.68
C TYR B 236 -30.35 -2.64 -11.74
N ALA B 237 -31.30 -3.20 -12.49
CA ALA B 237 -31.47 -4.66 -12.63
C ALA B 237 -30.23 -5.25 -13.28
N ARG B 238 -29.74 -4.63 -14.35
CA ARG B 238 -28.55 -5.11 -15.09
C ARG B 238 -27.31 -4.95 -14.20
N MET B 239 -27.25 -3.86 -13.43
CA MET B 239 -26.12 -3.60 -12.49
C MET B 239 -26.09 -4.70 -11.42
N ARG B 240 -27.27 -5.07 -10.93
CA ARG B 240 -27.41 -6.14 -9.92
C ARG B 240 -26.87 -7.43 -10.53
N LYS B 241 -27.26 -7.72 -11.78
CA LYS B 241 -26.85 -8.99 -12.43
C LYS B 241 -25.34 -9.01 -12.57
N VAL B 242 -24.73 -7.92 -13.02
CA VAL B 242 -23.24 -7.84 -13.18
C VAL B 242 -22.58 -8.05 -11.82
N CYS B 243 -23.08 -7.40 -10.77
CA CYS B 243 -22.45 -7.46 -9.42
C CYS B 243 -22.59 -8.86 -8.84
N ASP B 244 -23.74 -9.50 -9.01
CA ASP B 244 -23.98 -10.89 -8.56
C ASP B 244 -23.03 -11.83 -9.31
N LYS B 245 -22.74 -11.56 -10.58
CA LYS B 245 -21.81 -12.38 -11.40
C LYS B 245 -20.39 -12.22 -10.86
N GLN B 246 -19.97 -11.00 -10.54
CA GLN B 246 -18.58 -10.67 -10.14
C GLN B 246 -18.42 -10.79 -8.62
N LYS B 247 -19.45 -11.23 -7.88
CA LYS B 247 -19.47 -11.28 -6.40
C LYS B 247 -19.07 -9.90 -5.85
N ALA B 248 -19.61 -8.81 -6.41
CA ALA B 248 -19.22 -7.42 -6.11
C ALA B 248 -20.36 -6.64 -5.46
N ILE B 249 -20.00 -5.54 -4.80
CA ILE B 249 -20.97 -4.71 -4.03
C ILE B 249 -21.59 -3.68 -4.98
N LEU B 250 -22.91 -3.59 -4.96
CA LEU B 250 -23.64 -2.57 -5.75
C LEU B 250 -23.87 -1.34 -4.87
N LEU B 251 -23.12 -0.29 -5.15
CA LEU B 251 -23.33 1.03 -4.49
C LEU B 251 -24.05 1.90 -5.51
N ALA B 252 -25.20 2.43 -5.13
CA ALA B 252 -25.94 3.41 -5.96
C ALA B 252 -25.74 4.80 -5.36
N ASP B 253 -25.20 5.73 -6.14
CA ASP B 253 -25.01 7.13 -5.69
C ASP B 253 -26.11 7.97 -6.33
N MET B 254 -27.22 8.14 -5.62
CA MET B 254 -28.45 8.73 -6.18
C MET B 254 -28.52 10.24 -5.87
N ALA B 255 -27.37 10.89 -5.69
CA ALA B 255 -27.33 12.31 -5.26
C ALA B 255 -28.25 13.14 -6.15
N HIS B 256 -28.21 12.94 -7.47
CA HIS B 256 -28.93 13.80 -8.44
C HIS B 256 -30.44 13.50 -8.46
N ILE B 257 -30.89 12.33 -8.01
CA ILE B 257 -32.30 11.92 -8.23
C ILE B 257 -32.99 11.58 -6.91
N SER B 258 -32.35 11.83 -5.77
CA SER B 258 -32.84 11.35 -4.45
C SER B 258 -34.27 11.85 -4.22
N GLY B 259 -34.54 13.13 -4.43
CA GLY B 259 -35.89 13.69 -4.35
C GLY B 259 -36.86 12.95 -5.25
N LEU B 260 -36.48 12.74 -6.51
CA LEU B 260 -37.32 11.99 -7.49
C LEU B 260 -37.62 10.61 -6.90
N VAL B 261 -36.66 9.98 -6.23
CA VAL B 261 -36.85 8.61 -5.72
C VAL B 261 -37.77 8.68 -4.50
N ALA B 262 -37.65 9.72 -3.69
CA ALA B 262 -38.44 9.90 -2.45
C ALA B 262 -39.92 10.06 -2.84
N ALA B 263 -40.20 10.81 -3.90
CA ALA B 263 -41.58 11.01 -4.40
C ALA B 263 -42.06 9.80 -5.19
N GLY B 264 -41.19 8.83 -5.49
CA GLY B 264 -41.56 7.61 -6.23
C GLY B 264 -41.86 7.84 -7.70
N VAL B 265 -41.39 8.95 -8.30
CA VAL B 265 -41.70 9.30 -9.71
C VAL B 265 -40.62 8.76 -10.66
N VAL B 266 -39.77 7.88 -10.14
CA VAL B 266 -38.57 7.32 -10.82
C VAL B 266 -38.28 6.00 -10.13
N PRO B 267 -37.79 4.96 -10.82
CA PRO B 267 -37.53 3.69 -10.16
C PRO B 267 -36.50 3.85 -9.04
N SER B 268 -36.77 3.20 -7.91
CA SER B 268 -35.98 3.32 -6.66
C SER B 268 -34.76 2.43 -6.76
N PRO B 269 -33.53 2.96 -6.57
CA PRO B 269 -32.35 2.11 -6.54
C PRO B 269 -32.34 1.15 -5.34
N PHE B 270 -33.16 1.42 -4.31
CA PHE B 270 -33.25 0.53 -3.12
C PHE B 270 -33.82 -0.84 -3.53
N GLU B 271 -34.41 -0.94 -4.72
CA GLU B 271 -34.90 -2.22 -5.29
C GLU B 271 -33.74 -3.20 -5.48
N TYR B 272 -32.51 -2.73 -5.74
CA TYR B 272 -31.40 -3.61 -6.18
C TYR B 272 -30.09 -3.37 -5.40
N ALA B 273 -29.86 -2.17 -4.86
CA ALA B 273 -28.50 -1.80 -4.39
C ALA B 273 -28.22 -2.46 -3.03
N ASP B 274 -26.94 -2.73 -2.78
CA ASP B 274 -26.40 -3.16 -1.46
C ASP B 274 -26.32 -1.95 -0.54
N VAL B 275 -25.86 -0.84 -1.08
CA VAL B 275 -25.57 0.42 -0.33
C VAL B 275 -26.05 1.55 -1.21
N VAL B 276 -26.73 2.53 -0.62
CA VAL B 276 -27.16 3.73 -1.36
C VAL B 276 -26.59 4.96 -0.66
N THR B 277 -25.92 5.81 -1.40
CA THR B 277 -25.44 7.10 -0.84
C THR B 277 -26.20 8.22 -1.54
N THR B 278 -26.38 9.33 -0.86
CA THR B 278 -26.91 10.53 -1.51
C THR B 278 -26.38 11.75 -0.78
N THR B 279 -26.38 12.86 -1.48
CA THR B 279 -26.37 14.20 -0.87
C THR B 279 -27.79 14.49 -0.41
N THR B 280 -27.92 15.45 0.48
CA THR B 280 -29.21 15.85 1.06
C THR B 280 -29.66 17.18 0.43
N HIS B 281 -28.87 17.77 -0.46
CA HIS B 281 -29.05 19.19 -0.84
C HIS B 281 -29.32 19.36 -2.33
N LYS B 282 -29.51 18.31 -3.12
CA LYS B 282 -29.73 18.55 -4.56
C LYS B 282 -31.23 18.42 -4.82
N SER B 283 -31.63 17.32 -5.45
CA SER B 283 -33.05 17.07 -5.78
C SER B 283 -33.84 16.94 -4.48
N LEU B 284 -33.23 16.46 -3.38
CA LEU B 284 -33.94 16.20 -2.10
C LEU B 284 -34.27 17.51 -1.40
N ARG B 285 -33.47 18.54 -1.60
CA ARG B 285 -33.83 19.95 -1.29
C ARG B 285 -33.66 20.25 0.20
N GLY B 286 -32.87 19.44 0.92
CA GLY B 286 -32.59 19.63 2.34
C GLY B 286 -31.32 20.45 2.56
N PRO B 287 -30.63 20.29 3.70
CA PRO B 287 -29.39 21.02 3.96
C PRO B 287 -28.23 20.32 3.25
N ARG B 288 -27.07 20.95 3.21
CA ARG B 288 -25.87 20.33 2.61
C ARG B 288 -25.35 19.28 3.58
N GLY B 289 -25.41 18.03 3.14
CA GLY B 289 -25.06 16.85 3.93
C GLY B 289 -25.11 15.63 3.05
N ALA B 290 -25.17 14.45 3.67
CA ALA B 290 -25.21 13.18 2.95
C ALA B 290 -25.82 12.11 3.84
N MET B 291 -26.28 11.04 3.22
CA MET B 291 -26.76 9.85 3.94
C MET B 291 -26.13 8.62 3.30
N ILE B 292 -25.86 7.63 4.13
CA ILE B 292 -25.49 6.26 3.69
C ILE B 292 -26.55 5.29 4.17
N PHE B 293 -27.27 4.67 3.23
CA PHE B 293 -28.19 3.54 3.51
C PHE B 293 -27.47 2.24 3.21
N PHE B 294 -27.79 1.20 3.96
CA PHE B 294 -27.16 -0.12 3.78
C PHE B 294 -28.14 -1.23 4.17
N ARG B 295 -27.93 -2.38 3.57
CA ARG B 295 -28.72 -3.59 3.91
C ARG B 295 -28.32 -4.02 5.31
N LYS B 296 -29.26 -4.58 6.06
CA LYS B 296 -28.97 -5.24 7.35
C LYS B 296 -29.94 -6.42 7.55
N GLY B 297 -29.58 -7.35 8.43
CA GLY B 297 -30.25 -8.65 8.59
C GLY B 297 -29.87 -9.63 7.49
N LEU B 298 -30.76 -10.56 7.16
CA LEU B 298 -30.44 -11.75 6.34
C LEU B 298 -30.22 -11.35 4.89
N LYS B 299 -29.13 -11.81 4.28
CA LYS B 299 -28.81 -11.59 2.86
C LYS B 299 -29.55 -12.59 1.99
N GLU B 300 -29.51 -13.87 2.36
CA GLU B 300 -30.12 -14.99 1.59
C GLU B 300 -29.89 -16.27 2.38
N ILE B 301 -30.82 -17.22 2.31
CA ILE B 301 -30.62 -18.58 2.86
C ILE B 301 -29.54 -19.22 1.96
N ASN B 302 -29.30 -18.62 0.79
CA ASN B 302 -28.17 -18.88 -0.14
C ASN B 302 -28.30 -20.28 -0.74
N LYS B 303 -28.19 -20.37 -2.06
CA LYS B 303 -28.33 -21.65 -2.83
C LYS B 303 -27.05 -22.48 -2.65
N LYS B 304 -26.33 -22.39 -1.52
CA LYS B 304 -25.12 -23.26 -1.37
C LYS B 304 -24.70 -23.58 0.07
N GLY B 305 -25.58 -23.50 1.07
CA GLY B 305 -25.08 -23.91 2.39
C GLY B 305 -25.64 -23.16 3.60
N GLU B 306 -24.78 -22.34 4.22
CA GLU B 306 -25.05 -21.61 5.49
C GLU B 306 -25.87 -20.34 5.32
N GLU B 307 -26.32 -19.80 6.46
CA GLU B 307 -27.07 -18.53 6.59
C GLU B 307 -26.11 -17.33 6.49
N VAL B 308 -26.26 -16.50 5.47
CA VAL B 308 -25.36 -15.34 5.24
C VAL B 308 -26.13 -14.09 5.67
N MET B 309 -25.57 -13.33 6.61
CA MET B 309 -26.11 -12.03 7.05
C MET B 309 -25.36 -10.91 6.34
N TYR B 310 -26.06 -9.81 6.05
CA TYR B 310 -25.45 -8.62 5.44
C TYR B 310 -24.43 -8.06 6.43
N ASP B 311 -23.25 -7.70 5.95
CA ASP B 311 -22.12 -7.25 6.80
C ASP B 311 -21.73 -5.83 6.41
N PHE B 312 -22.62 -4.86 6.58
CA PHE B 312 -22.33 -3.49 6.12
C PHE B 312 -22.50 -2.47 7.25
N GLU B 313 -23.55 -2.65 8.05
CA GLU B 313 -23.91 -1.69 9.11
C GLU B 313 -22.73 -1.29 9.99
N ASP B 314 -22.16 -2.24 10.72
CA ASP B 314 -21.12 -1.94 11.73
C ASP B 314 -19.93 -1.30 11.03
N LYS B 315 -19.56 -1.80 9.85
CA LYS B 315 -18.37 -1.33 9.11
C LYS B 315 -18.58 0.13 8.69
N ILE B 316 -19.74 0.46 8.13
CA ILE B 316 -20.03 1.83 7.63
C ILE B 316 -20.12 2.77 8.81
N ASN B 317 -20.86 2.40 9.85
CA ASN B 317 -21.02 3.25 11.06
C ASN B 317 -19.65 3.54 11.67
N GLN B 318 -18.74 2.57 11.66
CA GLN B 318 -17.40 2.75 12.29
C GLN B 318 -16.49 3.52 11.34
N ALA B 319 -16.63 3.34 10.02
CA ALA B 319 -15.81 4.10 9.04
C ALA B 319 -16.17 5.58 9.16
N VAL B 320 -17.43 5.89 9.42
CA VAL B 320 -17.89 7.30 9.53
C VAL B 320 -17.33 7.88 10.82
N PHE B 321 -17.57 7.20 11.95
CA PHE B 321 -16.98 7.54 13.27
C PHE B 321 -16.73 6.25 14.03
N PRO B 322 -15.56 6.03 14.66
CA PRO B 322 -14.47 7.02 14.74
C PRO B 322 -13.47 7.07 13.57
N GLY B 323 -13.82 6.40 12.47
CA GLY B 323 -12.92 6.22 11.31
C GLY B 323 -12.47 7.53 10.71
N LEU B 324 -13.38 8.32 10.13
CA LEU B 324 -12.98 9.45 9.25
C LEU B 324 -13.56 10.79 9.67
N GLN B 325 -14.56 10.81 10.53
CA GLN B 325 -15.15 12.08 11.04
C GLN B 325 -15.05 12.07 12.56
N GLY B 326 -15.21 13.26 13.16
CA GLY B 326 -15.38 13.44 14.60
C GLY B 326 -16.84 13.66 14.96
N GLY B 327 -17.12 14.79 15.60
CA GLY B 327 -18.47 15.13 16.07
C GLY B 327 -19.45 15.28 14.92
N PRO B 328 -20.67 14.77 15.07
CA PRO B 328 -21.71 15.04 14.10
C PRO B 328 -22.08 16.52 14.13
N HIS B 329 -22.52 17.05 13.00
CA HIS B 329 -23.07 18.42 12.87
C HIS B 329 -24.57 18.35 13.13
N ASN B 330 -24.97 18.42 14.40
CA ASN B 330 -26.37 18.20 14.83
C ASN B 330 -27.27 19.28 14.25
N HIS B 331 -26.75 20.47 13.95
CA HIS B 331 -27.59 21.51 13.32
C HIS B 331 -28.02 21.04 11.93
N THR B 332 -27.08 20.53 11.14
CA THR B 332 -27.35 19.94 9.81
C THR B 332 -28.25 18.72 9.95
N ILE B 333 -28.09 17.91 10.99
CA ILE B 333 -28.92 16.68 11.15
C ILE B 333 -30.37 17.09 11.44
N ALA B 334 -30.59 18.10 12.28
CA ALA B 334 -31.94 18.66 12.57
C ALA B 334 -32.56 19.15 11.27
N GLY B 335 -31.82 19.96 10.51
CA GLY B 335 -32.28 20.45 9.19
C GLY B 335 -32.68 19.30 8.28
N LEU B 336 -31.86 18.24 8.25
CA LEU B 336 -32.10 17.08 7.38
C LEU B 336 -33.40 16.39 7.82
N ALA B 337 -33.65 16.33 9.13
CA ALA B 337 -34.87 15.69 9.66
C ALA B 337 -36.08 16.46 9.14
N VAL B 338 -36.00 17.80 9.09
CA VAL B 338 -37.13 18.65 8.61
C VAL B 338 -37.31 18.40 7.10
N ALA B 339 -36.21 18.37 6.36
CA ALA B 339 -36.25 18.12 4.90
C ALA B 339 -36.91 16.75 4.64
N LEU B 340 -36.57 15.73 5.42
CA LEU B 340 -37.10 14.36 5.18
C LEU B 340 -38.58 14.30 5.54
N LYS B 341 -39.02 15.07 6.55
CA LYS B 341 -40.47 15.15 6.84
C LYS B 341 -41.18 15.75 5.62
N GLN B 342 -40.64 16.83 5.05
CA GLN B 342 -41.26 17.48 3.88
C GLN B 342 -41.31 16.50 2.70
N ALA B 343 -40.28 15.65 2.54
CA ALA B 343 -40.16 14.74 1.38
C ALA B 343 -41.28 13.69 1.34
N THR B 344 -42.06 13.53 2.42
CA THR B 344 -43.12 12.50 2.48
C THR B 344 -44.50 13.10 2.20
N THR B 345 -44.60 14.41 1.96
CA THR B 345 -45.89 15.12 1.82
C THR B 345 -46.36 15.07 0.36
N PRO B 346 -47.68 15.26 0.11
CA PRO B 346 -48.20 15.31 -1.26
C PRO B 346 -47.71 16.55 -2.04
N GLU B 347 -47.54 17.69 -1.38
CA GLU B 347 -46.95 18.91 -2.01
C GLU B 347 -45.61 18.53 -2.64
N TYR B 348 -44.82 17.73 -1.92
CA TYR B 348 -43.47 17.34 -2.35
C TYR B 348 -43.56 16.45 -3.59
N LYS B 349 -44.47 15.47 -3.57
CA LYS B 349 -44.69 14.56 -4.72
C LYS B 349 -45.09 15.38 -5.95
N ALA B 350 -46.00 16.34 -5.77
CA ALA B 350 -46.44 17.25 -6.86
C ALA B 350 -45.22 17.94 -7.43
N TYR B 351 -44.38 18.48 -6.55
CA TYR B 351 -43.18 19.25 -6.95
C TYR B 351 -42.27 18.37 -7.82
N GLN B 352 -42.06 17.12 -7.44
CA GLN B 352 -41.08 16.26 -8.15
C GLN B 352 -41.66 15.82 -9.50
N GLU B 353 -42.96 15.52 -9.54
CA GLU B 353 -43.57 15.17 -10.84
C GLU B 353 -43.55 16.43 -11.72
N GLN B 354 -43.64 17.61 -11.12
CA GLN B 354 -43.52 18.88 -11.88
C GLN B 354 -42.10 19.03 -12.43
N VAL B 355 -41.08 18.68 -11.64
CA VAL B 355 -39.66 18.75 -12.09
C VAL B 355 -39.54 17.91 -13.36
N LEU B 356 -40.10 16.70 -13.35
CA LEU B 356 -40.04 15.77 -14.50
C LEU B 356 -40.79 16.37 -15.71
N ALA B 357 -42.01 16.85 -15.50
CA ALA B 357 -42.88 17.36 -16.58
C ALA B 357 -42.26 18.61 -17.20
N ASN B 358 -41.77 19.52 -16.35
CA ASN B 358 -41.07 20.75 -16.79
C ASN B 358 -39.90 20.36 -17.68
N CYS B 359 -39.17 19.31 -17.28
CA CYS B 359 -37.97 18.90 -18.04
C CYS B 359 -38.39 18.35 -19.40
N LYS B 360 -39.45 17.52 -19.46
CA LYS B 360 -39.95 16.98 -20.75
C LYS B 360 -40.30 18.15 -21.67
N ARG B 361 -41.05 19.13 -21.16
CA ARG B 361 -41.55 20.25 -22.00
C ARG B 361 -40.36 21.12 -22.44
N PHE B 362 -39.38 21.30 -21.55
CA PHE B 362 -38.16 22.08 -21.82
C PHE B 362 -37.39 21.41 -22.95
N SER B 363 -37.24 20.08 -22.90
CA SER B 363 -36.52 19.30 -23.95
C SER B 363 -37.27 19.44 -25.27
N GLN B 364 -38.61 19.37 -25.24
CA GLN B 364 -39.44 19.51 -26.46
C GLN B 364 -39.18 20.89 -27.07
N SER B 365 -39.20 21.95 -26.26
CA SER B 365 -39.03 23.34 -26.76
C SER B 365 -37.63 23.49 -27.36
N LEU B 366 -36.62 22.94 -26.66
CA LEU B 366 -35.22 22.99 -27.15
C LEU B 366 -35.14 22.26 -28.50
N ILE B 367 -35.78 21.10 -28.64
CA ILE B 367 -35.70 20.32 -29.92
C ILE B 367 -36.45 21.02 -31.05
N GLU B 368 -37.59 21.65 -30.74
CA GLU B 368 -38.45 22.34 -31.74
C GLU B 368 -37.77 23.62 -32.19
N ARG B 369 -36.80 24.13 -31.43
CA ARG B 369 -36.00 25.33 -31.81
C ARG B 369 -34.70 24.90 -32.50
N GLY B 370 -34.52 23.61 -32.78
CA GLY B 370 -33.43 23.09 -33.63
C GLY B 370 -32.22 22.61 -32.85
N TYR B 371 -32.31 22.36 -31.54
CA TYR B 371 -31.15 21.92 -30.74
C TYR B 371 -31.10 20.40 -30.69
N SER B 372 -29.90 19.87 -30.50
CA SER B 372 -29.61 18.45 -30.29
C SER B 372 -29.38 18.19 -28.79
N LEU B 373 -30.07 17.17 -28.28
CA LEU B 373 -29.86 16.70 -26.91
C LEU B 373 -29.07 15.40 -26.96
N VAL B 374 -28.10 15.27 -26.07
CA VAL B 374 -27.39 14.00 -25.82
C VAL B 374 -28.40 12.98 -25.28
N SER B 375 -28.30 11.76 -25.82
CA SER B 375 -29.26 10.63 -25.63
C SER B 375 -30.61 10.96 -26.28
N GLY B 376 -30.75 12.16 -26.86
CA GLY B 376 -31.93 12.55 -27.66
C GLY B 376 -33.12 12.97 -26.82
N GLY B 377 -32.99 13.03 -25.49
CA GLY B 377 -34.08 13.44 -24.58
C GLY B 377 -33.67 13.34 -23.13
N THR B 378 -34.64 13.20 -22.24
CA THR B 378 -34.41 13.04 -20.79
C THR B 378 -35.45 12.11 -20.19
N ASP B 379 -35.07 11.43 -19.12
CA ASP B 379 -35.94 10.63 -18.23
C ASP B 379 -36.04 11.34 -16.88
N ASN B 380 -35.35 12.47 -16.70
CA ASN B 380 -35.21 13.06 -15.36
C ASN B 380 -35.30 14.58 -15.43
N HIS B 381 -34.47 15.22 -14.62
CA HIS B 381 -34.54 16.63 -14.17
C HIS B 381 -33.63 17.51 -15.02
N LEU B 382 -32.84 16.96 -15.95
CA LEU B 382 -31.88 17.77 -16.72
C LEU B 382 -31.83 17.38 -18.19
N VAL B 383 -31.18 18.24 -18.98
CA VAL B 383 -30.93 18.04 -20.43
C VAL B 383 -29.46 18.41 -20.68
N LEU B 384 -28.80 17.71 -21.58
CA LEU B 384 -27.45 18.06 -22.08
C LEU B 384 -27.65 18.51 -23.53
N VAL B 385 -27.52 19.79 -23.81
CA VAL B 385 -27.59 20.33 -25.20
C VAL B 385 -26.23 20.15 -25.87
N ASN B 386 -26.22 19.53 -27.05
CA ASN B 386 -24.99 19.35 -27.87
C ASN B 386 -24.93 20.50 -28.87
N LEU B 387 -24.14 21.51 -28.55
CA LEU B 387 -24.02 22.74 -29.38
C LEU B 387 -23.13 22.54 -30.60
N ARG B 388 -22.55 21.37 -30.82
CA ARG B 388 -21.53 21.19 -31.88
C ARG B 388 -22.12 21.47 -33.26
N ASP B 389 -23.38 21.11 -33.50
CA ASP B 389 -24.00 21.32 -34.83
C ASP B 389 -24.33 22.80 -35.03
N LYS B 390 -24.31 23.62 -33.98
CA LYS B 390 -24.61 25.08 -34.08
C LYS B 390 -23.31 25.87 -34.28
N GLY B 391 -22.15 25.22 -34.28
CA GLY B 391 -20.85 25.83 -34.63
C GLY B 391 -20.25 26.64 -33.50
N ILE B 392 -20.58 26.33 -32.23
CA ILE B 392 -20.08 27.09 -31.07
C ILE B 392 -19.93 26.14 -29.88
N ASP B 393 -19.08 26.51 -28.92
CA ASP B 393 -18.74 25.63 -27.78
C ASP B 393 -19.57 26.04 -26.56
N GLY B 394 -19.48 25.22 -25.52
CA GLY B 394 -20.23 25.42 -24.26
C GLY B 394 -19.71 26.61 -23.46
N SER B 395 -18.42 26.92 -23.59
CA SER B 395 -17.76 27.97 -22.78
C SER B 395 -18.30 29.34 -23.19
N ARG B 396 -18.36 29.62 -24.49
CA ARG B 396 -18.85 30.92 -25.01
C ARG B 396 -20.33 31.07 -24.67
N VAL B 397 -21.10 30.01 -24.83
CA VAL B 397 -22.56 30.10 -24.56
C VAL B 397 -22.77 30.33 -23.06
N GLU B 398 -21.99 29.64 -22.21
CA GLU B 398 -22.08 29.78 -20.72
C GLU B 398 -21.76 31.23 -20.33
N LYS B 399 -20.71 31.81 -20.91
CA LYS B 399 -20.29 33.21 -20.61
C LYS B 399 -21.47 34.13 -20.93
N VAL B 400 -22.05 34.00 -22.11
CA VAL B 400 -23.12 34.94 -22.55
C VAL B 400 -24.32 34.72 -21.64
N MET B 401 -24.66 33.47 -21.33
CA MET B 401 -25.83 33.16 -20.47
C MET B 401 -25.61 33.79 -19.09
N GLU B 402 -24.41 33.71 -18.54
CA GLU B 402 -24.11 34.29 -17.20
C GLU B 402 -24.27 35.81 -17.25
N LEU B 403 -23.75 36.49 -18.28
CA LEU B 403 -23.97 37.95 -18.46
C LEU B 403 -25.47 38.26 -18.47
N ALA B 404 -26.31 37.29 -18.84
CA ALA B 404 -27.77 37.50 -18.92
C ALA B 404 -28.48 37.01 -17.64
N HIS B 405 -27.73 36.61 -16.60
CA HIS B 405 -28.28 36.05 -15.34
C HIS B 405 -29.05 34.76 -15.66
N ILE B 406 -28.52 33.93 -16.54
CA ILE B 406 -29.00 32.53 -16.74
C ILE B 406 -27.87 31.61 -16.33
N ALA B 407 -27.95 31.05 -15.13
CA ALA B 407 -26.92 30.12 -14.59
C ALA B 407 -27.10 28.75 -15.23
N ALA B 408 -26.15 28.36 -16.08
CA ALA B 408 -26.02 26.99 -16.64
C ALA B 408 -24.55 26.65 -16.54
N ASN B 409 -24.12 25.52 -17.10
CA ASN B 409 -22.67 25.20 -17.05
C ASN B 409 -22.30 24.38 -18.27
N LYS B 410 -21.17 24.72 -18.87
CA LYS B 410 -20.57 23.97 -19.99
C LYS B 410 -20.49 22.50 -19.60
N ASN B 411 -20.58 21.65 -20.59
CA ASN B 411 -20.60 20.18 -20.42
C ASN B 411 -19.95 19.53 -21.63
N THR B 412 -19.08 18.55 -21.40
CA THR B 412 -18.51 17.74 -22.50
C THR B 412 -19.63 16.95 -23.16
N VAL B 413 -19.49 16.71 -24.45
CA VAL B 413 -20.47 15.91 -25.23
C VAL B 413 -19.67 14.96 -26.12
N PRO B 414 -20.22 13.77 -26.44
CA PRO B 414 -19.56 12.88 -27.38
C PRO B 414 -19.24 13.60 -28.69
N GLY B 415 -18.00 13.47 -29.14
CA GLY B 415 -17.45 14.20 -30.30
C GLY B 415 -16.46 15.26 -29.86
N ASP B 416 -16.59 15.76 -28.62
CA ASP B 416 -15.63 16.75 -28.06
C ASP B 416 -14.24 16.12 -28.08
N VAL B 417 -13.24 16.84 -28.59
CA VAL B 417 -11.84 16.31 -28.67
C VAL B 417 -11.29 16.22 -27.24
N SER B 418 -11.41 17.29 -26.45
CA SER B 418 -10.72 17.43 -25.14
C SER B 418 -11.69 17.83 -24.02
N ALA B 419 -11.17 17.87 -22.80
CA ALA B 419 -11.89 18.32 -21.59
C ALA B 419 -11.85 19.86 -21.52
N MET B 420 -10.80 20.48 -22.08
CA MET B 420 -10.53 21.93 -21.96
C MET B 420 -11.60 22.73 -22.73
N VAL B 421 -12.20 22.18 -23.78
CA VAL B 421 -13.13 22.94 -24.66
C VAL B 421 -14.40 22.12 -24.81
N PRO B 422 -15.36 22.23 -23.87
CA PRO B 422 -16.58 21.44 -23.95
C PRO B 422 -17.54 21.99 -25.01
N GLY B 423 -18.25 21.10 -25.70
CA GLY B 423 -19.13 21.48 -26.81
C GLY B 423 -20.59 21.43 -26.46
N GLY B 424 -20.93 21.41 -25.15
CA GLY B 424 -22.34 21.29 -24.72
C GLY B 424 -22.68 22.16 -23.54
N ILE B 425 -23.96 22.25 -23.23
CA ILE B 425 -24.51 23.01 -22.07
C ILE B 425 -25.44 22.11 -21.29
N ARG B 426 -25.30 22.07 -19.97
CA ARG B 426 -26.18 21.29 -19.08
C ARG B 426 -27.19 22.26 -18.46
N MET B 427 -28.48 21.91 -18.47
CA MET B 427 -29.50 22.70 -17.76
C MET B 427 -30.52 21.78 -17.10
N GLY B 428 -31.17 22.27 -16.05
CA GLY B 428 -32.11 21.46 -15.27
C GLY B 428 -33.19 22.29 -14.61
N THR B 429 -34.21 21.62 -14.12
CA THR B 429 -35.47 22.27 -13.70
C THR B 429 -35.70 22.29 -12.19
N PRO B 430 -35.01 21.56 -11.30
CA PRO B 430 -35.39 21.58 -9.89
C PRO B 430 -35.47 22.97 -9.24
N ALA B 431 -34.48 23.83 -9.48
CA ALA B 431 -34.37 25.15 -8.81
C ALA B 431 -35.60 26.01 -9.16
N LEU B 432 -35.78 26.35 -10.43
CA LEU B 432 -36.88 27.26 -10.85
C LEU B 432 -38.24 26.59 -10.60
N THR B 433 -38.33 25.27 -10.68
CA THR B 433 -39.57 24.55 -10.32
C THR B 433 -39.91 24.78 -8.84
N SER B 434 -38.92 24.84 -7.96
CA SER B 434 -39.16 25.17 -6.54
C SER B 434 -39.85 26.53 -6.44
N ARG B 435 -39.49 27.47 -7.31
CA ARG B 435 -40.07 28.84 -7.31
C ARG B 435 -41.45 28.83 -7.93
N GLY B 436 -41.89 27.70 -8.50
CA GLY B 436 -43.23 27.53 -9.09
C GLY B 436 -43.22 27.66 -10.61
N PHE B 437 -42.08 27.56 -11.28
CA PHE B 437 -42.05 27.49 -12.77
C PHE B 437 -42.86 26.26 -13.17
N LEU B 438 -43.87 26.46 -14.01
CA LEU B 438 -44.88 25.43 -14.34
C LEU B 438 -44.68 25.02 -15.81
N GLU B 439 -45.71 24.49 -16.47
CA GLU B 439 -45.84 24.31 -17.94
C GLU B 439 -44.92 25.22 -18.78
N GLU B 440 -45.41 26.41 -19.15
CA GLU B 440 -44.92 27.22 -20.29
C GLU B 440 -43.71 28.07 -19.85
N ASP B 441 -43.40 28.06 -18.57
CA ASP B 441 -42.29 28.90 -18.02
C ASP B 441 -40.96 28.36 -18.54
N PHE B 442 -40.81 27.05 -18.68
CA PHE B 442 -39.59 26.48 -19.30
C PHE B 442 -39.59 26.69 -20.81
N VAL B 443 -40.74 26.94 -21.45
CA VAL B 443 -40.72 27.38 -22.87
C VAL B 443 -40.07 28.77 -22.94
N LYS B 444 -40.37 29.67 -22.00
CA LYS B 444 -39.69 30.99 -21.94
C LYS B 444 -38.18 30.78 -21.68
N VAL B 445 -37.84 29.84 -20.80
CA VAL B 445 -36.43 29.52 -20.51
C VAL B 445 -35.74 29.09 -21.82
N ALA B 446 -36.37 28.21 -22.59
CA ALA B 446 -35.86 27.72 -23.90
C ALA B 446 -35.66 28.90 -24.86
N GLU B 447 -36.64 29.80 -24.94
CA GLU B 447 -36.56 31.00 -25.82
C GLU B 447 -35.34 31.85 -25.42
N LEU B 448 -35.13 32.10 -24.13
CA LEU B 448 -34.05 33.01 -23.70
C LEU B 448 -32.69 32.33 -23.84
N PHE B 449 -32.63 31.00 -23.69
CA PHE B 449 -31.40 30.21 -23.97
C PHE B 449 -31.06 30.32 -25.46
N ASP B 450 -32.08 30.13 -26.32
CA ASP B 450 -31.93 30.26 -27.79
C ASP B 450 -31.36 31.66 -28.10
N ALA B 451 -31.87 32.71 -27.46
CA ALA B 451 -31.42 34.11 -27.67
C ALA B 451 -29.95 34.20 -27.29
N SER B 452 -29.57 33.58 -26.16
CA SER B 452 -28.17 33.59 -25.66
C SER B 452 -27.27 32.91 -26.69
N VAL B 453 -27.68 31.76 -27.22
CA VAL B 453 -26.86 30.99 -28.20
C VAL B 453 -26.65 31.88 -29.44
N LYS B 454 -27.72 32.52 -29.92
CA LYS B 454 -27.69 33.28 -31.19
C LYS B 454 -26.77 34.50 -31.02
N LEU B 455 -26.89 35.19 -29.87
CA LEU B 455 -26.05 36.38 -29.58
C LEU B 455 -24.58 35.92 -29.43
N ALA B 456 -24.36 34.75 -28.83
CA ALA B 456 -23.01 34.19 -28.64
C ALA B 456 -22.40 33.92 -30.00
N LEU B 457 -23.20 33.44 -30.96
CA LEU B 457 -22.71 33.21 -32.34
C LEU B 457 -22.32 34.54 -32.97
N LYS B 458 -23.15 35.58 -32.77
CA LYS B 458 -22.81 36.95 -33.27
C LYS B 458 -21.47 37.42 -32.68
N ILE B 459 -21.25 37.19 -31.38
CA ILE B 459 -20.03 37.69 -30.68
C ILE B 459 -18.81 36.88 -31.16
N LYS B 460 -19.00 35.58 -31.42
CA LYS B 460 -17.90 34.74 -31.97
C LYS B 460 -17.53 35.29 -33.34
N ALA B 461 -18.50 35.62 -34.20
CA ALA B 461 -18.25 36.11 -35.58
C ALA B 461 -17.38 37.38 -35.52
N ALA B 462 -17.70 38.29 -34.61
CA ALA B 462 -17.02 39.60 -34.46
C ALA B 462 -15.73 39.49 -33.65
N SER B 463 -15.44 38.37 -32.99
CA SER B 463 -14.15 38.14 -32.31
C SER B 463 -12.99 38.37 -33.29
N SER B 464 -11.87 38.92 -32.81
CA SER B 464 -10.63 39.10 -33.59
C SER B 464 -9.79 37.82 -33.54
N GLY B 465 -9.73 37.15 -32.38
CA GLY B 465 -8.93 35.92 -32.17
C GLY B 465 -9.77 34.66 -32.12
N THR B 466 -9.16 33.54 -31.72
CA THR B 466 -9.83 32.22 -31.61
C THR B 466 -10.00 31.85 -30.13
N LYS B 467 -9.26 32.46 -29.20
CA LYS B 467 -9.30 31.99 -27.79
C LYS B 467 -10.42 32.73 -27.04
N LEU B 468 -10.82 32.15 -25.91
CA LEU B 468 -11.99 32.57 -25.10
C LEU B 468 -11.75 33.99 -24.56
N LYS B 469 -10.51 34.40 -24.32
CA LYS B 469 -10.19 35.77 -23.83
C LYS B 469 -10.65 36.82 -24.87
N ASP B 470 -10.45 36.57 -26.16
CA ASP B 470 -10.84 37.49 -27.26
C ASP B 470 -12.37 37.57 -27.32
N PHE B 471 -13.04 36.43 -27.14
CA PHE B 471 -14.51 36.35 -27.13
C PHE B 471 -15.06 37.22 -25.98
N VAL B 472 -14.51 37.08 -24.78
CA VAL B 472 -14.99 37.85 -23.59
C VAL B 472 -14.67 39.33 -23.79
N ALA B 473 -13.53 39.65 -24.40
CA ALA B 473 -13.13 41.05 -24.67
C ALA B 473 -14.18 41.68 -25.57
N THR B 474 -14.49 41.06 -26.70
CA THR B 474 -15.54 41.54 -27.65
C THR B 474 -16.89 41.65 -26.92
N MET B 475 -17.22 40.68 -26.08
CA MET B 475 -18.56 40.57 -25.45
C MET B 475 -18.76 41.72 -24.45
N ASN B 476 -17.71 42.15 -23.74
CA ASN B 476 -17.84 43.26 -22.75
C ASN B 476 -17.48 44.62 -23.37
N GLY B 477 -16.64 44.63 -24.41
CA GLY B 477 -16.00 45.85 -24.94
C GLY B 477 -16.41 46.16 -26.37
N ASP B 478 -17.53 45.59 -26.84
CA ASP B 478 -18.16 45.94 -28.13
C ASP B 478 -19.62 46.32 -27.82
N GLU B 479 -20.02 47.56 -28.12
CA GLU B 479 -21.27 48.13 -27.55
C GLU B 479 -22.51 47.58 -28.29
N LYS B 480 -22.34 47.10 -29.53
CA LYS B 480 -23.42 46.47 -30.33
C LYS B 480 -24.05 45.35 -29.49
N PHE B 481 -23.21 44.47 -28.97
CA PHE B 481 -23.62 43.29 -28.17
C PHE B 481 -24.14 43.74 -26.82
N GLN B 482 -23.63 44.84 -26.27
CA GLN B 482 -24.03 45.38 -24.95
C GLN B 482 -25.55 45.66 -24.92
N SER B 483 -26.08 46.21 -26.02
CA SER B 483 -27.52 46.53 -26.17
C SER B 483 -28.35 45.24 -26.04
N GLU B 484 -28.01 44.22 -26.80
CA GLU B 484 -28.82 42.98 -26.86
C GLU B 484 -28.60 42.18 -25.56
N ILE B 485 -27.43 42.27 -24.95
CA ILE B 485 -27.17 41.68 -23.60
C ILE B 485 -28.16 42.28 -22.60
N LYS B 486 -28.30 43.61 -22.58
CA LYS B 486 -29.19 44.28 -21.61
C LYS B 486 -30.64 43.83 -21.86
N LYS B 487 -31.03 43.68 -23.13
CA LYS B 487 -32.42 43.30 -23.51
C LYS B 487 -32.70 41.90 -22.94
N ILE B 488 -31.81 40.95 -23.19
CA ILE B 488 -32.09 39.58 -22.69
C ILE B 488 -31.98 39.51 -21.16
N ARG B 489 -30.99 40.17 -20.56
CA ARG B 489 -30.94 40.19 -19.07
C ARG B 489 -32.27 40.74 -18.53
N GLY B 490 -32.78 41.80 -19.16
CA GLY B 490 -34.04 42.45 -18.77
C GLY B 490 -35.21 41.48 -18.85
N GLU B 491 -35.31 40.74 -19.97
CA GLU B 491 -36.39 39.74 -20.17
C GLU B 491 -36.26 38.68 -19.08
N VAL B 492 -35.04 38.19 -18.83
CA VAL B 492 -34.78 37.15 -17.80
C VAL B 492 -35.27 37.66 -16.44
N GLU B 493 -34.85 38.88 -16.05
CA GLU B 493 -35.12 39.40 -14.69
C GLU B 493 -36.60 39.69 -14.55
N GLU B 494 -37.22 40.35 -15.54
CA GLU B 494 -38.66 40.72 -15.48
C GLU B 494 -39.46 39.43 -15.32
N TYR B 495 -38.99 38.33 -15.91
CA TYR B 495 -39.70 37.04 -15.84
C TYR B 495 -39.50 36.43 -14.45
N ALA B 496 -38.25 36.32 -14.00
CA ALA B 496 -37.91 35.62 -12.73
C ALA B 496 -38.56 36.35 -11.55
N LYS B 497 -38.45 37.70 -11.50
CA LYS B 497 -38.89 38.52 -10.34
C LYS B 497 -40.37 38.27 -10.01
N GLN B 498 -41.18 37.82 -10.97
CA GLN B 498 -42.64 37.61 -10.76
C GLN B 498 -42.85 36.48 -9.75
N PHE B 499 -41.93 35.52 -9.69
CA PHE B 499 -42.10 34.27 -8.91
C PHE B 499 -41.70 34.49 -7.46
N PRO B 500 -42.25 33.70 -6.52
CA PRO B 500 -41.92 33.81 -5.11
C PRO B 500 -40.42 33.58 -4.82
N THR B 501 -39.92 34.28 -3.82
CA THR B 501 -38.58 34.08 -3.26
C THR B 501 -38.67 32.91 -2.27
N ILE B 502 -37.67 32.03 -2.28
CA ILE B 502 -37.68 30.85 -1.39
C ILE B 502 -36.72 31.08 -0.24
N GLY B 503 -37.26 31.06 0.97
CA GLY B 503 -36.50 31.10 2.25
C GLY B 503 -36.39 32.50 2.83
N PHE B 504 -36.92 33.52 2.15
CA PHE B 504 -36.95 34.91 2.67
C PHE B 504 -38.11 35.67 2.03
N GLU B 505 -38.40 36.85 2.56
CA GLU B 505 -39.47 37.73 2.06
C GLU B 505 -38.88 38.80 1.16
N LYS B 506 -39.50 38.98 -0.01
CA LYS B 506 -39.16 40.03 -1.00
C LYS B 506 -39.22 41.40 -0.31
N GLU B 507 -40.14 41.57 0.65
CA GLU B 507 -40.44 42.86 1.33
C GLU B 507 -39.17 43.38 2.03
N THR B 508 -38.45 42.50 2.72
CA THR B 508 -37.20 42.81 3.44
C THR B 508 -36.00 42.31 2.61
N MET B 509 -35.72 43.00 1.51
N MET B 509 -35.74 43.01 1.50
CA MET B 509 -34.54 42.77 0.65
CA MET B 509 -34.54 42.79 0.70
C MET B 509 -33.82 44.10 0.48
C MET B 509 -33.84 44.13 0.57
N LYS B 510 -32.65 44.25 1.09
CA LYS B 510 -31.82 45.47 0.94
C LYS B 510 -31.67 45.84 -0.54
N TYR B 511 -31.62 44.87 -1.46
CA TYR B 511 -31.42 45.16 -2.92
C TYR B 511 -32.65 44.75 -3.72
N LYS B 512 -33.76 45.47 -3.48
CA LYS B 512 -35.09 45.14 -4.05
C LYS B 512 -35.18 45.61 -5.51
N ASN B 513 -34.38 46.58 -5.98
CA ASN B 513 -34.55 47.11 -7.36
C ASN B 513 -33.24 47.70 -7.89
N SER C 39 27.34 -32.98 -38.53
CA SER C 39 26.74 -31.96 -37.58
C SER C 39 26.27 -32.65 -36.29
N ARG C 40 25.74 -33.87 -36.41
CA ARG C 40 24.89 -34.53 -35.38
C ARG C 40 25.78 -34.97 -34.20
N VAL C 41 26.92 -35.62 -34.46
CA VAL C 41 27.80 -36.11 -33.35
C VAL C 41 28.78 -35.00 -32.95
N LYS C 42 29.02 -34.02 -33.82
CA LYS C 42 29.89 -32.86 -33.50
C LYS C 42 29.32 -32.08 -32.30
N TRP C 43 28.02 -31.81 -32.28
CA TRP C 43 27.39 -31.01 -31.18
C TRP C 43 27.27 -31.87 -29.91
N THR C 44 27.17 -33.19 -30.09
CA THR C 44 27.13 -34.14 -28.95
C THR C 44 28.51 -34.15 -28.27
N LYS C 45 29.59 -34.05 -29.06
CA LYS C 45 30.95 -34.02 -28.50
C LYS C 45 31.20 -32.64 -27.89
N GLN C 46 30.65 -31.57 -28.47
CA GLN C 46 30.72 -30.20 -27.88
C GLN C 46 30.12 -30.23 -26.46
N LEU C 47 29.01 -30.93 -26.28
CA LEU C 47 28.32 -31.02 -24.96
C LEU C 47 29.17 -31.81 -23.95
N ASN C 48 29.90 -32.85 -24.38
CA ASN C 48 30.65 -33.73 -23.46
C ASN C 48 32.12 -33.32 -23.35
N ALA C 49 32.53 -32.33 -24.12
CA ALA C 49 33.92 -31.83 -24.05
C ALA C 49 34.14 -31.23 -22.67
N PRO C 50 35.33 -31.37 -22.05
CA PRO C 50 35.56 -30.78 -20.74
C PRO C 50 35.75 -29.26 -20.79
N LEU C 51 35.72 -28.63 -19.61
CA LEU C 51 35.86 -27.15 -19.49
C LEU C 51 37.17 -26.68 -20.09
N GLU C 52 38.26 -27.42 -19.88
CA GLU C 52 39.59 -27.03 -20.39
C GLU C 52 39.64 -26.99 -21.92
N GLU C 53 38.82 -27.79 -22.62
CA GLU C 53 38.85 -27.81 -24.11
C GLU C 53 37.88 -26.79 -24.69
N ILE C 54 36.69 -26.60 -24.10
CA ILE C 54 35.70 -25.70 -24.75
C ILE C 54 35.94 -24.23 -24.39
N ASP C 55 36.30 -23.95 -23.15
CA ASP C 55 36.44 -22.54 -22.69
C ASP C 55 37.72 -22.35 -21.88
N PRO C 56 38.87 -22.18 -22.53
CA PRO C 56 40.14 -21.98 -21.82
C PRO C 56 40.13 -20.78 -20.87
N GLU C 57 39.44 -19.69 -21.23
CA GLU C 57 39.49 -18.43 -20.45
C GLU C 57 38.75 -18.61 -19.12
N ILE C 58 37.60 -19.27 -19.10
CA ILE C 58 36.87 -19.51 -17.82
C ILE C 58 37.66 -20.55 -17.00
N ALA C 59 38.17 -21.61 -17.64
CA ALA C 59 38.97 -22.65 -16.95
C ALA C 59 40.17 -21.97 -16.28
N ASP C 60 40.75 -20.98 -16.96
CA ASP C 60 41.94 -20.25 -16.49
C ASP C 60 41.54 -19.32 -15.34
N ILE C 61 40.39 -18.65 -15.43
CA ILE C 61 39.89 -17.77 -14.33
C ILE C 61 39.68 -18.65 -13.08
N ILE C 62 39.14 -19.84 -13.25
CA ILE C 62 38.90 -20.77 -12.10
C ILE C 62 40.26 -21.17 -11.51
N GLU C 63 41.25 -21.48 -12.34
CA GLU C 63 42.60 -21.89 -11.87
C GLU C 63 43.22 -20.73 -11.09
N LEU C 64 43.08 -19.49 -11.59
CA LEU C 64 43.55 -18.28 -10.89
C LEU C 64 42.90 -18.20 -9.51
N GLU C 65 41.58 -18.39 -9.44
CA GLU C 65 40.80 -18.26 -8.17
C GLU C 65 41.24 -19.36 -7.21
N LYS C 66 41.52 -20.56 -7.73
CA LYS C 66 42.03 -21.69 -6.90
C LYS C 66 43.34 -21.24 -6.25
N ALA C 67 44.26 -20.67 -7.03
CA ALA C 67 45.55 -20.18 -6.53
C ALA C 67 45.30 -19.13 -5.45
N ARG C 68 44.35 -18.22 -5.67
CA ARG C 68 44.10 -17.07 -4.76
C ARG C 68 43.56 -17.60 -3.43
N GLN C 69 42.68 -18.62 -3.47
CA GLN C 69 42.11 -19.26 -2.25
C GLN C 69 43.20 -20.04 -1.51
N TRP C 70 44.20 -20.55 -2.23
CA TRP C 70 45.30 -21.35 -1.65
C TRP C 70 46.28 -20.42 -0.93
N LYS C 71 46.64 -19.31 -1.55
CA LYS C 71 47.75 -18.44 -1.11
C LYS C 71 47.27 -17.39 -0.12
N GLY C 72 45.96 -17.25 0.12
CA GLY C 72 45.38 -16.08 0.82
C GLY C 72 44.87 -16.38 2.22
N PHE C 73 44.90 -15.37 3.08
CA PHE C 73 44.16 -15.35 4.37
C PHE C 73 42.70 -14.95 4.15
N GLU C 74 41.79 -15.87 4.43
CA GLU C 74 40.34 -15.61 4.32
C GLU C 74 39.80 -15.35 5.72
N LEU C 75 39.58 -14.08 6.07
CA LEU C 75 39.05 -13.71 7.41
C LEU C 75 37.62 -13.15 7.30
N ILE C 76 37.02 -13.18 6.12
CA ILE C 76 35.61 -12.72 5.93
C ILE C 76 34.70 -13.77 6.55
N PRO C 77 33.96 -13.46 7.63
CA PRO C 77 33.25 -14.48 8.39
C PRO C 77 32.06 -15.13 7.68
N SER C 78 31.57 -14.52 6.61
CA SER C 78 30.47 -15.06 5.77
C SER C 78 31.02 -16.04 4.72
N GLU C 79 32.35 -16.10 4.57
CA GLU C 79 33.00 -16.96 3.55
C GLU C 79 33.47 -18.26 4.18
N ASN C 80 33.55 -19.30 3.36
CA ASN C 80 34.04 -20.61 3.82
C ASN C 80 34.55 -21.40 2.60
N PHE C 81 35.11 -22.57 2.84
CA PHE C 81 35.55 -23.49 1.77
C PHE C 81 34.64 -24.70 1.77
N THR C 82 33.89 -24.88 0.69
CA THR C 82 32.90 -25.97 0.58
C THR C 82 33.64 -27.25 0.18
N SER C 83 33.15 -28.37 0.69
CA SER C 83 33.76 -29.71 0.50
C SER C 83 33.71 -30.10 -0.97
N LEU C 84 34.60 -31.00 -1.39
CA LEU C 84 34.59 -31.56 -2.77
C LEU C 84 33.30 -32.36 -2.98
N SER C 85 32.84 -33.08 -1.96
CA SER C 85 31.59 -33.88 -2.03
C SER C 85 30.41 -32.98 -2.43
N VAL C 86 30.25 -31.87 -1.72
CA VAL C 86 29.16 -30.89 -1.99
C VAL C 86 29.30 -30.37 -3.42
N MET C 87 30.52 -30.00 -3.82
CA MET C 87 30.75 -29.37 -5.16
C MET C 87 30.44 -30.39 -6.25
N GLN C 88 30.76 -31.67 -6.03
CA GLN C 88 30.49 -32.75 -7.03
C GLN C 88 28.98 -32.92 -7.18
N ALA C 89 28.22 -32.84 -6.08
CA ALA C 89 26.75 -32.96 -6.14
C ALA C 89 26.18 -31.70 -6.81
N VAL C 90 26.72 -30.52 -6.52
CA VAL C 90 26.19 -29.24 -7.08
C VAL C 90 26.41 -29.25 -8.60
N GLY C 91 27.54 -29.78 -9.06
CA GLY C 91 27.88 -29.82 -10.50
C GLY C 91 27.43 -31.11 -11.16
N SER C 92 26.42 -31.81 -10.62
CA SER C 92 25.89 -33.07 -11.18
C SER C 92 24.77 -32.81 -12.20
N VAL C 93 24.23 -33.87 -12.78
CA VAL C 93 23.15 -33.79 -13.82
C VAL C 93 21.80 -33.56 -13.13
N MET C 94 21.77 -33.45 -11.80
CA MET C 94 20.50 -33.17 -11.08
C MET C 94 19.98 -31.80 -11.56
N THR C 95 20.85 -30.92 -12.05
CA THR C 95 20.47 -29.59 -12.60
C THR C 95 19.53 -29.74 -13.80
N ASN C 96 19.40 -30.93 -14.41
CA ASN C 96 18.61 -31.09 -15.65
C ASN C 96 17.13 -31.23 -15.34
N LYS C 97 16.76 -31.74 -14.16
CA LYS C 97 15.37 -32.12 -13.87
C LYS C 97 14.54 -30.93 -13.41
N TYR C 98 13.40 -30.69 -14.04
CA TYR C 98 12.41 -29.68 -13.59
C TYR C 98 11.40 -30.39 -12.70
N SER C 99 11.21 -29.92 -11.46
CA SER C 99 10.34 -30.58 -10.46
C SER C 99 9.50 -29.56 -9.70
N GLU C 100 8.72 -28.77 -10.45
CA GLU C 100 7.80 -27.77 -9.85
C GLU C 100 6.92 -28.48 -8.81
N GLY C 101 6.77 -27.88 -7.63
CA GLY C 101 5.97 -28.44 -6.52
C GLY C 101 6.84 -29.07 -5.44
N TYR C 102 6.26 -30.02 -4.72
CA TYR C 102 6.87 -30.65 -3.54
C TYR C 102 6.75 -32.17 -3.66
N PRO C 103 7.62 -32.92 -2.95
CA PRO C 103 7.59 -34.37 -2.96
C PRO C 103 6.16 -34.92 -2.76
N GLY C 104 5.76 -35.81 -3.67
CA GLY C 104 4.42 -36.42 -3.65
C GLY C 104 3.32 -35.47 -4.13
N ALA C 105 3.65 -34.23 -4.49
CA ALA C 105 2.66 -33.29 -5.07
C ALA C 105 3.35 -32.41 -6.12
N ARG C 106 3.95 -33.04 -7.12
CA ARG C 106 4.68 -32.37 -8.23
C ARG C 106 3.75 -32.17 -9.43
N TYR C 107 4.10 -31.24 -10.31
CA TYR C 107 3.32 -30.92 -11.53
C TYR C 107 3.88 -31.73 -12.68
N TYR C 108 5.18 -32.06 -12.68
CA TYR C 108 5.87 -32.79 -13.77
C TYR C 108 6.12 -34.24 -13.35
N GLY C 109 6.16 -35.15 -14.34
CA GLY C 109 6.46 -36.57 -14.10
C GLY C 109 7.94 -36.87 -14.26
N GLY C 110 8.40 -38.00 -13.73
CA GLY C 110 9.80 -38.44 -13.83
C GLY C 110 10.63 -37.91 -12.68
N ASN C 111 10.02 -37.69 -11.51
CA ASN C 111 10.69 -37.05 -10.36
C ASN C 111 10.89 -38.08 -9.23
N GLU C 112 10.95 -39.37 -9.52
CA GLU C 112 11.02 -40.40 -8.44
C GLU C 112 12.32 -40.20 -7.64
N TYR C 113 13.43 -39.98 -8.33
CA TYR C 113 14.78 -39.84 -7.71
C TYR C 113 14.93 -38.44 -7.13
N ILE C 114 14.41 -37.42 -7.80
CA ILE C 114 14.40 -36.03 -7.28
C ILE C 114 13.58 -36.00 -6.00
N ASP C 115 12.45 -36.71 -5.97
CA ASP C 115 11.62 -36.83 -4.74
C ASP C 115 12.46 -37.48 -3.63
N MET C 116 13.22 -38.53 -3.97
CA MET C 116 14.08 -39.22 -2.98
C MET C 116 15.06 -38.19 -2.41
N ALA C 117 15.72 -37.41 -3.26
CA ALA C 117 16.78 -36.45 -2.84
C ALA C 117 16.18 -35.37 -1.96
N GLU C 118 15.03 -34.81 -2.34
CA GLU C 118 14.42 -33.68 -1.60
C GLU C 118 13.88 -34.20 -0.25
N ARG C 119 13.29 -35.39 -0.23
CA ARG C 119 12.77 -35.97 1.03
C ARG C 119 13.95 -36.24 1.97
N LEU C 120 15.05 -36.75 1.42
CA LEU C 120 16.26 -37.05 2.22
C LEU C 120 16.81 -35.73 2.77
N CYS C 121 16.80 -34.68 1.94
CA CYS C 121 17.33 -33.35 2.32
C CYS C 121 16.51 -32.80 3.49
N GLN C 122 15.18 -32.87 3.41
CA GLN C 122 14.26 -32.42 4.48
C GLN C 122 14.54 -33.22 5.76
N LYS C 123 14.59 -34.55 5.63
CA LYS C 123 14.81 -35.45 6.78
C LYS C 123 16.12 -35.05 7.47
N ARG C 124 17.20 -34.89 6.70
CA ARG C 124 18.55 -34.61 7.24
C ARG C 124 18.61 -33.21 7.82
N ALA C 125 17.88 -32.24 7.23
CA ALA C 125 17.80 -30.85 7.74
C ALA C 125 17.18 -30.87 9.14
N LEU C 126 16.01 -31.48 9.29
CA LEU C 126 15.34 -31.57 10.62
C LEU C 126 16.29 -32.33 11.58
N GLU C 127 17.00 -33.34 11.08
CA GLU C 127 17.90 -34.22 11.88
C GLU C 127 19.12 -33.43 12.37
N ALA C 128 19.69 -32.52 11.57
CA ALA C 128 20.93 -31.79 11.93
C ALA C 128 20.69 -30.90 13.14
N PHE C 129 19.50 -30.31 13.27
CA PHE C 129 19.22 -29.31 14.33
C PHE C 129 18.31 -29.92 15.41
N ASN C 130 18.20 -31.25 15.44
CA ASN C 130 17.53 -32.02 16.52
C ASN C 130 16.06 -31.58 16.58
N LEU C 131 15.33 -31.76 15.50
CA LEU C 131 13.94 -31.24 15.36
C LEU C 131 12.98 -32.41 15.18
N ASP C 132 11.99 -32.47 16.07
CA ASP C 132 10.84 -33.41 15.98
C ASP C 132 10.06 -33.09 14.71
N PRO C 133 9.99 -34.00 13.72
CA PRO C 133 9.30 -33.71 12.46
C PRO C 133 7.81 -33.39 12.60
N SER C 134 7.18 -33.67 13.75
CA SER C 134 5.75 -33.32 13.94
C SER C 134 5.62 -31.93 14.56
N LYS C 135 6.73 -31.39 15.10
CA LYS C 135 6.77 -30.04 15.72
C LYS C 135 7.34 -29.02 14.71
N TRP C 136 8.27 -29.44 13.85
CA TRP C 136 8.99 -28.55 12.91
C TRP C 136 8.91 -29.10 11.49
N GLY C 137 8.77 -28.22 10.51
CA GLY C 137 8.85 -28.53 9.08
C GLY C 137 9.91 -27.68 8.43
N VAL C 138 10.36 -28.06 7.24
CA VAL C 138 11.48 -27.35 6.57
C VAL C 138 11.22 -27.27 5.06
N ASN C 139 11.52 -26.11 4.49
CA ASN C 139 11.52 -25.87 3.03
C ASN C 139 12.96 -25.69 2.60
N VAL C 140 13.45 -26.56 1.72
CA VAL C 140 14.86 -26.53 1.26
C VAL C 140 14.94 -26.03 -0.19
N GLN C 141 13.88 -25.43 -0.74
CA GLN C 141 13.87 -24.97 -2.14
C GLN C 141 14.34 -23.51 -2.28
N SER C 142 14.47 -22.80 -1.16
N SER C 142 14.45 -22.78 -1.17
CA SER C 142 14.82 -21.37 -1.18
CA SER C 142 14.79 -21.34 -1.19
C SER C 142 16.21 -21.16 -1.79
C SER C 142 16.19 -21.15 -1.78
N LEU C 143 16.32 -20.24 -2.74
CA LEU C 143 17.52 -20.13 -3.60
C LEU C 143 18.67 -19.45 -2.86
N SER C 144 18.41 -18.56 -1.91
CA SER C 144 19.47 -17.88 -1.11
C SER C 144 18.87 -17.17 0.09
N GLY C 145 19.70 -16.62 0.97
CA GLY C 145 19.27 -16.02 2.24
C GLY C 145 18.28 -14.88 2.06
N SER C 146 18.60 -13.90 1.21
CA SER C 146 17.77 -12.68 1.05
C SER C 146 16.40 -13.09 0.55
N PRO C 147 16.28 -13.85 -0.56
CA PRO C 147 14.96 -14.31 -0.98
C PRO C 147 14.24 -15.17 0.06
N ALA C 148 14.96 -15.93 0.90
CA ALA C 148 14.36 -16.81 1.92
C ALA C 148 13.58 -15.94 2.92
N ASN C 149 14.22 -14.87 3.40
CA ASN C 149 13.56 -13.94 4.34
C ASN C 149 12.37 -13.30 3.64
N PHE C 150 12.53 -12.86 2.39
CA PHE C 150 11.44 -12.17 1.67
C PHE C 150 10.26 -13.12 1.52
N GLN C 151 10.53 -14.40 1.30
CA GLN C 151 9.49 -15.44 1.20
C GLN C 151 8.77 -15.58 2.56
N VAL C 152 9.50 -15.56 3.67
CA VAL C 152 8.86 -15.63 5.01
C VAL C 152 7.93 -14.42 5.17
N TYR C 153 8.39 -13.21 4.85
CA TYR C 153 7.56 -11.99 5.02
C TYR C 153 6.33 -12.11 4.13
N THR C 154 6.51 -12.51 2.87
CA THR C 154 5.38 -12.65 1.91
C THR C 154 4.38 -13.69 2.43
N ALA C 155 4.85 -14.77 3.03
CA ALA C 155 3.98 -15.87 3.54
C ALA C 155 3.18 -15.38 4.74
N LEU C 156 3.81 -14.73 5.70
CA LEU C 156 3.22 -14.54 7.05
C LEU C 156 2.67 -13.11 7.20
N LEU C 157 3.06 -12.15 6.36
CA LEU C 157 2.64 -10.74 6.54
C LEU C 157 1.89 -10.25 5.30
N LYS C 158 0.86 -9.44 5.48
CA LYS C 158 0.25 -8.65 4.39
C LYS C 158 1.24 -7.54 4.03
N PRO C 159 1.22 -7.04 2.77
CA PRO C 159 2.10 -5.94 2.41
C PRO C 159 1.93 -4.76 3.38
N HIS C 160 3.03 -4.05 3.66
CA HIS C 160 3.07 -2.84 4.53
C HIS C 160 2.93 -3.19 6.02
N GLU C 161 2.84 -4.47 6.39
CA GLU C 161 2.83 -4.85 7.82
C GLU C 161 4.26 -4.74 8.37
N ARG C 162 4.40 -4.78 9.69
CA ARG C 162 5.55 -4.14 10.38
C ARG C 162 6.56 -5.20 10.80
N ILE C 163 7.83 -4.88 10.56
CA ILE C 163 8.99 -5.73 10.93
C ILE C 163 9.93 -4.92 11.81
N MET C 164 10.43 -5.52 12.87
CA MET C 164 11.62 -4.98 13.58
C MET C 164 12.79 -5.93 13.36
N ALA C 165 13.98 -5.37 13.16
CA ALA C 165 15.22 -6.13 12.92
C ALA C 165 16.42 -5.30 13.38
N LEU C 166 17.57 -5.96 13.56
CA LEU C 166 18.79 -5.26 14.03
C LEU C 166 19.28 -4.34 12.90
N ASP C 167 19.49 -3.07 13.23
CA ASP C 167 19.88 -2.01 12.26
C ASP C 167 21.13 -2.48 11.50
N LEU C 168 21.24 -2.14 10.20
CA LEU C 168 22.38 -2.60 9.35
C LEU C 168 23.71 -2.10 9.89
N PRO C 169 23.93 -0.78 10.16
CA PRO C 169 25.20 -0.32 10.73
C PRO C 169 25.48 -0.82 12.16
N HIS C 170 24.63 -1.70 12.69
CA HIS C 170 24.76 -2.29 14.05
C HIS C 170 24.89 -3.81 13.94
N GLY C 171 24.92 -4.37 12.73
CA GLY C 171 25.19 -5.80 12.51
C GLY C 171 24.05 -6.55 11.82
N GLY C 172 23.03 -5.85 11.33
CA GLY C 172 21.89 -6.49 10.66
C GLY C 172 22.20 -6.78 9.21
N HIS C 173 21.34 -7.55 8.54
CA HIS C 173 21.45 -7.82 7.09
C HIS C 173 20.45 -6.96 6.30
N LEU C 174 20.74 -6.67 5.04
CA LEU C 174 19.84 -5.90 4.15
C LEU C 174 18.47 -6.60 4.03
N SER C 175 18.42 -7.92 4.04
CA SER C 175 17.14 -8.68 3.89
C SER C 175 16.26 -8.53 5.14
N HIS C 176 16.67 -7.74 6.13
CA HIS C 176 15.84 -7.38 7.30
C HIS C 176 15.10 -6.05 7.06
N GLY C 177 15.43 -5.34 5.97
CA GLY C 177 15.03 -3.94 5.80
C GLY C 177 16.21 -3.01 6.05
N TYR C 178 16.22 -1.90 5.34
CA TYR C 178 17.17 -0.78 5.49
C TYR C 178 16.72 0.37 4.58
N GLN C 179 16.57 1.55 5.16
CA GLN C 179 16.36 2.81 4.41
C GLN C 179 17.25 3.87 5.07
N THR C 180 17.93 4.70 4.29
CA THR C 180 18.77 5.80 4.84
C THR C 180 17.85 6.99 5.13
N ASP C 181 18.45 8.15 5.42
CA ASP C 181 17.77 9.47 5.50
C ASP C 181 17.06 9.77 4.16
N THR C 182 17.45 9.13 3.05
CA THR C 182 17.23 9.64 1.68
C THR C 182 16.57 8.57 0.79
N LYS C 183 16.85 7.27 0.98
CA LYS C 183 16.52 6.24 -0.03
C LYS C 183 16.05 4.94 0.64
N LYS C 184 15.15 4.21 -0.02
CA LYS C 184 14.81 2.81 0.35
C LYS C 184 15.83 1.87 -0.31
N ILE C 185 16.69 1.24 0.46
CA ILE C 185 17.81 0.43 -0.09
C ILE C 185 17.30 -0.99 -0.33
N SER C 186 16.85 -1.65 0.73
CA SER C 186 16.31 -3.03 0.66
C SER C 186 14.85 -2.98 0.24
N ALA C 187 14.44 -3.88 -0.63
CA ALA C 187 13.04 -4.00 -1.08
C ALA C 187 12.15 -4.44 0.08
N VAL C 188 12.70 -5.05 1.13
CA VAL C 188 11.89 -5.38 2.33
C VAL C 188 11.30 -4.08 2.88
N SER C 189 12.06 -2.98 2.85
CA SER C 189 11.59 -1.64 3.29
C SER C 189 10.57 -1.05 2.29
N ILE C 190 10.59 -1.48 1.04
CA ILE C 190 9.62 -1.01 0.01
C ILE C 190 8.26 -1.67 0.25
N PHE C 191 8.23 -2.98 0.44
CA PHE C 191 6.98 -3.77 0.44
C PHE C 191 6.47 -3.96 1.88
N PHE C 192 7.33 -3.75 2.89
CA PHE C 192 6.92 -3.83 4.31
C PHE C 192 7.43 -2.60 5.05
N GLU C 193 6.83 -2.32 6.20
CA GLU C 193 7.24 -1.20 7.07
C GLU C 193 8.23 -1.71 8.11
N THR C 194 9.46 -1.22 8.06
CA THR C 194 10.58 -1.72 8.88
C THR C 194 11.06 -0.62 9.81
N MET C 195 11.30 -0.98 11.06
CA MET C 195 11.95 -0.11 12.07
C MET C 195 13.06 -0.91 12.72
N PRO C 196 14.26 -0.30 12.85
CA PRO C 196 15.39 -0.98 13.48
C PRO C 196 15.40 -0.90 15.01
N TYR C 197 16.04 -1.91 15.62
CA TYR C 197 16.50 -1.84 17.04
C TYR C 197 18.02 -1.84 17.03
N ARG C 198 18.63 -1.12 17.98
CA ARG C 198 20.07 -0.76 17.90
C ARG C 198 20.84 -1.42 19.05
N LEU C 199 22.16 -1.41 18.94
CA LEU C 199 23.07 -1.76 20.06
C LEU C 199 23.00 -0.67 21.12
N ASP C 200 23.32 -1.04 22.36
CA ASP C 200 23.69 -0.09 23.44
C ASP C 200 25.08 0.43 23.10
N GLU C 201 25.19 1.72 22.78
CA GLU C 201 26.45 2.30 22.22
C GLU C 201 27.62 2.06 23.17
N SER C 202 27.37 1.97 24.48
CA SER C 202 28.44 1.90 25.50
C SER C 202 28.87 0.45 25.75
N THR C 203 27.97 -0.53 25.68
CA THR C 203 28.30 -1.95 25.98
C THR C 203 28.57 -2.78 24.72
N GLY C 204 28.03 -2.41 23.56
CA GLY C 204 28.23 -3.12 22.30
C GLY C 204 27.35 -4.37 22.16
N TYR C 205 26.50 -4.65 23.15
CA TYR C 205 25.45 -5.68 23.07
C TYR C 205 24.13 -5.05 22.62
N ILE C 206 23.20 -5.88 22.18
CA ILE C 206 21.84 -5.42 21.76
C ILE C 206 21.14 -4.81 22.96
N ASP C 207 20.57 -3.62 22.78
CA ASP C 207 19.77 -2.92 23.82
C ASP C 207 18.33 -3.47 23.80
N TYR C 208 18.07 -4.48 24.62
CA TYR C 208 16.76 -5.18 24.66
C TYR C 208 15.74 -4.29 25.41
N GLU C 209 16.22 -3.38 26.26
CA GLU C 209 15.31 -2.47 27.01
C GLU C 209 14.72 -1.42 26.05
N GLN C 210 15.51 -0.99 25.06
CA GLN C 210 15.09 0.02 24.06
C GLN C 210 14.27 -0.70 22.98
N MET C 211 14.60 -1.95 22.69
CA MET C 211 13.86 -2.74 21.68
C MET C 211 12.45 -3.01 22.20
N GLU C 212 12.30 -3.40 23.46
CA GLU C 212 10.97 -3.72 24.06
C GLU C 212 10.10 -2.46 24.04
N LYS C 213 10.69 -1.32 24.41
CA LYS C 213 9.98 -0.01 24.47
C LYS C 213 9.53 0.36 23.07
N SER C 214 10.47 0.43 22.13
CA SER C 214 10.26 0.57 20.67
C SER C 214 9.08 -0.29 20.19
N ALA C 215 9.08 -1.56 20.62
CA ALA C 215 8.13 -2.57 20.13
C ALA C 215 6.73 -2.22 20.63
N VAL C 216 6.60 -1.77 21.88
CA VAL C 216 5.23 -1.44 22.40
C VAL C 216 4.66 -0.31 21.54
N LEU C 217 5.50 0.64 21.15
CA LEU C 217 5.05 1.82 20.37
C LEU C 217 4.77 1.40 18.91
N PHE C 218 5.63 0.59 18.31
CA PHE C 218 5.67 0.33 16.84
C PHE C 218 4.76 -0.84 16.45
N ARG C 219 4.44 -1.73 17.39
CA ARG C 219 3.45 -2.83 17.18
C ARG C 219 3.89 -3.71 16.02
N PRO C 220 5.10 -4.30 16.05
CA PRO C 220 5.57 -5.10 14.92
C PRO C 220 4.79 -6.43 14.85
N LYS C 221 4.54 -6.93 13.63
CA LYS C 221 3.88 -8.24 13.43
C LYS C 221 4.93 -9.35 13.42
N LEU C 222 6.17 -9.03 13.10
CA LEU C 222 7.30 -9.98 13.09
C LEU C 222 8.56 -9.26 13.59
N ILE C 223 9.39 -9.97 14.36
CA ILE C 223 10.71 -9.48 14.82
C ILE C 223 11.78 -10.47 14.38
N VAL C 224 12.86 -9.93 13.83
CA VAL C 224 14.02 -10.72 13.34
C VAL C 224 15.11 -10.70 14.42
N ALA C 225 15.48 -11.88 14.89
CA ALA C 225 16.65 -12.15 15.76
C ALA C 225 17.69 -12.79 14.87
N GLY C 226 18.65 -12.00 14.43
CA GLY C 226 19.61 -12.46 13.43
C GLY C 226 20.50 -11.32 12.98
N ALA C 227 21.79 -11.60 12.95
CA ALA C 227 22.82 -10.61 12.61
C ALA C 227 23.85 -11.21 11.66
N SER C 228 24.60 -10.32 11.02
N SER C 228 24.58 -10.33 10.99
CA SER C 228 25.78 -10.64 10.20
CA SER C 228 25.79 -10.66 10.19
C SER C 228 27.05 -10.19 10.94
C SER C 228 27.02 -10.22 11.01
N ALA C 229 27.15 -8.92 11.30
CA ALA C 229 28.30 -8.34 12.03
C ALA C 229 27.96 -8.14 13.51
N TYR C 230 27.64 -9.20 14.24
CA TYR C 230 27.45 -9.17 15.72
C TYR C 230 28.34 -10.25 16.37
N ALA C 231 29.09 -9.89 17.41
CA ALA C 231 30.11 -10.76 18.02
C ALA C 231 29.47 -11.70 19.07
N ARG C 232 28.20 -11.50 19.46
CA ARG C 232 27.64 -12.15 20.66
C ARG C 232 26.48 -13.07 20.31
N VAL C 233 26.00 -13.83 21.29
CA VAL C 233 24.84 -14.74 21.08
C VAL C 233 23.55 -14.00 21.45
N TYR C 234 22.49 -14.19 20.66
CA TYR C 234 21.17 -13.56 20.89
C TYR C 234 20.61 -14.07 22.21
N ASP C 235 19.88 -13.21 22.92
CA ASP C 235 19.07 -13.57 24.10
C ASP C 235 17.69 -13.97 23.58
N TYR C 236 17.62 -15.10 22.88
CA TYR C 236 16.41 -15.66 22.26
C TYR C 236 15.28 -15.75 23.28
N ALA C 237 15.58 -16.00 24.56
CA ALA C 237 14.56 -16.08 25.63
C ALA C 237 13.88 -14.72 25.76
N ARG C 238 14.67 -13.65 25.82
CA ARG C 238 14.15 -12.26 25.94
C ARG C 238 13.34 -11.90 24.68
N MET C 239 13.81 -12.34 23.51
CA MET C 239 13.16 -12.06 22.21
C MET C 239 11.80 -12.74 22.20
N ARG C 240 11.75 -13.99 22.68
CA ARG C 240 10.47 -14.76 22.71
C ARG C 240 9.53 -14.02 23.66
N LYS C 241 10.02 -13.50 24.79
CA LYS C 241 9.15 -12.81 25.76
C LYS C 241 8.57 -11.56 25.09
N VAL C 242 9.43 -10.74 24.49
CA VAL C 242 9.01 -9.48 23.80
C VAL C 242 7.98 -9.84 22.71
N CYS C 243 8.19 -10.94 22.01
CA CYS C 243 7.34 -11.35 20.88
C CYS C 243 5.99 -11.82 21.39
N ASP C 244 5.89 -12.72 22.38
CA ASP C 244 4.52 -13.20 22.69
C ASP C 244 3.78 -12.14 23.50
N LYS C 245 4.44 -11.18 24.16
CA LYS C 245 3.76 -9.99 24.74
C LYS C 245 3.17 -9.11 23.62
N GLN C 246 3.96 -8.84 22.57
CA GLN C 246 3.57 -8.00 21.41
C GLN C 246 2.81 -8.82 20.36
N LYS C 247 2.45 -10.07 20.64
CA LYS C 247 1.70 -10.95 19.72
C LYS C 247 2.40 -10.96 18.36
N ALA C 248 3.70 -11.19 18.36
CA ALA C 248 4.57 -11.08 17.17
C ALA C 248 5.20 -12.43 16.83
N ILE C 249 5.62 -12.57 15.59
CA ILE C 249 6.31 -13.79 15.06
C ILE C 249 7.80 -13.63 15.33
N LEU C 250 8.43 -14.64 15.91
CA LEU C 250 9.90 -14.65 16.15
C LEU C 250 10.55 -15.37 14.96
N LEU C 251 11.21 -14.60 14.11
CA LEU C 251 12.05 -15.15 13.04
C LEU C 251 13.49 -15.07 13.49
N ALA C 252 14.22 -16.17 13.40
CA ALA C 252 15.67 -16.22 13.62
C ALA C 252 16.38 -16.31 12.26
N ASP C 253 17.27 -15.36 11.95
CA ASP C 253 18.17 -15.50 10.77
C ASP C 253 19.51 -16.00 11.28
N MET C 254 19.70 -17.32 11.36
CA MET C 254 20.94 -17.90 11.91
C MET C 254 21.97 -18.11 10.80
N ALA C 255 21.90 -17.34 9.71
CA ALA C 255 22.78 -17.51 8.54
C ALA C 255 24.25 -17.62 9.00
N HIS C 256 24.67 -16.74 9.89
CA HIS C 256 26.10 -16.62 10.28
C HIS C 256 26.51 -17.74 11.25
N ILE C 257 25.59 -18.41 11.93
CA ILE C 257 25.97 -19.30 13.05
C ILE C 257 25.35 -20.69 12.89
N SER C 258 24.75 -20.99 11.73
CA SER C 258 23.91 -22.20 11.55
C SER C 258 24.76 -23.44 11.83
N GLY C 259 25.97 -23.50 11.26
CA GLY C 259 26.95 -24.56 11.59
C GLY C 259 27.14 -24.72 13.09
N LEU C 260 27.41 -23.61 13.79
CA LEU C 260 27.64 -23.65 15.24
C LEU C 260 26.43 -24.29 15.93
N VAL C 261 25.20 -24.05 15.47
CA VAL C 261 24.06 -24.60 16.25
C VAL C 261 23.87 -26.06 15.84
N ALA C 262 24.28 -26.48 14.65
CA ALA C 262 24.21 -27.91 14.26
C ALA C 262 25.19 -28.73 15.12
N ALA C 263 26.28 -28.12 15.62
CA ALA C 263 27.35 -28.79 16.38
C ALA C 263 27.18 -28.56 17.90
N GLY C 264 26.15 -27.83 18.32
CA GLY C 264 25.74 -27.73 19.74
C GLY C 264 26.67 -26.87 20.58
N VAL C 265 27.48 -26.01 19.98
CA VAL C 265 28.51 -25.20 20.69
C VAL C 265 27.92 -23.86 21.12
N VAL C 266 26.78 -23.47 20.55
CA VAL C 266 26.07 -22.21 20.90
C VAL C 266 24.58 -22.51 20.96
N PRO C 267 23.83 -21.86 21.86
CA PRO C 267 22.44 -22.25 22.10
C PRO C 267 21.61 -22.12 20.82
N SER C 268 20.74 -23.10 20.61
CA SER C 268 19.91 -23.27 19.40
C SER C 268 18.74 -22.29 19.42
N PRO C 269 18.59 -21.43 18.38
CA PRO C 269 17.43 -20.56 18.26
C PRO C 269 16.11 -21.33 18.18
N PHE C 270 16.14 -22.63 17.84
CA PHE C 270 14.91 -23.46 17.69
C PHE C 270 14.25 -23.65 19.07
N GLU C 271 14.94 -23.31 20.15
CA GLU C 271 14.34 -23.39 21.51
C GLU C 271 13.18 -22.39 21.63
N TYR C 272 13.18 -21.28 20.89
CA TYR C 272 12.23 -20.16 21.12
C TYR C 272 11.63 -19.62 19.81
N ALA C 273 12.27 -19.79 18.66
CA ALA C 273 11.82 -19.13 17.39
C ALA C 273 10.60 -19.86 16.83
N ASP C 274 9.74 -19.09 16.16
CA ASP C 274 8.57 -19.61 15.41
C ASP C 274 9.06 -20.06 14.03
N VAL C 275 9.98 -19.32 13.44
CA VAL C 275 10.49 -19.57 12.07
C VAL C 275 11.99 -19.34 12.12
N VAL C 276 12.76 -20.22 11.50
CA VAL C 276 14.24 -20.02 11.41
C VAL C 276 14.60 -20.07 9.93
N THR C 277 15.27 -19.05 9.46
CA THR C 277 15.88 -19.06 8.12
C THR C 277 17.38 -19.17 8.29
N THR C 278 18.02 -19.72 7.27
CA THR C 278 19.49 -19.65 7.17
C THR C 278 19.89 -19.74 5.73
N THR C 279 21.08 -19.24 5.43
CA THR C 279 21.82 -19.64 4.23
C THR C 279 22.43 -21.02 4.52
N THR C 280 22.82 -21.70 3.45
CA THR C 280 23.41 -23.05 3.54
C THR C 280 24.92 -22.96 3.38
N HIS C 281 25.48 -21.77 3.17
CA HIS C 281 26.85 -21.64 2.58
C HIS C 281 27.76 -20.80 3.45
N LYS C 282 27.51 -20.65 4.74
CA LYS C 282 28.39 -19.77 5.54
C LYS C 282 29.03 -20.61 6.63
N SER C 283 28.61 -20.41 7.87
CA SER C 283 28.92 -21.26 9.03
C SER C 283 28.69 -22.73 8.67
N LEU C 284 27.64 -23.04 7.92
CA LEU C 284 27.18 -24.43 7.69
C LEU C 284 28.05 -25.09 6.62
N ARG C 285 28.60 -24.31 5.68
CA ARG C 285 29.70 -24.76 4.78
C ARG C 285 29.17 -25.66 3.65
N GLY C 286 27.89 -25.55 3.32
CA GLY C 286 27.25 -26.31 2.23
C GLY C 286 27.26 -25.51 0.94
N PRO C 287 26.29 -25.74 0.02
CA PRO C 287 26.24 -25.02 -1.24
C PRO C 287 25.58 -23.67 -1.01
N ARG C 288 25.61 -22.79 -2.01
CA ARG C 288 24.87 -21.51 -1.94
C ARG C 288 23.39 -21.78 -2.12
N GLY C 289 22.64 -21.57 -1.04
CA GLY C 289 21.20 -21.85 -0.96
C GLY C 289 20.66 -21.35 0.36
N ALA C 290 19.46 -21.77 0.71
CA ALA C 290 18.79 -21.33 1.96
C ALA C 290 17.86 -22.42 2.45
N MET C 291 17.49 -22.31 3.71
CA MET C 291 16.49 -23.20 4.33
C MET C 291 15.52 -22.33 5.12
N ILE C 292 14.24 -22.68 5.10
CA ILE C 292 13.22 -22.08 5.99
C ILE C 292 12.65 -23.21 6.85
N PHE C 293 12.88 -23.15 8.16
CA PHE C 293 12.22 -24.03 9.16
C PHE C 293 11.06 -23.26 9.78
N PHE C 294 10.02 -23.97 10.14
CA PHE C 294 8.81 -23.38 10.76
C PHE C 294 8.22 -24.38 11.75
N ARG C 295 7.55 -23.86 12.76
CA ARG C 295 6.73 -24.68 13.66
C ARG C 295 5.56 -25.23 12.86
N LYS C 296 5.18 -26.47 13.16
CA LYS C 296 3.94 -27.08 12.63
C LYS C 296 3.34 -27.93 13.74
N GLY C 297 2.11 -28.39 13.52
CA GLY C 297 1.33 -29.14 14.50
C GLY C 297 0.65 -28.20 15.47
N LEU C 298 0.54 -28.66 16.72
CA LEU C 298 -0.25 -27.93 17.75
C LEU C 298 0.62 -26.85 18.37
N LYS C 299 0.12 -25.62 18.37
CA LYS C 299 0.74 -24.48 19.10
C LYS C 299 0.42 -24.64 20.59
N GLU C 300 -0.87 -24.70 20.91
CA GLU C 300 -1.36 -24.73 22.31
C GLU C 300 -2.84 -25.03 22.33
N ILE C 301 -3.35 -25.32 23.50
CA ILE C 301 -4.81 -25.26 23.81
C ILE C 301 -5.10 -23.84 24.33
N ASN C 302 -6.15 -23.21 23.81
CA ASN C 302 -6.53 -21.82 24.19
C ASN C 302 -7.56 -21.88 25.32
N LYS C 303 -8.01 -20.72 25.81
CA LYS C 303 -8.71 -20.63 27.12
C LYS C 303 -10.14 -21.17 27.00
N LYS C 304 -10.63 -21.53 25.80
CA LYS C 304 -11.98 -22.13 25.64
C LYS C 304 -11.86 -23.65 25.48
N GLY C 305 -10.65 -24.18 25.38
CA GLY C 305 -10.37 -25.63 25.32
C GLY C 305 -10.15 -26.16 23.91
N GLU C 306 -10.11 -25.24 22.94
CA GLU C 306 -9.93 -25.61 21.51
C GLU C 306 -8.44 -25.72 21.18
N GLU C 307 -8.14 -26.38 20.06
CA GLU C 307 -6.75 -26.58 19.59
C GLU C 307 -6.39 -25.35 18.77
N VAL C 308 -5.33 -24.65 19.16
CA VAL C 308 -4.64 -23.66 18.29
C VAL C 308 -3.58 -24.41 17.50
N MET C 309 -3.69 -24.45 16.18
CA MET C 309 -2.68 -25.10 15.32
C MET C 309 -1.76 -24.03 14.73
N TYR C 310 -0.47 -24.29 14.71
CA TYR C 310 0.51 -23.45 13.95
C TYR C 310 0.05 -23.32 12.50
N ASP C 311 0.32 -22.16 11.91
CA ASP C 311 -0.21 -21.85 10.57
C ASP C 311 0.89 -21.26 9.71
N PHE C 312 2.04 -21.92 9.62
CA PHE C 312 3.17 -21.35 8.84
C PHE C 312 3.53 -22.25 7.65
N GLU C 313 3.36 -23.55 7.82
CA GLU C 313 3.76 -24.52 6.76
C GLU C 313 3.14 -24.17 5.41
N ASP C 314 1.83 -24.19 5.33
CA ASP C 314 1.15 -23.98 4.01
C ASP C 314 1.58 -22.64 3.42
N LYS C 315 1.60 -21.61 4.25
CA LYS C 315 1.84 -20.21 3.80
C LYS C 315 3.28 -20.11 3.27
N ILE C 316 4.25 -20.64 4.00
CA ILE C 316 5.69 -20.54 3.60
C ILE C 316 5.90 -21.36 2.34
N ASN C 317 5.41 -22.60 2.33
CA ASN C 317 5.56 -23.50 1.16
C ASN C 317 4.97 -22.83 -0.08
N GLN C 318 3.84 -22.14 0.05
CA GLN C 318 3.15 -21.51 -1.10
C GLN C 318 3.86 -20.21 -1.48
N ALA C 319 4.40 -19.47 -0.52
CA ALA C 319 5.14 -18.22 -0.82
C ALA C 319 6.39 -18.58 -1.61
N VAL C 320 7.01 -19.73 -1.31
CA VAL C 320 8.25 -20.16 -2.01
C VAL C 320 7.86 -20.57 -3.43
N PHE C 321 6.91 -21.49 -3.54
CA PHE C 321 6.32 -21.92 -4.84
C PHE C 321 4.83 -22.17 -4.63
N PRO C 322 3.92 -21.66 -5.49
CA PRO C 322 4.26 -20.89 -6.70
C PRO C 322 4.43 -19.37 -6.54
N GLY C 323 4.53 -18.91 -5.29
CA GLY C 323 4.57 -17.49 -4.94
C GLY C 323 5.72 -16.75 -5.62
N LEU C 324 6.97 -17.05 -5.28
CA LEU C 324 8.12 -16.17 -5.66
C LEU C 324 9.21 -16.92 -6.42
N GLN C 325 9.22 -18.25 -6.39
CA GLN C 325 10.20 -19.06 -7.14
C GLN C 325 9.45 -19.95 -8.11
N GLY C 326 10.16 -20.56 -9.04
CA GLY C 326 9.61 -21.61 -9.91
C GLY C 326 10.09 -22.98 -9.46
N GLY C 327 10.63 -23.73 -10.39
CA GLY C 327 11.24 -25.04 -10.14
C GLY C 327 12.43 -24.92 -9.19
N PRO C 328 12.63 -25.93 -8.32
CA PRO C 328 13.80 -25.94 -7.46
C PRO C 328 15.06 -26.27 -8.26
N HIS C 329 16.20 -25.90 -7.69
CA HIS C 329 17.55 -26.23 -8.18
C HIS C 329 17.99 -27.54 -7.53
N ASN C 330 17.62 -28.68 -8.14
CA ASN C 330 17.85 -30.02 -7.53
C ASN C 330 19.34 -30.29 -7.35
N HIS C 331 20.21 -29.68 -8.14
CA HIS C 331 21.67 -29.86 -7.96
C HIS C 331 22.09 -29.25 -6.62
N THR C 332 21.65 -28.03 -6.33
CA THR C 332 21.95 -27.40 -5.01
C THR C 332 21.23 -28.17 -3.89
N ILE C 333 20.06 -28.75 -4.13
CA ILE C 333 19.36 -29.54 -3.06
C ILE C 333 20.19 -30.79 -2.74
N ALA C 334 20.71 -31.49 -3.75
CA ALA C 334 21.60 -32.67 -3.57
C ALA C 334 22.82 -32.24 -2.75
N GLY C 335 23.49 -31.17 -3.17
CA GLY C 335 24.66 -30.63 -2.45
C GLY C 335 24.31 -30.34 -1.00
N LEU C 336 23.15 -29.74 -0.75
CA LEU C 336 22.74 -29.35 0.62
C LEU C 336 22.51 -30.63 1.43
N ALA C 337 21.97 -31.68 0.81
CA ALA C 337 21.73 -32.97 1.49
C ALA C 337 23.06 -33.54 1.96
N VAL C 338 24.10 -33.43 1.13
CA VAL C 338 25.46 -33.95 1.46
C VAL C 338 26.02 -33.10 2.59
N ALA C 339 25.87 -31.77 2.50
CA ALA C 339 26.34 -30.83 3.55
C ALA C 339 25.68 -31.21 4.88
N LEU C 340 24.38 -31.51 4.87
CA LEU C 340 23.62 -31.79 6.13
C LEU C 340 24.06 -33.13 6.71
N LYS C 341 24.40 -34.10 5.87
CA LYS C 341 24.97 -35.38 6.38
C LYS C 341 26.31 -35.09 7.07
N GLN C 342 27.16 -34.26 6.47
CA GLN C 342 28.47 -33.90 7.06
C GLN C 342 28.24 -33.19 8.40
N ALA C 343 27.20 -32.36 8.49
CA ALA C 343 26.95 -31.47 9.66
C ALA C 343 26.63 -32.28 10.92
N THR C 344 26.35 -33.57 10.80
CA THR C 344 25.93 -34.40 11.95
C THR C 344 27.10 -35.26 12.44
N THR C 345 28.29 -35.16 11.85
CA THR C 345 29.44 -36.04 12.17
C THR C 345 30.26 -35.44 13.31
N PRO C 346 31.01 -36.29 14.05
CA PRO C 346 31.99 -35.79 15.03
C PRO C 346 33.09 -34.90 14.43
N GLU C 347 33.55 -35.18 13.20
CA GLU C 347 34.55 -34.31 12.52
C GLU C 347 34.03 -32.87 12.50
N TYR C 348 32.75 -32.73 12.18
CA TYR C 348 32.08 -31.41 12.02
C TYR C 348 32.07 -30.69 13.36
N LYS C 349 31.67 -31.41 14.43
CA LYS C 349 31.62 -30.84 15.80
C LYS C 349 33.01 -30.37 16.22
N ALA C 350 34.04 -31.18 15.94
CA ALA C 350 35.45 -30.84 16.25
C ALA C 350 35.77 -29.52 15.55
N TYR C 351 35.43 -29.45 14.27
CA TYR C 351 35.77 -28.28 13.43
C TYR C 351 35.14 -27.01 14.04
N GLN C 352 33.88 -27.10 14.46
CA GLN C 352 33.19 -25.84 14.85
C GLN C 352 33.59 -25.47 16.27
N GLU C 353 33.90 -26.42 17.16
CA GLU C 353 34.46 -26.03 18.48
C GLU C 353 35.85 -25.44 18.24
N GLN C 354 36.55 -25.88 17.18
CA GLN C 354 37.83 -25.24 16.79
C GLN C 354 37.57 -23.80 16.32
N VAL C 355 36.51 -23.58 15.54
CA VAL C 355 36.14 -22.23 15.04
C VAL C 355 36.01 -21.30 16.26
N LEU C 356 35.32 -21.78 17.29
CA LEU C 356 35.06 -20.99 18.52
C LEU C 356 36.37 -20.72 19.26
N ALA C 357 37.19 -21.75 19.47
CA ALA C 357 38.45 -21.63 20.25
C ALA C 357 39.42 -20.70 19.52
N ASN C 358 39.53 -20.88 18.19
CA ASN C 358 40.40 -20.04 17.34
C ASN C 358 39.96 -18.58 17.49
N CYS C 359 38.66 -18.34 17.51
CA CYS C 359 38.13 -16.96 17.59
C CYS C 359 38.41 -16.37 18.98
N LYS C 360 38.25 -17.15 20.04
CA LYS C 360 38.55 -16.69 21.43
C LYS C 360 40.01 -16.24 21.46
N ARG C 361 40.91 -17.08 20.94
CA ARG C 361 42.37 -16.80 21.03
C ARG C 361 42.71 -15.61 20.12
N PHE C 362 42.04 -15.50 18.98
CA PHE C 362 42.20 -14.37 18.03
C PHE C 362 41.83 -13.06 18.73
N SER C 363 40.71 -13.05 19.46
CA SER C 363 40.22 -11.84 20.18
C SER C 363 41.23 -11.49 21.28
N GLN C 364 41.73 -12.49 22.01
CA GLN C 364 42.75 -12.29 23.07
C GLN C 364 43.98 -11.63 22.45
N SER C 365 44.46 -12.15 21.31
CA SER C 365 45.67 -11.61 20.63
C SER C 365 45.41 -10.17 20.20
N LEU C 366 44.24 -9.91 19.62
CA LEU C 366 43.90 -8.57 19.08
C LEU C 366 43.90 -7.57 20.25
N ILE C 367 43.27 -7.90 21.37
CA ILE C 367 43.16 -6.99 22.54
C ILE C 367 44.53 -6.79 23.19
N GLU C 368 45.35 -7.85 23.26
CA GLU C 368 46.69 -7.75 23.91
C GLU C 368 47.62 -6.91 23.03
N ARG C 369 47.33 -6.82 21.72
CA ARG C 369 48.16 -6.00 20.79
C ARG C 369 47.77 -4.52 20.91
N GLY C 370 46.71 -4.24 21.68
CA GLY C 370 46.22 -2.85 21.88
C GLY C 370 45.12 -2.49 20.89
N TYR C 371 44.05 -3.28 20.86
CA TYR C 371 42.91 -3.01 19.97
C TYR C 371 41.61 -3.05 20.77
N SER C 372 40.62 -2.30 20.31
CA SER C 372 39.26 -2.27 20.90
C SER C 372 38.33 -3.13 20.04
N LEU C 373 37.73 -4.14 20.66
CA LEU C 373 36.61 -4.90 20.07
C LEU C 373 35.31 -4.28 20.57
N VAL C 374 34.33 -4.13 19.69
CA VAL C 374 32.95 -3.78 20.14
C VAL C 374 32.39 -4.97 20.92
N SER C 375 31.75 -4.69 22.05
CA SER C 375 31.32 -5.68 23.09
C SER C 375 32.54 -6.28 23.80
N GLY C 376 33.76 -5.97 23.36
CA GLY C 376 35.02 -6.32 24.04
C GLY C 376 35.32 -7.81 24.03
N GLY C 377 34.81 -8.54 23.03
CA GLY C 377 35.17 -9.95 22.82
C GLY C 377 34.29 -10.62 21.78
N THR C 378 34.07 -11.91 21.94
CA THR C 378 33.26 -12.73 21.01
C THR C 378 32.67 -13.93 21.75
N ASP C 379 31.51 -14.38 21.28
CA ASP C 379 30.86 -15.66 21.67
C ASP C 379 30.89 -16.61 20.48
N ASN C 380 31.39 -16.17 19.32
CA ASN C 380 31.16 -16.94 18.07
C ASN C 380 32.41 -16.86 17.17
N HIS C 381 32.17 -16.76 15.87
CA HIS C 381 33.10 -17.01 14.76
C HIS C 381 33.73 -15.70 14.27
N LEU C 382 33.29 -14.53 14.76
CA LEU C 382 33.84 -13.24 14.25
C LEU C 382 34.24 -12.32 15.39
N VAL C 383 34.97 -11.29 15.03
CA VAL C 383 35.37 -10.16 15.91
C VAL C 383 35.19 -8.88 15.10
N LEU C 384 34.68 -7.85 15.77
CA LEU C 384 34.49 -6.51 15.20
C LEU C 384 35.48 -5.58 15.88
N VAL C 385 36.51 -5.15 15.17
CA VAL C 385 37.55 -4.26 15.75
C VAL C 385 37.12 -2.81 15.51
N ASN C 386 37.13 -2.01 16.58
CA ASN C 386 36.86 -0.55 16.54
C ASN C 386 38.18 0.19 16.44
N LEU C 387 38.53 0.67 15.24
CA LEU C 387 39.84 1.31 14.98
C LEU C 387 39.81 2.80 15.34
N ARG C 388 38.70 3.33 15.86
CA ARG C 388 38.54 4.80 16.06
C ARG C 388 39.67 5.37 16.94
N ASP C 389 40.10 4.63 17.96
CA ASP C 389 41.12 5.11 18.93
C ASP C 389 42.53 5.03 18.32
N LYS C 390 42.74 4.26 17.25
CA LYS C 390 44.07 4.16 16.60
C LYS C 390 44.27 5.27 15.57
N GLY C 391 43.24 6.07 15.29
CA GLY C 391 43.32 7.25 14.41
C GLY C 391 43.21 6.89 12.94
N ILE C 392 42.66 5.73 12.59
CA ILE C 392 42.38 5.39 11.17
C ILE C 392 41.10 4.56 11.11
N ASP C 393 40.43 4.61 9.96
CA ASP C 393 39.11 3.97 9.76
C ASP C 393 39.32 2.63 9.03
N GLY C 394 38.20 2.04 8.61
CA GLY C 394 38.17 0.65 8.10
C GLY C 394 38.43 0.57 6.62
N SER C 395 38.17 1.64 5.85
CA SER C 395 38.36 1.61 4.38
C SER C 395 39.85 1.50 4.05
N ARG C 396 40.67 2.34 4.68
CA ARG C 396 42.13 2.36 4.44
C ARG C 396 42.74 1.05 4.92
N VAL C 397 42.33 0.57 6.10
CA VAL C 397 42.88 -0.70 6.65
C VAL C 397 42.50 -1.84 5.69
N GLU C 398 41.27 -1.87 5.19
CA GLU C 398 40.76 -2.96 4.31
C GLU C 398 41.58 -2.94 3.00
N LYS C 399 41.82 -1.76 2.43
CA LYS C 399 42.57 -1.64 1.15
C LYS C 399 43.97 -2.21 1.37
N VAL C 400 44.65 -1.82 2.45
CA VAL C 400 46.04 -2.28 2.69
C VAL C 400 46.00 -3.79 2.91
N MET C 401 45.05 -4.28 3.70
CA MET C 401 44.95 -5.73 4.02
C MET C 401 44.74 -6.52 2.71
N GLU C 402 43.92 -6.01 1.80
CA GLU C 402 43.59 -6.71 0.54
C GLU C 402 44.84 -6.74 -0.36
N LEU C 403 45.54 -5.62 -0.55
CA LEU C 403 46.77 -5.65 -1.37
C LEU C 403 47.84 -6.51 -0.67
N ALA C 404 47.62 -6.98 0.55
CA ALA C 404 48.48 -7.95 1.25
C ALA C 404 47.84 -9.35 1.28
N HIS C 405 46.79 -9.58 0.49
CA HIS C 405 46.09 -10.88 0.36
C HIS C 405 45.54 -11.34 1.72
N ILE C 406 45.00 -10.43 2.52
CA ILE C 406 44.20 -10.77 3.73
C ILE C 406 42.79 -10.22 3.51
N ALA C 407 41.78 -11.08 3.39
CA ALA C 407 40.38 -10.68 3.18
C ALA C 407 39.78 -10.28 4.53
N ALA C 408 39.47 -8.99 4.68
CA ALA C 408 38.54 -8.48 5.70
C ALA C 408 37.56 -7.55 5.00
N ASN C 409 36.65 -6.96 5.76
CA ASN C 409 35.71 -5.97 5.20
C ASN C 409 35.50 -4.84 6.20
N LYS C 410 35.54 -3.61 5.69
CA LYS C 410 35.20 -2.39 6.45
C LYS C 410 33.88 -2.63 7.16
N ASN C 411 33.73 -2.10 8.37
CA ASN C 411 32.49 -2.25 9.14
C ASN C 411 32.25 -1.00 9.99
N THR C 412 31.02 -0.53 10.03
CA THR C 412 30.61 0.60 10.89
C THR C 412 30.65 0.12 12.33
N VAL C 413 30.89 1.05 13.25
CA VAL C 413 31.04 0.74 14.69
C VAL C 413 30.23 1.75 15.47
N PRO C 414 29.77 1.40 16.69
CA PRO C 414 29.30 2.38 17.65
C PRO C 414 30.33 3.51 17.82
N GLY C 415 29.87 4.75 17.71
CA GLY C 415 30.73 5.95 17.74
C GLY C 415 30.90 6.56 16.36
N ASP C 416 30.44 5.88 15.30
CA ASP C 416 30.58 6.39 13.92
C ASP C 416 29.56 7.51 13.72
N VAL C 417 30.00 8.67 13.23
CA VAL C 417 29.10 9.81 12.92
C VAL C 417 28.34 9.45 11.64
N SER C 418 29.06 9.02 10.61
CA SER C 418 28.50 8.57 9.31
C SER C 418 28.26 7.06 9.32
N ALA C 419 27.75 6.51 8.21
CA ALA C 419 27.80 5.05 7.91
C ALA C 419 28.68 4.83 6.67
N MET C 420 28.80 5.83 5.79
CA MET C 420 29.64 5.75 4.56
C MET C 420 31.13 5.64 4.93
N VAL C 421 31.53 6.24 6.06
CA VAL C 421 32.93 6.18 6.59
C VAL C 421 32.95 5.22 7.78
N PRO C 422 33.27 3.93 7.54
CA PRO C 422 33.25 2.93 8.61
C PRO C 422 34.55 2.95 9.42
N GLY C 423 34.44 3.02 10.76
CA GLY C 423 35.59 3.14 11.66
C GLY C 423 36.12 1.81 12.13
N GLY C 424 35.64 0.69 11.58
CA GLY C 424 36.00 -0.65 12.10
C GLY C 424 36.31 -1.67 11.02
N ILE C 425 36.82 -2.83 11.44
CA ILE C 425 37.15 -3.96 10.55
C ILE C 425 36.52 -5.23 11.12
N ARG C 426 35.87 -6.01 10.27
CA ARG C 426 35.25 -7.29 10.68
C ARG C 426 36.16 -8.44 10.25
N MET C 427 36.41 -9.42 11.10
CA MET C 427 37.22 -10.61 10.73
C MET C 427 36.65 -11.88 11.36
N GLY C 428 36.95 -13.03 10.77
CA GLY C 428 36.34 -14.32 11.15
C GLY C 428 37.31 -15.48 11.02
N THR C 429 36.98 -16.60 11.62
CA THR C 429 37.84 -17.80 11.60
C THR C 429 37.39 -18.82 10.55
N PRO C 430 36.08 -19.06 10.30
CA PRO C 430 35.65 -20.34 9.71
C PRO C 430 36.41 -20.81 8.46
N ALA C 431 36.75 -19.92 7.53
CA ALA C 431 37.44 -20.30 6.28
C ALA C 431 38.81 -20.92 6.59
N LEU C 432 39.72 -20.17 7.21
CA LEU C 432 41.10 -20.66 7.50
C LEU C 432 41.03 -21.84 8.46
N THR C 433 40.08 -21.86 9.40
CA THR C 433 39.92 -23.02 10.31
C THR C 433 39.57 -24.26 9.48
N SER C 434 38.76 -24.13 8.44
CA SER C 434 38.43 -25.25 7.52
C SER C 434 39.72 -25.76 6.88
N ARG C 435 40.67 -24.87 6.59
CA ARG C 435 42.00 -25.23 6.04
C ARG C 435 42.81 -26.03 7.06
N GLY C 436 42.43 -26.01 8.34
CA GLY C 436 43.19 -26.63 9.44
C GLY C 436 44.03 -25.61 10.21
N PHE C 437 43.74 -24.32 10.12
CA PHE C 437 44.31 -23.33 11.08
C PHE C 437 43.88 -23.74 12.49
N LEU C 438 44.83 -23.72 13.43
CA LEU C 438 44.52 -23.79 14.88
C LEU C 438 44.95 -22.48 15.53
N GLU C 439 45.10 -22.45 16.85
CA GLU C 439 45.08 -21.20 17.65
C GLU C 439 46.35 -20.38 17.41
N GLU C 440 47.53 -21.00 17.52
CA GLU C 440 48.85 -20.39 17.22
C GLU C 440 48.75 -19.68 15.86
N ASP C 441 48.07 -20.32 14.90
CA ASP C 441 47.97 -19.83 13.52
C ASP C 441 47.21 -18.51 13.49
N PHE C 442 46.14 -18.40 14.29
CA PHE C 442 45.36 -17.15 14.37
C PHE C 442 46.15 -16.09 15.14
N VAL C 443 47.09 -16.49 16.00
CA VAL C 443 47.97 -15.49 16.67
C VAL C 443 48.87 -14.86 15.60
N LYS C 444 49.39 -15.67 14.68
CA LYS C 444 50.24 -15.15 13.57
C LYS C 444 49.38 -14.24 12.69
N VAL C 445 48.13 -14.62 12.43
CA VAL C 445 47.27 -13.79 11.55
C VAL C 445 47.01 -12.46 12.27
N ALA C 446 46.77 -12.45 13.58
CA ALA C 446 46.58 -11.21 14.35
C ALA C 446 47.85 -10.34 14.28
N GLU C 447 49.04 -10.93 14.37
CA GLU C 447 50.31 -10.18 14.26
C GLU C 447 50.40 -9.51 12.88
N LEU C 448 50.08 -10.24 11.80
CA LEU C 448 50.11 -9.69 10.43
C LEU C 448 49.04 -8.61 10.24
N PHE C 449 47.87 -8.74 10.89
CA PHE C 449 46.81 -7.71 10.88
C PHE C 449 47.33 -6.44 11.58
N ASP C 450 47.98 -6.62 12.73
CA ASP C 450 48.62 -5.49 13.47
C ASP C 450 49.59 -4.77 12.53
N ALA C 451 50.43 -5.53 11.81
CA ALA C 451 51.41 -4.96 10.86
C ALA C 451 50.67 -4.18 9.78
N SER C 452 49.57 -4.72 9.27
CA SER C 452 48.75 -4.10 8.20
C SER C 452 48.20 -2.77 8.70
N VAL C 453 47.66 -2.75 9.92
CA VAL C 453 47.05 -1.51 10.48
C VAL C 453 48.15 -0.46 10.62
N LYS C 454 49.33 -0.85 11.10
CA LYS C 454 50.42 0.14 11.37
C LYS C 454 50.95 0.68 10.04
N LEU C 455 51.03 -0.17 9.01
CA LEU C 455 51.49 0.27 7.67
C LEU C 455 50.43 1.19 7.05
N ALA C 456 49.16 0.92 7.32
CA ALA C 456 48.03 1.75 6.84
C ALA C 456 48.10 3.12 7.53
N LEU C 457 48.46 3.15 8.82
CA LEU C 457 48.67 4.42 9.58
C LEU C 457 49.82 5.20 8.92
N LYS C 458 50.90 4.52 8.55
CA LYS C 458 52.05 5.17 7.87
C LYS C 458 51.60 5.77 6.53
N ILE C 459 50.75 5.07 5.78
CA ILE C 459 50.28 5.54 4.44
C ILE C 459 49.34 6.73 4.64
N LYS C 460 48.54 6.72 5.71
CA LYS C 460 47.66 7.87 6.04
C LYS C 460 48.50 9.08 6.44
N ALA C 461 49.60 8.89 7.18
CA ALA C 461 50.47 10.00 7.63
C ALA C 461 51.05 10.70 6.40
N ALA C 462 51.55 9.91 5.46
CA ALA C 462 52.23 10.38 4.22
C ALA C 462 51.21 10.72 3.12
N SER C 463 49.92 10.49 3.35
CA SER C 463 48.84 10.67 2.35
C SER C 463 48.85 12.13 1.85
N SER C 464 48.76 12.30 0.53
CA SER C 464 48.80 13.60 -0.16
C SER C 464 47.40 14.22 -0.22
N GLY C 465 46.42 13.65 0.48
CA GLY C 465 45.04 14.17 0.55
C GLY C 465 44.29 13.61 1.75
N THR C 466 42.95 13.66 1.73
CA THR C 466 42.09 13.23 2.86
C THR C 466 40.99 12.27 2.39
N LYS C 467 40.67 12.22 1.10
CA LYS C 467 39.70 11.23 0.57
C LYS C 467 40.41 9.89 0.32
N LEU C 468 39.63 8.84 0.04
CA LEU C 468 40.13 7.45 -0.11
C LEU C 468 41.00 7.36 -1.37
N LYS C 469 40.65 8.09 -2.43
CA LYS C 469 41.42 8.06 -3.71
C LYS C 469 42.85 8.57 -3.45
N ASP C 470 43.03 9.61 -2.64
CA ASP C 470 44.36 10.19 -2.32
C ASP C 470 45.18 9.17 -1.50
N PHE C 471 44.54 8.46 -0.59
CA PHE C 471 45.17 7.39 0.23
C PHE C 471 45.72 6.32 -0.74
N VAL C 472 44.89 5.84 -1.65
CA VAL C 472 45.30 4.75 -2.60
C VAL C 472 46.39 5.31 -3.54
N ALA C 473 46.30 6.57 -3.92
CA ALA C 473 47.31 7.26 -4.77
C ALA C 473 48.67 7.17 -4.08
N THR C 474 48.79 7.64 -2.84
CA THR C 474 50.08 7.64 -2.12
C THR C 474 50.51 6.21 -1.81
N MET C 475 49.57 5.28 -1.65
CA MET C 475 49.84 3.84 -1.40
C MET C 475 50.48 3.21 -2.66
N ASN C 476 50.17 3.69 -3.87
CA ASN C 476 50.73 3.15 -5.13
C ASN C 476 51.58 4.20 -5.87
N GLY C 477 51.97 5.27 -5.21
CA GLY C 477 52.84 6.33 -5.71
C GLY C 477 54.06 6.50 -4.83
N ASP C 478 54.12 5.75 -3.72
CA ASP C 478 55.36 5.54 -2.94
C ASP C 478 55.71 4.06 -2.97
N GLU C 479 57.00 3.75 -3.08
CA GLU C 479 57.50 2.37 -3.28
C GLU C 479 57.97 1.77 -1.94
N LYS C 480 58.24 2.58 -0.93
CA LYS C 480 58.50 2.10 0.45
C LYS C 480 57.27 1.29 0.91
N PHE C 481 56.08 1.85 0.73
CA PHE C 481 54.81 1.24 1.19
C PHE C 481 54.51 -0.02 0.36
N GLN C 482 54.80 0.02 -0.95
CA GLN C 482 54.58 -1.16 -1.83
C GLN C 482 55.55 -2.26 -1.41
N SER C 483 56.77 -1.89 -0.99
CA SER C 483 57.79 -2.84 -0.48
C SER C 483 57.24 -3.56 0.76
N GLU C 484 56.73 -2.80 1.73
CA GLU C 484 56.26 -3.39 3.02
C GLU C 484 54.98 -4.19 2.78
N ILE C 485 54.15 -3.76 1.81
CA ILE C 485 52.93 -4.51 1.40
C ILE C 485 53.35 -5.89 0.88
N LYS C 486 54.35 -5.94 -0.01
CA LYS C 486 54.77 -7.23 -0.60
C LYS C 486 55.41 -8.09 0.49
N LYS C 487 56.09 -7.51 1.48
CA LYS C 487 56.72 -8.28 2.59
C LYS C 487 55.61 -8.98 3.39
N ILE C 488 54.57 -8.21 3.77
CA ILE C 488 53.41 -8.75 4.50
C ILE C 488 52.73 -9.85 3.66
N ARG C 489 52.43 -9.55 2.40
CA ARG C 489 51.83 -10.51 1.43
C ARG C 489 52.65 -11.80 1.39
N GLY C 490 53.98 -11.68 1.31
CA GLY C 490 54.91 -12.82 1.22
C GLY C 490 54.80 -13.70 2.45
N GLU C 491 54.79 -13.09 3.63
CA GLU C 491 54.63 -13.82 4.91
C GLU C 491 53.28 -14.54 4.91
N VAL C 492 52.22 -13.85 4.50
CA VAL C 492 50.84 -14.43 4.43
C VAL C 492 50.88 -15.65 3.51
N GLU C 493 51.45 -15.53 2.32
CA GLU C 493 51.40 -16.61 1.28
C GLU C 493 52.24 -17.79 1.77
N GLU C 494 53.44 -17.55 2.29
CA GLU C 494 54.32 -18.66 2.78
C GLU C 494 53.57 -19.41 3.90
N TYR C 495 52.84 -18.69 4.74
CA TYR C 495 52.12 -19.30 5.89
C TYR C 495 50.91 -20.06 5.39
N ALA C 496 50.14 -19.48 4.48
CA ALA C 496 48.88 -20.06 3.96
C ALA C 496 49.21 -21.33 3.17
N LYS C 497 50.22 -21.30 2.29
CA LYS C 497 50.53 -22.41 1.36
C LYS C 497 50.86 -23.69 2.12
N GLN C 498 51.42 -23.60 3.33
CA GLN C 498 51.75 -24.79 4.17
C GLN C 498 50.48 -25.64 4.38
N PHE C 499 49.30 -25.00 4.38
CA PHE C 499 48.02 -25.66 4.77
C PHE C 499 47.39 -26.34 3.56
N PRO C 500 46.56 -27.37 3.79
CA PRO C 500 45.90 -28.08 2.70
C PRO C 500 44.94 -27.18 1.90
N THR C 501 44.83 -27.45 0.61
CA THR C 501 43.75 -26.95 -0.26
C THR C 501 42.47 -27.75 0.00
N ILE C 502 41.33 -27.07 -0.02
CA ILE C 502 39.99 -27.71 0.11
C ILE C 502 39.26 -27.60 -1.24
N GLY C 503 38.75 -28.74 -1.72
CA GLY C 503 37.89 -28.83 -2.92
C GLY C 503 38.65 -29.27 -4.16
N PHE C 504 39.97 -29.21 -4.11
CA PHE C 504 40.88 -29.68 -5.19
C PHE C 504 42.21 -30.09 -4.57
N GLU C 505 43.05 -30.75 -5.37
CA GLU C 505 44.40 -31.21 -4.95
C GLU C 505 45.43 -30.22 -5.48
N LYS C 506 46.45 -29.96 -4.66
CA LYS C 506 47.53 -28.99 -4.96
C LYS C 506 48.24 -29.39 -6.25
N GLU C 507 48.37 -30.69 -6.54
CA GLU C 507 49.24 -31.20 -7.65
C GLU C 507 48.66 -30.77 -8.99
N THR C 508 47.39 -31.09 -9.24
CA THR C 508 46.72 -30.88 -10.54
C THR C 508 46.25 -29.42 -10.67
N MET C 509 46.88 -28.48 -9.96
CA MET C 509 46.61 -27.04 -10.12
C MET C 509 47.28 -26.59 -11.43
N LYS C 510 47.07 -25.34 -11.84
CA LYS C 510 47.80 -24.76 -12.98
C LYS C 510 48.82 -23.71 -12.49
N TYR C 511 48.60 -23.07 -11.34
CA TYR C 511 49.45 -21.95 -10.86
C TYR C 511 50.17 -22.32 -9.55
N LYS C 512 51.19 -23.17 -9.66
CA LYS C 512 52.00 -23.66 -8.52
C LYS C 512 52.96 -22.56 -8.01
N ASN C 513 53.42 -21.67 -8.89
CA ASN C 513 54.47 -20.67 -8.52
C ASN C 513 53.94 -19.24 -8.74
N SER D 39 42.07 -34.52 16.45
CA SER D 39 41.09 -34.02 15.41
C SER D 39 41.75 -33.01 14.47
N ARG D 40 43.07 -32.86 14.52
CA ARG D 40 43.81 -31.67 14.04
C ARG D 40 43.71 -31.58 12.51
N VAL D 41 44.20 -32.58 11.79
CA VAL D 41 44.13 -32.62 10.30
C VAL D 41 43.09 -33.66 9.86
N LYS D 42 42.31 -34.20 10.79
CA LYS D 42 41.47 -35.40 10.52
C LYS D 42 40.23 -34.96 9.72
N TRP D 43 39.88 -33.68 9.72
CA TRP D 43 38.66 -33.16 9.05
C TRP D 43 39.00 -32.64 7.64
N THR D 44 40.28 -32.34 7.38
CA THR D 44 40.72 -31.85 6.05
C THR D 44 40.44 -32.93 4.99
N LYS D 45 40.69 -34.20 5.33
CA LYS D 45 40.47 -35.33 4.39
C LYS D 45 38.96 -35.47 4.16
N GLN D 46 38.14 -35.26 5.20
CA GLN D 46 36.66 -35.30 5.08
C GLN D 46 36.21 -34.21 4.07
N LEU D 47 36.87 -33.05 4.10
CA LEU D 47 36.58 -31.97 3.10
C LEU D 47 36.92 -32.42 1.67
N ASN D 48 38.03 -33.15 1.47
CA ASN D 48 38.56 -33.43 0.10
C ASN D 48 38.14 -34.82 -0.40
N ALA D 49 37.45 -35.61 0.42
CA ALA D 49 37.05 -36.96 -0.02
C ALA D 49 36.00 -36.89 -1.13
N PRO D 50 35.93 -37.87 -2.05
CA PRO D 50 34.92 -37.88 -3.11
C PRO D 50 33.50 -38.13 -2.59
N LEU D 51 32.50 -37.77 -3.39
CA LEU D 51 31.07 -37.90 -3.00
C LEU D 51 30.69 -39.36 -2.79
N GLU D 52 31.27 -40.28 -3.55
CA GLU D 52 30.95 -41.73 -3.42
C GLU D 52 31.36 -42.25 -2.03
N GLU D 53 32.44 -41.69 -1.47
CA GLU D 53 32.94 -42.11 -0.13
C GLU D 53 32.37 -41.16 0.93
N ILE D 54 31.68 -40.10 0.50
CA ILE D 54 31.09 -39.10 1.44
C ILE D 54 29.62 -39.50 1.71
N ASP D 55 28.73 -39.22 0.75
CA ASP D 55 27.30 -39.56 0.89
C ASP D 55 26.93 -40.64 -0.14
N PRO D 56 27.13 -41.94 0.18
CA PRO D 56 26.82 -43.02 -0.76
C PRO D 56 25.34 -43.01 -1.20
N GLU D 57 24.45 -42.54 -0.33
CA GLU D 57 22.99 -42.50 -0.64
C GLU D 57 22.72 -41.45 -1.73
N ILE D 58 23.34 -40.26 -1.62
CA ILE D 58 23.13 -39.19 -2.65
C ILE D 58 23.86 -39.61 -3.93
N ALA D 59 25.07 -40.17 -3.84
CA ALA D 59 25.83 -40.65 -5.01
C ALA D 59 24.94 -41.65 -5.77
N ASP D 60 24.24 -42.50 -5.02
CA ASP D 60 23.39 -43.57 -5.59
C ASP D 60 22.15 -42.95 -6.24
N ILE D 61 21.54 -41.96 -5.60
CA ILE D 61 20.34 -41.27 -6.15
C ILE D 61 20.73 -40.59 -7.46
N ILE D 62 21.92 -39.97 -7.52
CA ILE D 62 22.41 -39.30 -8.75
C ILE D 62 22.61 -40.36 -9.84
N GLU D 63 23.17 -41.53 -9.50
CA GLU D 63 23.41 -42.61 -10.48
C GLU D 63 22.07 -43.11 -11.01
N LEU D 64 21.06 -43.24 -10.14
CA LEU D 64 19.68 -43.61 -10.57
C LEU D 64 19.18 -42.59 -11.59
N GLU D 65 19.32 -41.30 -11.30
CA GLU D 65 18.79 -40.21 -12.17
C GLU D 65 19.56 -40.23 -13.50
N LYS D 66 20.87 -40.51 -13.46
CA LYS D 66 21.69 -40.64 -14.69
C LYS D 66 21.09 -41.75 -15.56
N ALA D 67 20.79 -42.90 -14.97
CA ALA D 67 20.19 -44.05 -15.68
C ALA D 67 18.85 -43.59 -16.27
N ARG D 68 18.06 -42.83 -15.52
CA ARG D 68 16.71 -42.38 -15.96
C ARG D 68 16.85 -41.44 -17.16
N GLN D 69 17.87 -40.58 -17.17
CA GLN D 69 18.12 -39.61 -18.29
C GLN D 69 18.61 -40.37 -19.52
N TRP D 70 19.31 -41.48 -19.31
CA TRP D 70 19.91 -42.28 -20.41
C TRP D 70 18.84 -43.17 -21.05
N LYS D 71 17.99 -43.79 -20.24
CA LYS D 71 16.98 -44.79 -20.68
C LYS D 71 15.66 -44.12 -21.07
N GLY D 72 15.49 -42.81 -20.86
CA GLY D 72 14.17 -42.17 -20.84
C GLY D 72 13.92 -41.25 -22.02
N PHE D 73 12.67 -41.19 -22.47
CA PHE D 73 12.20 -40.19 -23.45
C PHE D 73 11.85 -38.92 -22.68
N GLU D 74 12.75 -37.94 -22.68
CA GLU D 74 12.56 -36.65 -21.97
C GLU D 74 11.81 -35.68 -22.87
N LEU D 75 10.52 -35.50 -22.62
CA LEU D 75 9.60 -34.71 -23.48
C LEU D 75 9.21 -33.39 -22.81
N ILE D 76 9.61 -33.15 -21.56
CA ILE D 76 9.20 -31.94 -20.81
C ILE D 76 9.85 -30.74 -21.48
N PRO D 77 9.07 -29.82 -22.08
CA PRO D 77 9.65 -28.79 -22.95
C PRO D 77 10.51 -27.73 -22.23
N SER D 78 10.39 -27.64 -20.91
CA SER D 78 11.18 -26.70 -20.08
C SER D 78 12.47 -27.38 -19.61
N GLU D 79 12.69 -28.63 -19.98
CA GLU D 79 13.91 -29.39 -19.58
C GLU D 79 14.92 -29.43 -20.72
N ASN D 80 16.17 -29.68 -20.37
CA ASN D 80 17.26 -29.85 -21.36
C ASN D 80 18.41 -30.60 -20.69
N PHE D 81 19.44 -30.91 -21.48
CA PHE D 81 20.68 -31.53 -21.03
C PHE D 81 21.78 -30.49 -21.18
N THR D 82 22.46 -30.23 -20.06
CA THR D 82 23.52 -29.21 -19.95
C THR D 82 24.88 -29.90 -20.12
N SER D 83 25.81 -29.15 -20.71
CA SER D 83 27.16 -29.61 -21.07
C SER D 83 27.97 -29.95 -19.83
N LEU D 84 28.99 -30.77 -20.00
CA LEU D 84 29.97 -31.11 -18.94
C LEU D 84 30.75 -29.86 -18.57
N SER D 85 31.10 -29.01 -19.55
CA SER D 85 31.85 -27.76 -19.29
C SER D 85 31.09 -26.89 -18.28
N VAL D 86 29.79 -26.67 -18.54
CA VAL D 86 28.92 -25.86 -17.64
C VAL D 86 28.94 -26.49 -16.24
N MET D 87 28.74 -27.82 -16.17
CA MET D 87 28.60 -28.52 -14.86
C MET D 87 29.92 -28.42 -14.09
N GLN D 88 31.05 -28.52 -14.78
CA GLN D 88 32.40 -28.44 -14.12
C GLN D 88 32.59 -27.04 -13.54
N ALA D 89 32.17 -26.01 -14.25
CA ALA D 89 32.29 -24.62 -13.75
C ALA D 89 31.29 -24.42 -12.60
N VAL D 90 30.08 -24.97 -12.69
CA VAL D 90 29.05 -24.80 -11.63
C VAL D 90 29.52 -25.52 -10.36
N GLY D 91 30.22 -26.66 -10.52
CA GLY D 91 30.76 -27.44 -9.39
C GLY D 91 32.15 -27.01 -8.97
N SER D 92 32.58 -25.78 -9.30
CA SER D 92 33.94 -25.27 -9.00
C SER D 92 33.97 -24.53 -7.65
N VAL D 93 35.13 -23.98 -7.29
CA VAL D 93 35.31 -23.23 -6.01
C VAL D 93 34.86 -21.79 -6.20
N MET D 94 34.33 -21.41 -7.37
CA MET D 94 33.76 -20.05 -7.55
C MET D 94 32.62 -19.84 -6.54
N THR D 95 31.96 -20.92 -6.12
CA THR D 95 30.87 -20.88 -5.11
C THR D 95 31.39 -20.36 -3.76
N ASN D 96 32.69 -20.29 -3.52
CA ASN D 96 33.23 -19.96 -2.18
C ASN D 96 33.28 -18.45 -1.98
N LYS D 97 33.40 -17.67 -3.07
CA LYS D 97 33.68 -16.22 -2.96
C LYS D 97 32.36 -15.45 -2.75
N TYR D 98 32.36 -14.55 -1.77
CA TYR D 98 31.30 -13.55 -1.58
C TYR D 98 31.65 -12.31 -2.40
N SER D 99 30.71 -11.80 -3.20
CA SER D 99 30.99 -10.71 -4.15
C SER D 99 29.78 -9.80 -4.30
N GLU D 100 29.16 -9.42 -3.18
CA GLU D 100 28.03 -8.47 -3.15
C GLU D 100 28.43 -7.21 -3.92
N GLY D 101 27.54 -6.73 -4.79
CA GLY D 101 27.80 -5.58 -5.65
C GLY D 101 28.06 -5.99 -7.09
N TYR D 102 28.80 -5.17 -7.83
CA TYR D 102 29.04 -5.38 -9.27
C TYR D 102 30.52 -5.22 -9.57
N PRO D 103 30.99 -5.78 -10.71
CA PRO D 103 32.39 -5.65 -11.11
C PRO D 103 32.90 -4.20 -11.00
N GLY D 104 34.02 -4.01 -10.30
CA GLY D 104 34.62 -2.69 -10.06
C GLY D 104 33.87 -1.88 -9.04
N ALA D 105 32.82 -2.43 -8.42
CA ALA D 105 32.09 -1.76 -7.31
C ALA D 105 31.54 -2.85 -6.39
N ARG D 106 32.42 -3.68 -5.83
CA ARG D 106 32.07 -4.73 -4.83
C ARG D 106 32.21 -4.16 -3.42
N TYR D 107 31.57 -4.79 -2.45
CA TYR D 107 31.66 -4.39 -1.02
C TYR D 107 32.90 -5.01 -0.38
N TYR D 108 33.16 -6.27 -0.71
CA TYR D 108 34.37 -7.03 -0.29
C TYR D 108 35.48 -6.88 -1.34
N GLY D 109 36.72 -7.11 -0.91
CA GLY D 109 37.89 -7.16 -1.80
C GLY D 109 38.23 -8.60 -2.18
N GLY D 110 39.22 -8.76 -3.06
CA GLY D 110 39.71 -10.07 -3.52
C GLY D 110 38.79 -10.68 -4.58
N ASN D 111 38.19 -9.83 -5.42
CA ASN D 111 37.22 -10.27 -6.44
C ASN D 111 37.81 -10.06 -7.84
N GLU D 112 39.13 -10.02 -7.99
CA GLU D 112 39.80 -9.81 -9.30
C GLU D 112 39.27 -10.84 -10.31
N TYR D 113 39.24 -12.10 -9.91
CA TYR D 113 38.92 -13.25 -10.79
C TYR D 113 37.40 -13.36 -10.95
N ILE D 114 36.66 -13.14 -9.88
CA ILE D 114 35.16 -13.11 -9.91
C ILE D 114 34.73 -12.00 -10.86
N ASP D 115 35.39 -10.84 -10.79
CA ASP D 115 35.10 -9.70 -11.69
C ASP D 115 35.38 -10.15 -13.14
N MET D 116 36.48 -10.86 -13.37
CA MET D 116 36.81 -11.36 -14.73
C MET D 116 35.65 -12.23 -15.23
N ALA D 117 35.17 -13.16 -14.40
CA ALA D 117 34.12 -14.13 -14.79
C ALA D 117 32.82 -13.38 -15.09
N GLU D 118 32.43 -12.43 -14.25
CA GLU D 118 31.13 -11.73 -14.41
C GLU D 118 31.20 -10.81 -15.63
N ARG D 119 32.34 -10.16 -15.86
CA ARG D 119 32.49 -9.26 -17.03
C ARG D 119 32.44 -10.12 -18.30
N LEU D 120 33.07 -11.29 -18.28
CA LEU D 120 33.05 -12.20 -19.44
C LEU D 120 31.63 -12.69 -19.67
N CYS D 121 30.89 -12.97 -18.60
CA CYS D 121 29.47 -13.43 -18.68
C CYS D 121 28.63 -12.34 -19.36
N GLN D 122 28.76 -11.09 -18.92
CA GLN D 122 28.04 -9.94 -19.50
C GLN D 122 28.41 -9.80 -20.98
N LYS D 123 29.69 -9.85 -21.30
CA LYS D 123 30.19 -9.69 -22.70
C LYS D 123 29.52 -10.76 -23.56
N ARG D 124 29.56 -12.01 -23.12
CA ARG D 124 29.07 -13.17 -23.92
C ARG D 124 27.54 -13.11 -24.01
N ALA D 125 26.86 -12.62 -22.97
CA ALA D 125 25.39 -12.47 -22.94
C ALA D 125 24.99 -11.49 -24.04
N LEU D 126 25.59 -10.29 -24.05
CA LEU D 126 25.27 -9.28 -25.09
C LEU D 126 25.62 -9.86 -26.46
N GLU D 127 26.74 -10.59 -26.57
CA GLU D 127 27.21 -11.13 -27.88
C GLU D 127 26.25 -12.21 -28.41
N ALA D 128 25.67 -13.03 -27.53
CA ALA D 128 24.83 -14.16 -27.93
C ALA D 128 23.53 -13.69 -28.58
N PHE D 129 23.12 -12.44 -28.39
CA PHE D 129 21.85 -11.91 -28.93
C PHE D 129 22.12 -10.75 -29.88
N ASN D 130 23.39 -10.53 -30.26
CA ASN D 130 23.80 -9.50 -31.26
C ASN D 130 23.32 -8.13 -30.77
N LEU D 131 23.79 -7.70 -29.60
CA LEU D 131 23.32 -6.44 -28.97
C LEU D 131 24.50 -5.48 -28.86
N ASP D 132 24.29 -4.26 -29.34
CA ASP D 132 25.19 -3.10 -29.16
C ASP D 132 25.35 -2.84 -27.66
N PRO D 133 26.55 -3.01 -27.07
CA PRO D 133 26.75 -2.72 -25.65
C PRO D 133 26.42 -1.29 -25.22
N SER D 134 26.28 -0.36 -26.16
CA SER D 134 25.93 1.06 -25.86
C SER D 134 24.41 1.22 -25.86
N LYS D 135 23.66 0.27 -26.43
CA LYS D 135 22.18 0.33 -26.48
C LYS D 135 21.55 -0.64 -25.47
N TRP D 136 22.27 -1.70 -25.08
CA TRP D 136 21.75 -2.80 -24.23
C TRP D 136 22.76 -3.11 -23.12
N GLY D 137 22.25 -3.27 -21.90
CA GLY D 137 23.03 -3.76 -20.76
C GLY D 137 22.40 -5.04 -20.24
N VAL D 138 23.15 -5.81 -19.47
CA VAL D 138 22.66 -7.12 -18.95
C VAL D 138 23.02 -7.25 -17.47
N ASN D 139 22.11 -7.84 -16.70
CA ASN D 139 22.34 -8.25 -15.30
C ASN D 139 22.31 -9.77 -15.31
N VAL D 140 23.38 -10.41 -14.85
CA VAL D 140 23.47 -11.89 -14.88
C VAL D 140 23.40 -12.47 -13.46
N GLN D 141 23.10 -11.67 -12.44
CA GLN D 141 23.14 -12.13 -11.02
C GLN D 141 21.80 -12.72 -10.58
N SER D 142 20.73 -12.54 -11.36
N SER D 142 20.77 -12.57 -11.41
CA SER D 142 19.37 -13.01 -11.00
CA SER D 142 19.40 -13.05 -11.10
C SER D 142 19.38 -14.54 -10.89
C SER D 142 19.47 -14.56 -10.86
N LEU D 143 18.83 -15.06 -9.81
CA LEU D 143 18.94 -16.47 -9.41
C LEU D 143 18.01 -17.34 -10.27
N SER D 144 16.84 -16.84 -10.69
CA SER D 144 15.90 -17.61 -11.54
C SER D 144 14.88 -16.67 -12.21
N GLY D 145 13.99 -17.23 -13.02
CA GLY D 145 13.08 -16.48 -13.90
C GLY D 145 12.09 -15.67 -13.09
N SER D 146 11.40 -16.29 -12.12
CA SER D 146 10.33 -15.63 -11.34
C SER D 146 10.92 -14.43 -10.62
N PRO D 147 12.00 -14.59 -9.82
CA PRO D 147 12.64 -13.43 -9.20
C PRO D 147 13.13 -12.39 -10.21
N ALA D 148 13.57 -12.79 -11.41
CA ALA D 148 14.09 -11.85 -12.44
C ALA D 148 12.96 -10.88 -12.84
N ASN D 149 11.78 -11.41 -13.13
CA ASN D 149 10.60 -10.56 -13.47
C ASN D 149 10.25 -9.69 -12.26
N PHE D 150 10.25 -10.26 -11.07
CA PHE D 150 9.84 -9.52 -9.85
C PHE D 150 10.82 -8.38 -9.62
N GLN D 151 12.10 -8.59 -9.91
CA GLN D 151 13.13 -7.54 -9.79
C GLN D 151 12.86 -6.45 -10.83
N VAL D 152 12.47 -6.80 -12.05
CA VAL D 152 12.13 -5.76 -13.06
C VAL D 152 10.95 -4.94 -12.53
N TYR D 153 9.89 -5.57 -12.03
CA TYR D 153 8.71 -4.83 -11.50
C TYR D 153 9.16 -3.92 -10.36
N THR D 154 9.95 -4.46 -9.42
CA THR D 154 10.40 -3.70 -8.23
C THR D 154 11.26 -2.51 -8.67
N ALA D 155 12.06 -2.66 -9.72
CA ALA D 155 12.92 -1.59 -10.23
C ALA D 155 12.06 -0.50 -10.88
N LEU D 156 11.07 -0.87 -11.70
CA LEU D 156 10.45 0.10 -12.63
C LEU D 156 9.08 0.56 -12.12
N LEU D 157 8.47 -0.12 -11.15
CA LEU D 157 7.12 0.25 -10.67
C LEU D 157 7.13 0.45 -9.15
N LYS D 158 6.32 1.37 -8.66
CA LYS D 158 6.01 1.48 -7.21
C LYS D 158 5.05 0.35 -6.87
N PRO D 159 5.05 -0.10 -5.61
CA PRO D 159 4.07 -1.10 -5.18
C PRO D 159 2.65 -0.69 -5.59
N HIS D 160 1.89 -1.63 -6.12
CA HIS D 160 0.46 -1.48 -6.50
C HIS D 160 0.28 -0.77 -7.84
N GLU D 161 1.36 -0.41 -8.56
CA GLU D 161 1.25 0.06 -9.96
C GLU D 161 0.90 -1.11 -10.87
N ARG D 162 0.50 -0.81 -12.10
CA ARG D 162 -0.35 -1.74 -12.89
C ARG D 162 0.47 -2.44 -13.96
N ILE D 163 0.22 -3.75 -14.07
CA ILE D 163 0.86 -4.64 -15.08
C ILE D 163 -0.25 -5.32 -15.90
N MET D 164 -0.05 -5.41 -17.21
CA MET D 164 -0.84 -6.32 -18.06
C MET D 164 0.05 -7.45 -18.56
N ALA D 165 -0.50 -8.65 -18.65
CA ALA D 165 0.25 -9.88 -19.01
C ALA D 165 -0.71 -10.92 -19.58
N LEU D 166 -0.17 -11.93 -20.26
CA LEU D 166 -0.97 -13.02 -20.85
C LEU D 166 -1.47 -13.89 -19.70
N ASP D 167 -2.76 -14.21 -19.71
CA ASP D 167 -3.42 -15.01 -18.63
C ASP D 167 -2.70 -16.37 -18.48
N LEU D 168 -2.87 -17.02 -17.34
CA LEU D 168 -2.19 -18.30 -17.01
C LEU D 168 -2.85 -19.47 -17.74
N PRO D 169 -4.17 -19.75 -17.63
CA PRO D 169 -4.74 -20.93 -18.26
C PRO D 169 -4.78 -20.88 -19.81
N HIS D 170 -4.33 -19.79 -20.41
CA HIS D 170 -4.21 -19.63 -21.89
C HIS D 170 -2.76 -19.81 -22.35
N GLY D 171 -1.79 -19.68 -21.44
CA GLY D 171 -0.39 -20.00 -21.78
C GLY D 171 0.64 -19.17 -21.04
N GLY D 172 0.26 -18.35 -20.05
CA GLY D 172 1.21 -17.46 -19.34
C GLY D 172 2.04 -18.19 -18.30
N HIS D 173 2.96 -17.47 -17.67
CA HIS D 173 3.73 -17.94 -16.48
C HIS D 173 3.21 -17.28 -15.21
N LEU D 174 3.52 -17.88 -14.04
CA LEU D 174 3.08 -17.36 -12.72
C LEU D 174 3.73 -16.00 -12.45
N SER D 175 4.95 -15.77 -12.94
CA SER D 175 5.69 -14.49 -12.73
C SER D 175 5.01 -13.32 -13.45
N HIS D 176 3.91 -13.56 -14.17
CA HIS D 176 3.13 -12.49 -14.85
C HIS D 176 1.95 -12.07 -13.96
N GLY D 177 1.68 -12.84 -12.89
CA GLY D 177 0.51 -12.62 -12.03
C GLY D 177 -0.59 -13.62 -12.33
N TYR D 178 -1.37 -13.98 -11.31
CA TYR D 178 -2.61 -14.77 -11.47
C TYR D 178 -3.47 -14.67 -10.22
N GLN D 179 -4.78 -14.45 -10.41
CA GLN D 179 -5.78 -14.48 -9.32
C GLN D 179 -7.06 -15.09 -9.86
N THR D 180 -7.63 -16.05 -9.14
CA THR D 180 -8.91 -16.70 -9.47
C THR D 180 -10.02 -15.99 -8.70
N ASP D 181 -11.19 -16.61 -8.58
CA ASP D 181 -12.34 -16.02 -7.84
C ASP D 181 -12.09 -16.09 -6.34
N THR D 182 -10.96 -16.65 -5.87
CA THR D 182 -10.81 -17.09 -4.46
C THR D 182 -9.53 -16.52 -3.82
N LYS D 183 -8.41 -16.50 -4.53
CA LYS D 183 -7.07 -16.36 -3.85
C LYS D 183 -6.06 -15.67 -4.75
N LYS D 184 -5.05 -15.02 -4.16
CA LYS D 184 -3.83 -14.56 -4.88
C LYS D 184 -2.78 -15.67 -4.82
N ILE D 185 -2.45 -16.27 -5.97
CA ILE D 185 -1.52 -17.43 -6.03
C ILE D 185 -0.10 -16.90 -6.18
N SER D 186 0.22 -16.31 -7.34
CA SER D 186 1.51 -15.66 -7.61
C SER D 186 1.65 -14.41 -6.74
N ALA D 187 2.83 -14.17 -6.19
CA ALA D 187 3.11 -13.02 -5.32
C ALA D 187 2.97 -11.72 -6.11
N VAL D 188 3.13 -11.74 -7.43
CA VAL D 188 3.17 -10.47 -8.21
C VAL D 188 1.83 -9.74 -8.02
N SER D 189 0.74 -10.50 -7.99
CA SER D 189 -0.64 -9.97 -7.84
C SER D 189 -0.84 -9.45 -6.41
N ILE D 190 -0.03 -9.88 -5.44
CA ILE D 190 -0.02 -9.30 -4.07
C ILE D 190 0.59 -7.90 -4.10
N PHE D 191 1.75 -7.71 -4.72
CA PHE D 191 2.55 -6.48 -4.55
C PHE D 191 2.24 -5.47 -5.65
N PHE D 192 1.68 -5.93 -6.76
CA PHE D 192 1.30 -5.06 -7.91
C PHE D 192 -0.12 -5.38 -8.32
N GLU D 193 -0.74 -4.46 -9.07
CA GLU D 193 -2.10 -4.65 -9.62
C GLU D 193 -1.97 -5.22 -11.03
N THR D 194 -2.47 -6.43 -11.24
CA THR D 194 -2.32 -7.18 -12.51
C THR D 194 -3.69 -7.37 -13.15
N MET D 195 -3.77 -7.15 -14.45
CA MET D 195 -4.94 -7.53 -15.28
C MET D 195 -4.43 -8.29 -16.49
N PRO D 196 -5.05 -9.45 -16.82
CA PRO D 196 -4.64 -10.21 -18.00
C PRO D 196 -5.25 -9.74 -19.32
N TYR D 197 -4.55 -10.07 -20.41
CA TYR D 197 -5.09 -10.13 -21.79
C TYR D 197 -5.20 -11.60 -22.19
N ARG D 198 -6.18 -11.90 -23.05
CA ARG D 198 -6.59 -13.30 -23.34
C ARG D 198 -6.33 -13.65 -24.81
N LEU D 199 -6.51 -14.93 -25.13
CA LEU D 199 -6.43 -15.45 -26.51
C LEU D 199 -7.77 -15.23 -27.22
N ASP D 200 -7.69 -15.09 -28.55
CA ASP D 200 -8.86 -15.27 -29.47
C ASP D 200 -9.29 -16.74 -29.40
N GLU D 201 -10.42 -17.02 -28.76
CA GLU D 201 -10.75 -18.39 -28.30
C GLU D 201 -10.93 -19.35 -29.49
N SER D 202 -11.14 -18.85 -30.71
CA SER D 202 -11.34 -19.70 -31.90
C SER D 202 -10.01 -19.91 -32.64
N THR D 203 -9.12 -18.93 -32.67
CA THR D 203 -7.86 -18.96 -33.45
C THR D 203 -6.76 -19.62 -32.61
N GLY D 204 -6.58 -19.13 -31.37
CA GLY D 204 -5.51 -19.59 -30.46
C GLY D 204 -4.29 -18.69 -30.51
N TYR D 205 -4.36 -17.53 -31.17
CA TYR D 205 -3.33 -16.47 -31.11
C TYR D 205 -3.80 -15.40 -30.12
N ILE D 206 -2.93 -14.46 -29.79
CA ILE D 206 -3.22 -13.34 -28.84
C ILE D 206 -4.20 -12.38 -29.51
N ASP D 207 -5.21 -11.93 -28.77
CA ASP D 207 -6.22 -10.98 -29.29
C ASP D 207 -5.70 -9.56 -29.10
N TYR D 208 -5.04 -9.00 -30.13
CA TYR D 208 -4.31 -7.70 -30.04
C TYR D 208 -5.26 -6.49 -29.96
N GLU D 209 -6.56 -6.73 -30.12
CA GLU D 209 -7.58 -5.63 -30.09
C GLU D 209 -8.16 -5.53 -28.68
N GLN D 210 -8.72 -6.62 -28.17
CA GLN D 210 -9.26 -6.64 -26.78
C GLN D 210 -8.16 -6.12 -25.84
N MET D 211 -6.90 -6.44 -26.16
CA MET D 211 -5.74 -6.00 -25.35
C MET D 211 -5.62 -4.47 -25.46
N GLU D 212 -5.73 -3.90 -26.66
CA GLU D 212 -5.56 -2.44 -26.85
C GLU D 212 -6.70 -1.70 -26.11
N LYS D 213 -7.92 -2.22 -26.23
CA LYS D 213 -9.13 -1.62 -25.59
C LYS D 213 -8.94 -1.66 -24.08
N SER D 214 -8.70 -2.86 -23.52
CA SER D 214 -8.55 -3.03 -22.07
C SER D 214 -7.34 -2.20 -21.58
N ALA D 215 -6.31 -1.98 -22.40
CA ALA D 215 -5.13 -1.18 -21.98
C ALA D 215 -5.54 0.28 -21.83
N VAL D 216 -6.37 0.80 -22.75
CA VAL D 216 -6.75 2.24 -22.64
C VAL D 216 -7.53 2.40 -21.33
N LEU D 217 -8.36 1.41 -20.96
CA LEU D 217 -9.18 1.49 -19.73
C LEU D 217 -8.30 1.33 -18.49
N PHE D 218 -7.35 0.39 -18.50
CA PHE D 218 -6.58 -0.07 -17.31
C PHE D 218 -5.33 0.79 -17.05
N ARG D 219 -4.81 1.49 -18.06
CA ARG D 219 -3.68 2.44 -17.93
C ARG D 219 -2.47 1.76 -17.30
N PRO D 220 -1.98 0.62 -17.83
CA PRO D 220 -0.90 -0.11 -17.19
C PRO D 220 0.41 0.65 -17.35
N LYS D 221 1.32 0.50 -16.38
CA LYS D 221 2.67 1.11 -16.44
C LYS D 221 3.62 0.17 -17.20
N LEU D 222 3.32 -1.14 -17.21
CA LEU D 222 4.17 -2.17 -17.85
C LEU D 222 3.27 -3.22 -18.50
N ILE D 223 3.67 -3.72 -19.67
CA ILE D 223 2.99 -4.84 -20.38
C ILE D 223 4.01 -5.95 -20.62
N VAL D 224 3.64 -7.17 -20.24
CA VAL D 224 4.50 -8.37 -20.35
C VAL D 224 4.07 -9.15 -21.59
N ALA D 225 5.00 -9.34 -22.51
CA ALA D 225 4.87 -10.21 -23.71
C ALA D 225 5.74 -11.45 -23.54
N GLY D 226 5.16 -12.66 -23.55
CA GLY D 226 5.92 -13.89 -23.29
C GLY D 226 5.11 -14.86 -22.45
N ALA D 227 5.23 -16.15 -22.75
CA ALA D 227 4.32 -17.21 -22.29
C ALA D 227 5.11 -18.51 -22.08
N SER D 228 4.42 -19.58 -21.68
N SER D 228 4.39 -19.57 -21.73
CA SER D 228 4.96 -20.94 -21.45
CA SER D 228 4.95 -20.93 -21.53
C SER D 228 4.31 -21.91 -22.45
C SER D 228 4.28 -21.90 -22.50
N ALA D 229 3.00 -22.18 -22.28
CA ALA D 229 2.25 -23.11 -23.15
C ALA D 229 1.67 -22.35 -24.35
N TYR D 230 2.50 -21.56 -25.04
CA TYR D 230 2.11 -20.81 -26.24
C TYR D 230 3.09 -21.18 -27.34
N ALA D 231 2.57 -21.83 -28.38
CA ALA D 231 3.40 -22.50 -29.41
C ALA D 231 3.76 -21.53 -30.54
N ARG D 232 3.29 -20.29 -30.50
CA ARG D 232 3.53 -19.29 -31.57
C ARG D 232 4.49 -18.20 -31.09
N VAL D 233 5.00 -17.43 -32.06
CA VAL D 233 5.93 -16.31 -31.79
C VAL D 233 5.12 -15.03 -31.92
N TYR D 234 5.45 -14.01 -31.12
CA TYR D 234 4.58 -12.83 -30.95
C TYR D 234 4.74 -11.85 -32.12
N ASP D 235 3.87 -10.84 -32.15
CA ASP D 235 3.97 -9.65 -33.04
C ASP D 235 4.51 -8.47 -32.21
N TYR D 236 5.83 -8.39 -32.07
CA TYR D 236 6.49 -7.38 -31.21
C TYR D 236 6.16 -5.98 -31.70
N ALA D 237 5.98 -5.80 -33.00
CA ALA D 237 5.82 -4.45 -33.62
C ALA D 237 4.53 -3.81 -33.10
N ARG D 238 3.44 -4.58 -33.10
CA ARG D 238 2.11 -4.09 -32.66
C ARG D 238 2.14 -3.85 -31.14
N MET D 239 2.87 -4.68 -30.39
CA MET D 239 2.96 -4.50 -28.91
C MET D 239 3.78 -3.25 -28.59
N ARG D 240 4.80 -2.97 -29.38
CA ARG D 240 5.56 -1.72 -29.23
C ARG D 240 4.61 -0.54 -29.51
N LYS D 241 3.79 -0.65 -30.54
CA LYS D 241 2.82 0.43 -30.92
C LYS D 241 1.87 0.66 -29.74
N VAL D 242 1.31 -0.41 -29.16
CA VAL D 242 0.37 -0.30 -28.01
C VAL D 242 1.10 0.36 -26.84
N CYS D 243 2.33 -0.07 -26.52
CA CYS D 243 3.07 0.45 -25.34
C CYS D 243 3.42 1.92 -25.54
N ASP D 244 3.83 2.30 -26.76
CA ASP D 244 4.11 3.73 -27.08
C ASP D 244 2.84 4.57 -26.92
N LYS D 245 1.68 4.00 -27.28
CA LYS D 245 0.38 4.70 -27.19
C LYS D 245 0.03 4.91 -25.71
N GLN D 246 0.16 3.87 -24.89
CA GLN D 246 -0.26 3.87 -23.47
C GLN D 246 0.89 4.36 -22.57
N LYS D 247 1.99 4.85 -23.15
CA LYS D 247 3.19 5.33 -22.39
C LYS D 247 3.60 4.23 -21.39
N ALA D 248 3.71 2.99 -21.87
CA ALA D 248 3.93 1.77 -21.04
C ALA D 248 5.27 1.12 -21.39
N ILE D 249 5.82 0.38 -20.44
CA ILE D 249 7.12 -0.34 -20.56
C ILE D 249 6.87 -1.69 -21.21
N LEU D 250 7.64 -2.03 -22.25
CA LEU D 250 7.52 -3.34 -22.93
C LEU D 250 8.54 -4.31 -22.33
N LEU D 251 8.04 -5.27 -21.57
CA LEU D 251 8.88 -6.36 -21.01
C LEU D 251 8.60 -7.63 -21.80
N ALA D 252 9.61 -8.19 -22.44
CA ALA D 252 9.52 -9.49 -23.14
C ALA D 252 10.15 -10.57 -22.27
N ASP D 253 9.38 -11.60 -21.92
CA ASP D 253 9.92 -12.79 -21.22
C ASP D 253 10.17 -13.91 -22.25
N MET D 254 11.42 -14.05 -22.68
CA MET D 254 11.78 -15.02 -23.76
C MET D 254 12.31 -16.32 -23.15
N ALA D 255 11.87 -16.66 -21.94
CA ALA D 255 12.36 -17.85 -21.20
C ALA D 255 12.25 -19.08 -22.12
N HIS D 256 11.12 -19.23 -22.82
CA HIS D 256 10.82 -20.46 -23.59
C HIS D 256 11.57 -20.49 -24.92
N ILE D 257 12.13 -19.39 -25.42
CA ILE D 257 12.65 -19.35 -26.81
C ILE D 257 14.06 -18.76 -26.85
N SER D 258 14.73 -18.63 -25.71
CA SER D 258 15.98 -17.83 -25.60
C SER D 258 17.06 -18.37 -26.57
N GLY D 259 17.32 -19.67 -26.52
CA GLY D 259 18.23 -20.34 -27.47
C GLY D 259 17.78 -20.08 -28.91
N LEU D 260 16.49 -20.22 -29.19
CA LEU D 260 15.94 -19.99 -30.54
C LEU D 260 16.21 -18.54 -30.95
N VAL D 261 16.25 -17.59 -30.03
CA VAL D 261 16.52 -16.17 -30.42
C VAL D 261 18.03 -16.02 -30.65
N ALA D 262 18.85 -16.73 -29.87
CA ALA D 262 20.32 -16.62 -29.95
C ALA D 262 20.86 -17.26 -31.24
N ALA D 263 20.14 -18.23 -31.82
CA ALA D 263 20.54 -18.91 -33.07
C ALA D 263 19.98 -18.17 -34.30
N GLY D 264 19.20 -17.12 -34.12
CA GLY D 264 18.64 -16.30 -35.22
C GLY D 264 17.55 -17.00 -36.00
N VAL D 265 16.90 -18.03 -35.44
CA VAL D 265 15.91 -18.86 -36.18
C VAL D 265 14.49 -18.34 -35.89
N VAL D 266 14.34 -17.33 -35.04
CA VAL D 266 13.03 -16.65 -34.79
C VAL D 266 13.28 -15.19 -34.53
N PRO D 267 12.31 -14.29 -34.79
CA PRO D 267 12.55 -12.86 -34.62
C PRO D 267 12.96 -12.53 -33.18
N SER D 268 13.96 -11.66 -33.06
CA SER D 268 14.55 -11.23 -31.77
C SER D 268 13.62 -10.23 -31.10
N PRO D 269 13.17 -10.49 -29.85
CA PRO D 269 12.37 -9.51 -29.12
C PRO D 269 13.12 -8.19 -28.85
N PHE D 270 14.45 -8.22 -28.96
CA PHE D 270 15.31 -7.03 -28.72
C PHE D 270 15.05 -5.97 -29.80
N GLU D 271 14.40 -6.35 -30.89
CA GLU D 271 14.01 -5.43 -32.00
C GLU D 271 13.07 -4.34 -31.47
N TYR D 272 12.20 -4.67 -30.52
CA TYR D 272 11.09 -3.78 -30.10
C TYR D 272 10.95 -3.62 -28.58
N ALA D 273 11.51 -4.51 -27.77
CA ALA D 273 11.27 -4.55 -26.30
C ALA D 273 12.15 -3.51 -25.58
N ASP D 274 11.69 -3.07 -24.41
CA ASP D 274 12.43 -2.16 -23.51
C ASP D 274 13.32 -3.01 -22.60
N VAL D 275 12.77 -4.09 -22.08
CA VAL D 275 13.45 -4.95 -21.08
C VAL D 275 13.17 -6.39 -21.48
N VAL D 276 14.20 -7.22 -21.49
CA VAL D 276 14.03 -8.65 -21.86
C VAL D 276 14.54 -9.49 -20.71
N THR D 277 13.69 -10.35 -20.17
CA THR D 277 14.14 -11.32 -19.13
C THR D 277 14.17 -12.71 -19.75
N THR D 278 15.01 -13.56 -19.22
CA THR D 278 15.07 -14.95 -19.68
C THR D 278 15.64 -15.80 -18.57
N THR D 279 15.28 -17.08 -18.58
CA THR D 279 15.97 -18.11 -17.80
C THR D 279 17.12 -18.64 -18.65
N THR D 280 18.08 -19.27 -17.99
CA THR D 280 19.33 -19.70 -18.65
C THR D 280 19.31 -21.21 -18.87
N HIS D 281 18.24 -21.90 -18.47
CA HIS D 281 18.27 -23.37 -18.30
C HIS D 281 17.55 -24.13 -19.43
N LYS D 282 16.64 -23.51 -20.15
CA LYS D 282 15.74 -24.29 -21.03
C LYS D 282 16.25 -24.27 -22.48
N SER D 283 15.72 -23.37 -23.30
CA SER D 283 16.11 -23.26 -24.72
C SER D 283 17.61 -22.90 -24.78
N LEU D 284 18.11 -22.09 -23.85
CA LEU D 284 19.50 -21.55 -23.89
C LEU D 284 20.50 -22.66 -23.51
N ARG D 285 20.07 -23.64 -22.71
CA ARG D 285 20.78 -24.92 -22.49
C ARG D 285 21.91 -24.75 -21.48
N GLY D 286 21.89 -23.69 -20.66
CA GLY D 286 22.93 -23.39 -19.68
C GLY D 286 22.54 -23.86 -18.28
N PRO D 287 23.13 -23.26 -17.22
CA PRO D 287 22.80 -23.60 -15.85
C PRO D 287 21.49 -22.94 -15.42
N ARG D 288 20.97 -23.35 -14.26
CA ARG D 288 19.72 -22.77 -13.71
C ARG D 288 20.02 -21.37 -13.17
N GLY D 289 19.46 -20.38 -13.84
CA GLY D 289 19.64 -18.96 -13.52
C GLY D 289 18.73 -18.11 -14.38
N ALA D 290 19.05 -16.82 -14.48
CA ALA D 290 18.27 -15.88 -15.28
C ALA D 290 19.15 -14.70 -15.69
N MET D 291 18.69 -13.97 -16.70
CA MET D 291 19.34 -12.72 -17.12
C MET D 291 18.25 -11.66 -17.31
N ILE D 292 18.61 -10.42 -17.00
CA ILE D 292 17.78 -9.23 -17.33
C ILE D 292 18.57 -8.34 -18.28
N PHE D 293 18.04 -8.14 -19.48
CA PHE D 293 18.57 -7.16 -20.46
C PHE D 293 17.70 -5.90 -20.38
N PHE D 294 18.32 -4.76 -20.56
CA PHE D 294 17.62 -3.46 -20.51
C PHE D 294 18.26 -2.49 -21.48
N ARG D 295 17.43 -1.64 -22.07
CA ARG D 295 17.91 -0.54 -22.92
C ARG D 295 18.70 0.43 -22.06
N LYS D 296 19.73 1.01 -22.64
CA LYS D 296 20.45 2.15 -22.03
C LYS D 296 20.82 3.15 -23.13
N GLY D 297 21.28 4.34 -22.72
CA GLY D 297 21.70 5.39 -23.67
C GLY D 297 20.51 6.20 -24.13
N LEU D 298 20.47 6.57 -25.42
CA LEU D 298 19.50 7.56 -25.95
C LEU D 298 18.19 6.84 -26.24
N LYS D 299 17.09 7.35 -25.68
CA LYS D 299 15.74 6.80 -25.96
C LYS D 299 15.15 7.52 -27.19
N GLU D 300 15.23 8.85 -27.18
CA GLU D 300 14.59 9.76 -28.18
C GLU D 300 14.92 11.20 -27.79
N ILE D 301 14.61 12.16 -28.66
CA ILE D 301 14.78 13.60 -28.35
C ILE D 301 13.39 14.20 -28.19
N ASN D 302 13.13 14.82 -27.03
CA ASN D 302 11.79 15.41 -26.71
C ASN D 302 11.58 16.64 -27.58
N LYS D 303 10.33 17.13 -27.61
CA LYS D 303 9.91 18.22 -28.54
C LYS D 303 10.55 19.55 -28.14
N LYS D 304 11.20 19.65 -26.97
CA LYS D 304 11.80 20.94 -26.51
C LYS D 304 13.26 21.02 -26.95
N GLY D 305 13.72 19.96 -27.62
CA GLY D 305 15.08 19.86 -28.17
C GLY D 305 15.96 18.98 -27.32
N GLU D 306 15.58 18.76 -26.06
CA GLU D 306 16.40 17.96 -25.11
C GLU D 306 16.38 16.48 -25.51
N GLU D 307 17.45 15.77 -25.16
CA GLU D 307 17.55 14.31 -25.42
C GLU D 307 17.22 13.60 -24.11
N VAL D 308 16.39 12.57 -24.19
CA VAL D 308 15.96 11.78 -23.01
C VAL D 308 16.72 10.45 -23.07
N MET D 309 17.32 10.08 -21.95
CA MET D 309 18.06 8.81 -21.77
C MET D 309 17.14 7.77 -21.12
N TYR D 310 17.35 6.51 -21.45
CA TYR D 310 16.64 5.38 -20.79
C TYR D 310 16.95 5.41 -19.29
N ASP D 311 16.04 4.84 -18.52
CA ASP D 311 16.10 4.86 -17.05
C ASP D 311 15.86 3.44 -16.54
N PHE D 312 16.69 2.48 -16.91
CA PHE D 312 16.43 1.09 -16.48
C PHE D 312 17.64 0.46 -15.79
N GLU D 313 18.82 0.72 -16.33
CA GLU D 313 20.06 0.11 -15.81
C GLU D 313 20.21 0.28 -14.31
N ASP D 314 20.33 1.51 -13.83
CA ASP D 314 20.61 1.75 -12.38
C ASP D 314 19.49 1.12 -11.55
N LYS D 315 18.24 1.31 -11.93
CA LYS D 315 17.08 0.85 -11.16
C LYS D 315 17.09 -0.68 -11.10
N ILE D 316 17.33 -1.36 -12.22
CA ILE D 316 17.29 -2.84 -12.29
C ILE D 316 18.46 -3.40 -11.49
N ASN D 317 19.67 -2.86 -11.72
CA ASN D 317 20.87 -3.32 -11.01
C ASN D 317 20.67 -3.16 -9.49
N GLN D 318 20.00 -2.09 -9.05
CA GLN D 318 19.81 -1.84 -7.60
C GLN D 318 18.66 -2.72 -7.08
N ALA D 319 17.64 -2.99 -7.88
CA ALA D 319 16.53 -3.86 -7.48
C ALA D 319 17.06 -5.27 -7.24
N VAL D 320 18.03 -5.70 -8.06
CA VAL D 320 18.63 -7.05 -7.95
C VAL D 320 19.48 -7.07 -6.67
N PHE D 321 20.41 -6.12 -6.55
CA PHE D 321 21.22 -5.93 -5.33
C PHE D 321 21.47 -4.45 -5.13
N PRO D 322 21.27 -3.87 -3.92
CA PRO D 322 20.93 -4.60 -2.70
C PRO D 322 19.44 -4.85 -2.44
N GLY D 323 18.60 -4.60 -3.44
CA GLY D 323 17.14 -4.65 -3.32
C GLY D 323 16.64 -6.00 -2.83
N LEU D 324 16.80 -7.06 -3.62
CA LEU D 324 16.09 -8.35 -3.36
C LEU D 324 17.04 -9.54 -3.22
N GLN D 325 18.30 -9.41 -3.60
CA GLN D 325 19.26 -10.53 -3.53
C GLN D 325 20.46 -10.11 -2.68
N GLY D 326 21.27 -11.09 -2.27
CA GLY D 326 22.52 -10.84 -1.56
C GLY D 326 23.71 -11.10 -2.45
N GLY D 327 24.62 -11.94 -1.97
CA GLY D 327 25.84 -12.33 -2.70
C GLY D 327 25.51 -13.08 -3.98
N PRO D 328 26.14 -12.75 -5.12
CA PRO D 328 25.86 -13.45 -6.36
C PRO D 328 26.40 -14.89 -6.27
N HIS D 329 25.80 -15.78 -7.04
CA HIS D 329 26.23 -17.20 -7.18
C HIS D 329 27.26 -17.29 -8.32
N ASN D 330 28.53 -17.02 -8.02
CA ASN D 330 29.58 -16.89 -9.04
C ASN D 330 29.79 -18.22 -9.77
N HIS D 331 29.51 -19.35 -9.13
CA HIS D 331 29.63 -20.66 -9.80
C HIS D 331 28.62 -20.74 -10.94
N THR D 332 27.36 -20.39 -10.69
CA THR D 332 26.33 -20.36 -11.76
C THR D 332 26.68 -19.29 -12.80
N ILE D 333 27.29 -18.17 -12.41
CA ILE D 333 27.66 -17.12 -13.39
C ILE D 333 28.76 -17.64 -14.33
N ALA D 334 29.75 -18.35 -13.80
CA ALA D 334 30.83 -18.99 -14.60
C ALA D 334 30.19 -19.97 -15.59
N GLY D 335 29.33 -20.86 -15.08
CA GLY D 335 28.61 -21.83 -15.91
C GLY D 335 27.85 -21.13 -17.02
N LEU D 336 27.17 -20.04 -16.70
CA LEU D 336 26.32 -19.31 -17.68
C LEU D 336 27.25 -18.72 -18.74
N ALA D 337 28.43 -18.24 -18.36
CA ALA D 337 29.40 -17.64 -19.31
C ALA D 337 29.79 -18.72 -20.33
N VAL D 338 30.00 -19.94 -19.87
CA VAL D 338 30.46 -21.02 -20.79
C VAL D 338 29.25 -21.44 -21.65
N ALA D 339 28.04 -21.50 -21.08
CA ALA D 339 26.81 -21.79 -21.84
C ALA D 339 26.66 -20.77 -22.97
N LEU D 340 26.89 -19.48 -22.68
CA LEU D 340 26.69 -18.40 -23.68
C LEU D 340 27.74 -18.50 -24.79
N LYS D 341 28.98 -18.88 -24.43
CA LYS D 341 30.03 -19.10 -25.44
C LYS D 341 29.62 -20.23 -26.38
N GLN D 342 29.06 -21.32 -25.85
CA GLN D 342 28.54 -22.42 -26.69
C GLN D 342 27.41 -21.87 -27.59
N ALA D 343 26.59 -20.96 -27.06
CA ALA D 343 25.34 -20.52 -27.72
C ALA D 343 25.67 -19.65 -28.94
N THR D 344 26.92 -19.25 -29.16
CA THR D 344 27.27 -18.38 -30.33
C THR D 344 27.83 -19.20 -31.49
N THR D 345 28.01 -20.52 -31.32
CA THR D 345 28.75 -21.37 -32.30
C THR D 345 27.80 -21.92 -33.36
N PRO D 346 28.33 -22.31 -34.54
CA PRO D 346 27.52 -22.98 -35.56
C PRO D 346 26.88 -24.30 -35.13
N GLU D 347 27.57 -25.11 -34.32
CA GLU D 347 26.99 -26.37 -33.77
C GLU D 347 25.67 -26.03 -33.06
N TYR D 348 25.66 -24.94 -32.30
CA TYR D 348 24.48 -24.51 -31.52
C TYR D 348 23.34 -24.12 -32.46
N LYS D 349 23.64 -23.35 -33.50
CA LYS D 349 22.62 -22.92 -34.51
C LYS D 349 22.02 -24.16 -35.18
N ALA D 350 22.86 -25.13 -35.54
CA ALA D 350 22.42 -26.41 -36.15
C ALA D 350 21.44 -27.07 -35.17
N TYR D 351 21.82 -27.15 -33.90
CA TYR D 351 21.01 -27.82 -32.86
C TYR D 351 19.63 -27.16 -32.76
N GLN D 352 19.56 -25.83 -32.81
CA GLN D 352 18.27 -25.12 -32.62
C GLN D 352 17.39 -25.29 -33.85
N GLU D 353 17.97 -25.23 -35.05
CA GLU D 353 17.22 -25.55 -36.29
C GLU D 353 16.73 -27.00 -36.21
N GLN D 354 17.52 -27.88 -35.58
CA GLN D 354 17.14 -29.29 -35.39
C GLN D 354 15.94 -29.39 -34.44
N VAL D 355 15.94 -28.62 -33.36
CA VAL D 355 14.81 -28.72 -32.40
C VAL D 355 13.55 -28.26 -33.14
N LEU D 356 13.65 -27.23 -34.00
CA LEU D 356 12.50 -26.71 -34.79
C LEU D 356 12.01 -27.81 -35.75
N ALA D 357 12.91 -28.43 -36.52
CA ALA D 357 12.56 -29.42 -37.57
C ALA D 357 11.95 -30.64 -36.90
N ASN D 358 12.55 -31.08 -35.79
CA ASN D 358 12.05 -32.23 -35.01
C ASN D 358 10.61 -31.93 -34.57
N CYS D 359 10.34 -30.70 -34.16
CA CYS D 359 8.99 -30.32 -33.67
C CYS D 359 8.00 -30.33 -34.84
N LYS D 360 8.40 -29.82 -36.01
CA LYS D 360 7.51 -29.83 -37.21
C LYS D 360 7.15 -31.29 -37.53
N ARG D 361 8.15 -32.18 -37.55
CA ARG D 361 7.95 -33.60 -37.94
C ARG D 361 7.10 -34.28 -36.86
N PHE D 362 7.30 -33.92 -35.60
CA PHE D 362 6.54 -34.46 -34.45
C PHE D 362 5.07 -34.08 -34.60
N SER D 363 4.79 -32.82 -34.94
CA SER D 363 3.41 -32.28 -35.16
C SER D 363 2.75 -33.07 -36.30
N GLN D 364 3.48 -33.27 -37.40
CA GLN D 364 2.89 -33.94 -38.59
C GLN D 364 2.64 -35.41 -38.21
N SER D 365 3.57 -36.05 -37.51
CA SER D 365 3.48 -37.48 -37.13
C SER D 365 2.32 -37.67 -36.16
N LEU D 366 1.90 -36.60 -35.47
CA LEU D 366 0.78 -36.67 -34.51
C LEU D 366 -0.54 -36.43 -35.28
N ILE D 367 -0.46 -35.64 -36.34
CA ILE D 367 -1.66 -35.35 -37.20
C ILE D 367 -2.01 -36.64 -37.95
N GLU D 368 -0.98 -37.41 -38.34
CA GLU D 368 -1.18 -38.70 -39.05
C GLU D 368 -1.89 -39.68 -38.09
N ARG D 369 -1.57 -39.59 -36.79
CA ARG D 369 -2.22 -40.48 -35.79
C ARG D 369 -3.64 -39.97 -35.60
N GLY D 370 -3.84 -38.65 -35.65
CA GLY D 370 -5.19 -38.06 -35.54
C GLY D 370 -5.43 -37.27 -34.27
N TYR D 371 -4.47 -36.46 -33.83
CA TYR D 371 -4.59 -35.66 -32.57
C TYR D 371 -4.70 -34.16 -32.90
N SER D 372 -5.18 -33.38 -31.94
CA SER D 372 -5.44 -31.93 -32.08
C SER D 372 -4.30 -31.13 -31.43
N LEU D 373 -3.67 -30.25 -32.19
CA LEU D 373 -2.70 -29.28 -31.64
C LEU D 373 -3.41 -27.94 -31.39
N VAL D 374 -3.32 -27.41 -30.17
CA VAL D 374 -3.92 -26.10 -29.86
C VAL D 374 -3.13 -25.02 -30.60
N SER D 375 -3.85 -24.06 -31.19
CA SER D 375 -3.38 -22.98 -32.07
C SER D 375 -3.27 -23.48 -33.52
N GLY D 376 -3.59 -24.75 -33.77
CA GLY D 376 -3.59 -25.35 -35.12
C GLY D 376 -2.20 -25.70 -35.61
N GLY D 377 -1.21 -25.74 -34.71
CA GLY D 377 0.15 -26.23 -35.04
C GLY D 377 1.20 -25.66 -34.10
N THR D 378 2.40 -25.44 -34.61
CA THR D 378 3.55 -24.94 -33.82
C THR D 378 4.46 -24.10 -34.72
N ASP D 379 5.06 -23.04 -34.15
CA ASP D 379 6.16 -22.30 -34.81
C ASP D 379 7.48 -22.57 -34.10
N ASN D 380 7.45 -23.30 -32.98
CA ASN D 380 8.67 -23.41 -32.12
C ASN D 380 8.83 -24.85 -31.61
N HIS D 381 9.24 -25.01 -30.35
CA HIS D 381 9.89 -26.24 -29.83
C HIS D 381 8.87 -27.13 -29.10
N LEU D 382 7.63 -26.68 -28.92
CA LEU D 382 6.65 -27.38 -28.06
C LEU D 382 5.35 -27.63 -28.83
N VAL D 383 4.73 -28.78 -28.54
CA VAL D 383 3.40 -29.15 -29.08
C VAL D 383 2.49 -29.43 -27.90
N LEU D 384 1.38 -28.70 -27.80
CA LEU D 384 0.39 -28.91 -26.73
C LEU D 384 -0.79 -29.66 -27.35
N VAL D 385 -0.84 -30.96 -27.12
CA VAL D 385 -1.86 -31.87 -27.70
C VAL D 385 -3.16 -31.70 -26.90
N ASN D 386 -4.26 -31.47 -27.63
CA ASN D 386 -5.61 -31.20 -27.12
C ASN D 386 -6.35 -32.53 -26.98
N LEU D 387 -6.20 -33.20 -25.85
CA LEU D 387 -6.64 -34.61 -25.65
C LEU D 387 -8.12 -34.68 -25.28
N ARG D 388 -8.84 -33.56 -25.22
CA ARG D 388 -10.26 -33.58 -24.77
C ARG D 388 -11.09 -34.45 -25.71
N ASP D 389 -10.84 -34.35 -27.02
CA ASP D 389 -11.70 -34.97 -28.05
C ASP D 389 -11.21 -36.40 -28.32
N LYS D 390 -10.38 -37.00 -27.46
CA LYS D 390 -10.00 -38.43 -27.57
C LYS D 390 -10.58 -39.23 -26.39
N GLY D 391 -11.32 -38.58 -25.49
CA GLY D 391 -12.04 -39.24 -24.38
C GLY D 391 -11.13 -39.51 -23.18
N ILE D 392 -10.02 -38.79 -23.04
CA ILE D 392 -9.11 -38.97 -21.85
C ILE D 392 -8.47 -37.64 -21.51
N ASP D 393 -7.98 -37.50 -20.28
CA ASP D 393 -7.50 -36.21 -19.72
C ASP D 393 -5.97 -36.13 -19.86
N GLY D 394 -5.33 -35.26 -19.08
CA GLY D 394 -3.87 -35.15 -18.99
C GLY D 394 -3.32 -36.05 -17.90
N SER D 395 -4.08 -36.34 -16.85
CA SER D 395 -3.56 -37.05 -15.65
C SER D 395 -3.23 -38.50 -16.02
N ARG D 396 -4.18 -39.19 -16.64
CA ARG D 396 -4.11 -40.66 -16.82
C ARG D 396 -2.99 -40.95 -17.82
N VAL D 397 -2.92 -40.17 -18.89
CA VAL D 397 -1.90 -40.37 -19.95
C VAL D 397 -0.52 -40.13 -19.33
N GLU D 398 -0.36 -39.09 -18.50
CA GLU D 398 0.96 -38.76 -17.88
C GLU D 398 1.39 -39.89 -16.95
N LYS D 399 0.46 -40.42 -16.16
CA LYS D 399 0.75 -41.56 -15.24
C LYS D 399 1.29 -42.74 -16.06
N VAL D 400 0.60 -43.11 -17.12
CA VAL D 400 1.00 -44.30 -17.92
C VAL D 400 2.33 -44.00 -18.60
N MET D 401 2.53 -42.78 -19.10
CA MET D 401 3.78 -42.40 -19.80
C MET D 401 4.94 -42.50 -18.81
N GLU D 402 4.75 -42.06 -17.56
CA GLU D 402 5.80 -42.14 -16.51
C GLU D 402 6.08 -43.63 -16.22
N LEU D 403 5.07 -44.49 -16.31
CA LEU D 403 5.29 -45.96 -16.19
C LEU D 403 6.20 -46.43 -17.33
N ALA D 404 6.13 -45.81 -18.50
CA ALA D 404 6.84 -46.25 -19.73
C ALA D 404 8.17 -45.51 -19.92
N HIS D 405 8.63 -44.76 -18.91
CA HIS D 405 9.87 -43.93 -18.97
C HIS D 405 9.74 -42.89 -20.09
N ILE D 406 8.55 -42.33 -20.29
CA ILE D 406 8.33 -41.22 -21.26
C ILE D 406 7.84 -40.01 -20.49
N ALA D 407 8.76 -39.15 -20.07
CA ALA D 407 8.45 -38.01 -19.17
C ALA D 407 7.86 -36.87 -19.98
N ALA D 408 6.56 -36.63 -19.82
CA ALA D 408 5.87 -35.40 -20.26
C ALA D 408 5.07 -34.89 -19.05
N ASN D 409 4.21 -33.91 -19.25
CA ASN D 409 3.57 -33.23 -18.10
C ASN D 409 2.13 -32.88 -18.47
N LYS D 410 1.23 -33.10 -17.51
CA LYS D 410 -0.19 -32.71 -17.60
C LYS D 410 -0.24 -31.24 -18.04
N ASN D 411 -1.27 -30.86 -18.76
CA ASN D 411 -1.42 -29.44 -19.18
C ASN D 411 -2.90 -29.13 -19.41
N THR D 412 -3.28 -27.87 -19.20
CA THR D 412 -4.63 -27.37 -19.51
C THR D 412 -4.62 -26.58 -20.81
N VAL D 413 -5.52 -26.92 -21.72
CA VAL D 413 -5.66 -26.24 -23.03
C VAL D 413 -6.92 -25.39 -22.94
N PRO D 414 -7.10 -24.38 -23.81
CA PRO D 414 -8.41 -23.74 -23.94
C PRO D 414 -9.47 -24.81 -24.27
N GLY D 415 -10.48 -24.95 -23.40
CA GLY D 415 -11.58 -25.92 -23.55
C GLY D 415 -11.78 -26.79 -22.33
N ASP D 416 -10.87 -26.77 -21.35
CA ASP D 416 -10.97 -27.63 -20.14
C ASP D 416 -12.21 -27.29 -19.30
N VAL D 417 -12.41 -28.07 -18.24
CA VAL D 417 -13.58 -27.94 -17.32
C VAL D 417 -13.13 -27.29 -16.00
N SER D 418 -11.90 -27.52 -15.54
CA SER D 418 -11.35 -26.86 -14.31
C SER D 418 -9.82 -26.84 -14.37
N ALA D 419 -9.17 -26.42 -13.28
CA ALA D 419 -7.69 -26.33 -13.18
C ALA D 419 -7.06 -27.73 -13.18
N MET D 420 -7.24 -28.49 -12.10
CA MET D 420 -6.52 -29.78 -11.88
C MET D 420 -7.31 -30.94 -12.50
N VAL D 421 -8.20 -30.71 -13.47
CA VAL D 421 -8.68 -31.75 -14.42
C VAL D 421 -8.13 -31.40 -15.80
N PRO D 422 -6.86 -31.75 -16.10
CA PRO D 422 -6.20 -31.23 -17.30
C PRO D 422 -6.67 -31.95 -18.57
N GLY D 423 -6.77 -31.20 -19.65
CA GLY D 423 -7.28 -31.70 -20.95
C GLY D 423 -6.23 -31.48 -22.02
N GLY D 424 -4.97 -31.75 -21.71
CA GLY D 424 -3.88 -31.57 -22.69
C GLY D 424 -2.59 -32.20 -22.22
N ILE D 425 -1.69 -32.50 -23.16
CA ILE D 425 -0.31 -32.94 -22.85
C ILE D 425 0.66 -32.05 -23.60
N ARG D 426 1.64 -31.50 -22.88
CA ARG D 426 2.71 -30.66 -23.45
C ARG D 426 3.94 -31.52 -23.68
N MET D 427 4.54 -31.44 -24.86
CA MET D 427 5.75 -32.23 -25.19
C MET D 427 6.69 -31.38 -26.04
N GLY D 428 7.98 -31.59 -25.85
CA GLY D 428 9.01 -30.73 -26.43
C GLY D 428 10.19 -31.53 -26.94
N THR D 429 10.86 -30.98 -27.94
CA THR D 429 12.01 -31.65 -28.59
C THR D 429 13.35 -31.34 -27.91
N PRO D 430 13.64 -30.13 -27.37
CA PRO D 430 15.03 -29.76 -27.05
C PRO D 430 15.84 -30.79 -26.26
N ALA D 431 15.24 -31.44 -25.25
CA ALA D 431 15.94 -32.42 -24.40
C ALA D 431 16.49 -33.58 -25.25
N LEU D 432 15.62 -34.34 -25.92
CA LEU D 432 16.05 -35.53 -26.71
C LEU D 432 16.93 -35.09 -27.89
N THR D 433 16.63 -33.95 -28.50
CA THR D 433 17.45 -33.41 -29.61
C THR D 433 18.88 -33.18 -29.12
N SER D 434 19.06 -32.76 -27.87
CA SER D 434 20.41 -32.58 -27.28
C SER D 434 21.24 -33.86 -27.42
N ARG D 435 20.58 -35.02 -27.37
CA ARG D 435 21.25 -36.34 -27.40
C ARG D 435 21.49 -36.80 -28.84
N GLY D 436 20.86 -36.15 -29.82
CA GLY D 436 21.07 -36.49 -31.24
C GLY D 436 19.81 -37.04 -31.91
N PHE D 437 18.64 -36.89 -31.30
CA PHE D 437 17.35 -37.25 -31.96
C PHE D 437 17.23 -36.45 -33.26
N LEU D 438 16.83 -37.11 -34.33
CA LEU D 438 17.00 -36.57 -35.70
C LEU D 438 15.67 -36.12 -36.33
N GLU D 439 14.60 -36.89 -36.30
CA GLU D 439 13.31 -36.53 -36.98
C GLU D 439 12.43 -37.77 -37.10
N GLU D 440 12.93 -38.77 -37.83
CA GLU D 440 12.34 -40.13 -37.85
C GLU D 440 12.35 -40.67 -36.41
N ASP D 441 13.33 -40.29 -35.61
CA ASP D 441 13.41 -40.69 -34.18
C ASP D 441 12.22 -40.10 -33.41
N PHE D 442 11.83 -38.87 -33.70
CA PHE D 442 10.64 -38.25 -33.06
C PHE D 442 9.36 -38.88 -33.63
N VAL D 443 9.40 -39.45 -34.83
CA VAL D 443 8.22 -40.20 -35.35
C VAL D 443 8.06 -41.46 -34.49
N LYS D 444 9.15 -42.14 -34.12
CA LYS D 444 9.07 -43.33 -33.23
C LYS D 444 8.60 -42.88 -31.85
N VAL D 445 9.04 -41.72 -31.38
CA VAL D 445 8.57 -41.15 -30.08
C VAL D 445 7.05 -40.97 -30.15
N ALA D 446 6.55 -40.38 -31.23
CA ALA D 446 5.09 -40.16 -31.44
C ALA D 446 4.37 -41.50 -31.44
N GLU D 447 4.92 -42.52 -32.10
CA GLU D 447 4.29 -43.86 -32.16
C GLU D 447 4.20 -44.45 -30.75
N LEU D 448 5.27 -44.36 -29.95
CA LEU D 448 5.26 -44.94 -28.57
C LEU D 448 4.35 -44.12 -27.67
N PHE D 449 4.23 -42.81 -27.89
CA PHE D 449 3.25 -41.94 -27.17
C PHE D 449 1.83 -42.36 -27.52
N ASP D 450 1.56 -42.60 -28.81
CA ASP D 450 0.25 -43.10 -29.29
C ASP D 450 -0.05 -44.42 -28.57
N ALA D 451 0.92 -45.32 -28.46
CA ALA D 451 0.76 -46.63 -27.77
C ALA D 451 0.40 -46.38 -26.30
N SER D 452 1.08 -45.41 -25.66
CA SER D 452 0.84 -45.05 -24.24
C SER D 452 -0.60 -44.54 -24.09
N VAL D 453 -1.02 -43.65 -24.97
CA VAL D 453 -2.39 -43.03 -24.83
C VAL D 453 -3.42 -44.12 -25.10
N LYS D 454 -3.16 -45.05 -26.01
CA LYS D 454 -4.12 -46.12 -26.38
C LYS D 454 -4.26 -47.07 -25.20
N LEU D 455 -3.14 -47.38 -24.51
CA LEU D 455 -3.18 -48.29 -23.33
C LEU D 455 -3.89 -47.57 -22.19
N ALA D 456 -3.69 -46.25 -22.10
CA ALA D 456 -4.34 -45.41 -21.07
C ALA D 456 -5.86 -45.42 -21.30
N LEU D 457 -6.29 -45.36 -22.56
CA LEU D 457 -7.73 -45.44 -22.91
C LEU D 457 -8.27 -46.81 -22.51
N LYS D 458 -7.49 -47.87 -22.77
CA LYS D 458 -7.85 -49.26 -22.41
C LYS D 458 -8.02 -49.35 -20.89
N ILE D 459 -7.19 -48.67 -20.09
CA ILE D 459 -7.26 -48.75 -18.62
C ILE D 459 -8.48 -47.94 -18.16
N LYS D 460 -8.71 -46.75 -18.75
CA LYS D 460 -9.78 -45.84 -18.26
C LYS D 460 -11.14 -46.50 -18.49
N ALA D 461 -11.37 -47.08 -19.66
CA ALA D 461 -12.68 -47.68 -20.01
C ALA D 461 -12.96 -48.86 -19.07
N ALA D 462 -11.94 -49.64 -18.70
CA ALA D 462 -12.06 -50.85 -17.87
C ALA D 462 -11.99 -50.50 -16.37
N SER D 463 -11.72 -49.25 -16.00
CA SER D 463 -11.76 -48.84 -14.57
C SER D 463 -13.21 -48.91 -14.06
N SER D 464 -13.42 -49.49 -12.87
CA SER D 464 -14.75 -49.64 -12.24
C SER D 464 -15.34 -48.28 -11.87
N GLY D 465 -14.48 -47.29 -11.60
CA GLY D 465 -14.89 -45.94 -11.17
C GLY D 465 -14.58 -44.89 -12.22
N THR D 466 -14.65 -43.61 -11.84
CA THR D 466 -14.60 -42.46 -12.81
C THR D 466 -13.55 -41.44 -12.38
N LYS D 467 -13.13 -41.42 -11.12
CA LYS D 467 -12.10 -40.46 -10.66
C LYS D 467 -10.71 -41.06 -10.89
N LEU D 468 -9.66 -40.24 -10.78
CA LEU D 468 -8.25 -40.63 -11.08
C LEU D 468 -7.83 -41.83 -10.22
N LYS D 469 -8.36 -41.92 -9.01
CA LYS D 469 -7.99 -42.95 -8.00
C LYS D 469 -8.33 -44.35 -8.54
N ASP D 470 -9.53 -44.54 -9.12
CA ASP D 470 -9.96 -45.87 -9.63
C ASP D 470 -9.07 -46.25 -10.82
N PHE D 471 -8.72 -45.27 -11.66
CA PHE D 471 -7.83 -45.47 -12.82
C PHE D 471 -6.48 -46.01 -12.32
N VAL D 472 -5.87 -45.33 -11.34
CA VAL D 472 -4.52 -45.69 -10.84
C VAL D 472 -4.61 -47.06 -10.14
N ALA D 473 -5.70 -47.33 -9.43
CA ALA D 473 -5.90 -48.62 -8.72
C ALA D 473 -5.87 -49.75 -9.75
N THR D 474 -6.72 -49.66 -10.77
CA THR D 474 -6.87 -50.73 -11.78
C THR D 474 -5.62 -50.79 -12.65
N MET D 475 -4.81 -49.72 -12.75
CA MET D 475 -3.67 -49.67 -13.70
C MET D 475 -2.56 -50.63 -13.26
N ASN D 476 -2.35 -50.82 -11.95
CA ASN D 476 -1.18 -51.61 -11.46
C ASN D 476 -1.62 -52.78 -10.58
N GLY D 477 -2.87 -53.22 -10.69
CA GLY D 477 -3.35 -54.50 -10.14
C GLY D 477 -3.93 -55.32 -11.28
N ASP D 478 -3.11 -55.63 -12.28
CA ASP D 478 -3.63 -56.01 -13.64
C ASP D 478 -3.03 -57.32 -14.15
N GLU D 479 -1.70 -57.39 -14.27
CA GLU D 479 -0.96 -58.55 -14.82
C GLU D 479 -1.13 -58.64 -16.35
N LYS D 480 -2.11 -57.93 -16.95
CA LYS D 480 -2.22 -57.82 -18.44
C LYS D 480 -1.68 -56.46 -18.90
N PHE D 481 -2.29 -55.35 -18.45
CA PHE D 481 -1.80 -53.98 -18.74
C PHE D 481 -0.39 -53.77 -18.16
N GLN D 482 -0.05 -54.43 -17.06
CA GLN D 482 1.31 -54.35 -16.47
C GLN D 482 2.30 -55.02 -17.43
N SER D 483 1.90 -56.11 -18.08
CA SER D 483 2.72 -56.80 -19.10
C SER D 483 2.99 -55.85 -20.27
N GLU D 484 1.93 -55.20 -20.78
CA GLU D 484 2.01 -54.28 -21.94
C GLU D 484 2.88 -53.06 -21.56
N ILE D 485 2.77 -52.59 -20.33
CA ILE D 485 3.54 -51.42 -19.83
C ILE D 485 5.02 -51.81 -19.80
N LYS D 486 5.37 -52.98 -19.29
CA LYS D 486 6.80 -53.37 -19.18
C LYS D 486 7.39 -53.51 -20.60
N LYS D 487 6.62 -54.02 -21.57
CA LYS D 487 7.16 -54.23 -22.94
C LYS D 487 7.25 -52.88 -23.65
N ILE D 488 6.33 -51.96 -23.37
CA ILE D 488 6.46 -50.61 -23.99
C ILE D 488 7.73 -49.99 -23.40
N ARG D 489 7.85 -49.97 -22.07
CA ARG D 489 9.04 -49.41 -21.39
C ARG D 489 10.31 -50.03 -21.99
N GLY D 490 10.31 -51.35 -22.24
CA GLY D 490 11.44 -52.06 -22.87
C GLY D 490 11.78 -51.46 -24.24
N GLU D 491 10.77 -51.25 -25.07
CA GLU D 491 10.93 -50.62 -26.42
C GLU D 491 11.51 -49.21 -26.24
N VAL D 492 10.96 -48.44 -25.31
CA VAL D 492 11.42 -47.05 -25.03
C VAL D 492 12.92 -47.09 -24.67
N GLU D 493 13.30 -47.96 -23.72
CA GLU D 493 14.70 -48.05 -23.23
C GLU D 493 15.62 -48.50 -24.38
N GLU D 494 15.17 -49.44 -25.22
CA GLU D 494 15.97 -49.91 -26.38
C GLU D 494 16.26 -48.73 -27.31
N TYR D 495 15.25 -47.90 -27.61
CA TYR D 495 15.43 -46.76 -28.54
C TYR D 495 16.32 -45.71 -27.88
N ALA D 496 16.10 -45.46 -26.59
CA ALA D 496 16.78 -44.35 -25.88
C ALA D 496 18.26 -44.68 -25.74
N LYS D 497 18.60 -45.87 -25.21
CA LYS D 497 19.99 -46.19 -24.75
C LYS D 497 20.99 -46.07 -25.90
N GLN D 498 20.51 -46.08 -27.15
CA GLN D 498 21.38 -46.03 -28.37
C GLN D 498 22.13 -44.70 -28.42
N PHE D 499 21.54 -43.61 -27.91
CA PHE D 499 22.12 -42.24 -28.10
C PHE D 499 23.15 -41.95 -27.01
N PRO D 500 24.11 -41.04 -27.27
CA PRO D 500 25.13 -40.71 -26.27
C PRO D 500 24.53 -40.04 -25.03
N THR D 501 25.12 -40.31 -23.87
CA THR D 501 24.79 -39.65 -22.59
C THR D 501 25.42 -38.25 -22.58
N ILE D 502 24.64 -37.24 -22.20
CA ILE D 502 25.12 -35.83 -22.24
C ILE D 502 25.53 -35.40 -20.84
N GLY D 503 26.79 -35.00 -20.71
CA GLY D 503 27.38 -34.44 -19.48
C GLY D 503 28.15 -35.46 -18.67
N PHE D 504 28.10 -36.74 -19.04
CA PHE D 504 28.87 -37.82 -18.36
C PHE D 504 29.13 -38.97 -19.32
N GLU D 505 29.95 -39.92 -18.90
CA GLU D 505 30.38 -41.07 -19.74
C GLU D 505 29.51 -42.28 -19.40
N LYS D 506 29.01 -42.95 -20.44
CA LYS D 506 28.25 -44.21 -20.34
C LYS D 506 29.05 -45.24 -19.55
N GLU D 507 30.38 -45.22 -19.63
CA GLU D 507 31.28 -46.28 -19.09
C GLU D 507 31.13 -46.37 -17.57
N THR D 508 31.40 -45.28 -16.85
CA THR D 508 31.50 -45.32 -15.36
C THR D 508 30.10 -45.09 -14.77
N MET D 509 29.03 -45.41 -15.50
CA MET D 509 27.65 -45.41 -14.95
C MET D 509 27.53 -46.60 -13.99
N LYS D 510 27.35 -46.35 -12.71
CA LYS D 510 27.23 -47.42 -11.70
C LYS D 510 25.98 -48.27 -11.96
N TYR D 511 25.08 -47.86 -12.84
CA TYR D 511 23.85 -48.61 -13.22
C TYR D 511 23.86 -48.79 -14.73
N LYS D 512 24.31 -49.96 -15.21
CA LYS D 512 24.37 -50.29 -16.65
C LYS D 512 22.96 -50.69 -17.12
N ASN D 513 22.52 -51.92 -16.87
CA ASN D 513 21.16 -52.39 -17.25
C ASN D 513 20.47 -52.98 -16.01
N1 PLP E . -7.99 17.61 16.15
C2 PLP E . -8.12 18.00 17.41
C2A PLP E . -6.90 18.28 18.23
C3 PLP E . -9.39 18.13 17.96
O3 PLP E . -9.46 18.53 19.26
C4 PLP E . -10.53 17.86 17.18
C4A PLP E . -11.88 17.96 17.73
O4A PLP E . -12.42 18.99 18.04
C5 PLP E . -10.37 17.47 15.85
C6 PLP E . -9.07 17.33 15.41
C5A PLP E . -11.53 17.09 14.95
O4P PLP E . -12.77 17.86 15.05
P PLP E . -14.18 17.39 14.37
O1P PLP E . -14.90 18.67 13.95
O2P PLP E . -14.93 16.66 15.47
O3P PLP E . -13.85 16.49 13.18
N1 PLP F . -22.12 12.21 -5.91
C2 PLP F . -22.85 12.71 -6.90
C2A PLP F . -23.54 11.78 -7.84
C3 PLP F . -22.97 14.10 -7.05
O3 PLP F . -23.72 14.59 -8.05
C4 PLP F . -22.30 14.95 -6.15
C4A PLP F . -22.46 16.39 -6.34
O4A PLP F . -23.52 16.93 -6.46
C5 PLP F . -21.55 14.40 -5.11
C6 PLP F . -21.47 13.04 -5.05
C5A PLP F . -20.73 15.25 -4.16
O4P PLP F . -21.50 15.96 -3.15
P PLP F . -20.85 17.23 -2.40
O1P PLP F . -20.56 18.25 -3.50
O2P PLP F . -21.94 17.66 -1.41
O3P PLP F . -19.56 16.78 -1.73
N1 PLP G . 20.70 -13.21 6.89
C2 PLP G . 21.90 -12.96 7.43
C2A PLP G . 22.02 -12.76 8.91
C3 PLP G . 23.02 -12.89 6.59
O3 PLP G . 24.22 -12.63 7.17
C4 PLP G . 22.87 -13.06 5.20
C4A PLP G . 24.03 -12.99 4.33
O4A PLP G . 24.75 -13.91 4.08
C5 PLP G . 21.61 -13.34 4.66
C6 PLP G . 20.57 -13.38 5.55
C5A PLP G . 21.38 -13.50 3.17
O4P PLP G . 22.40 -14.18 2.33
P PLP G . 22.50 -14.28 0.66
O1P PLP G . 21.15 -13.94 0.05
O2P PLP G . 22.87 -15.70 0.32
O3P PLP G . 23.59 -13.31 0.21
#